data_1JKQ
# 
_entry.id   1JKQ 
# 
_audit_conform.dict_name       mmcif_pdbx.dic 
_audit_conform.dict_version    5.376 
_audit_conform.dict_location   http://mmcif.pdb.org/dictionaries/ascii/mmcif_pdbx.dic 
# 
loop_
_database_2.database_id 
_database_2.database_code 
_database_2.pdbx_database_accession 
_database_2.pdbx_DOI 
PDB   1JKQ         pdb_00001jkq 10.2210/pdb1jkq/pdb 
NDB   PD0236       ?            ?                   
RCSB  RCSB013884   ?            ?                   
WWPDB D_1000013884 ?            ?                   
# 
loop_
_pdbx_database_related.db_name 
_pdbx_database_related.db_id 
_pdbx_database_related.details 
_pdbx_database_related.content_type 
PDB 1HCR 
;Native wild-type Hin recombinase DNA-binding domain bound to underivatized 
hixL half-site.
;
unspecified 
PDB 1IJW 'FORM1 BR18 DERIVATIVE'                                                                       unspecified 
PDB 1JJ6 'FORM1 I5 DERIVATIVE'                                                                         unspecified 
PDB 1JJ8 'FORM2 I4 DERIVATIVE'                                                                         unspecified 
PDB 1JKO 'FORM1 A10G MUTANT'                                                                           unspecified 
PDB 1JKP 'FORM1 T11G MUTANT'                                                                           unspecified 
PDB 1JKR 'FORM1 T11C MUTANT'                                                                           unspecified 
# 
_pdbx_database_status.status_code                     REL 
_pdbx_database_status.entry_id                        1JKQ 
_pdbx_database_status.recvd_initial_deposition_date   2001-07-13 
_pdbx_database_status.deposit_site                    RCSB 
_pdbx_database_status.process_site                    RCSB 
_pdbx_database_status.status_code_sf                  REL 
_pdbx_database_status.SG_entry                        . 
_pdbx_database_status.pdb_format_compatible           Y 
_pdbx_database_status.status_code_mr                  ? 
_pdbx_database_status.status_code_cs                  ? 
_pdbx_database_status.status_code_nmr_data            ? 
_pdbx_database_status.methods_development_category    ? 
# 
loop_
_audit_author.name 
_audit_author.pdbx_ordinal 
'Chiu, T.K.'      1 
'Sohn, C.'        2 
'Johnson, R.C.'   3 
'Dickerson, R.E.' 4 
# 
loop_
_citation.id 
_citation.title 
_citation.journal_abbrev 
_citation.journal_volume 
_citation.page_first 
_citation.page_last 
_citation.year 
_citation.journal_id_ASTM 
_citation.country 
_citation.journal_id_ISSN 
_citation.journal_id_CSD 
_citation.book_publisher 
_citation.pdbx_database_id_PubMed 
_citation.pdbx_database_id_DOI 
primary 'Testing water-mediated DNA recognition by the Hin recombinase.' 'EMBO J.' 21  801 814 2002 EMJODG UK 0261-4189 0897 ? 
11847127 10.1093/emboj/21.4.801 
1       
'How Hin Recombinase, FIS and Cations Bind DNA. Chapter 4. Water-Mediated Sequence-Specific Recognition by Hin Recombinase' Thesis 
?   145 241 2001 ?      ?  ?         ?    ? ?        ?                      
2       'Hin Recombinase Bound to DNA: The Origin of Specificity in Major and Minor Groove Interactions' Science   263 348 355 
1994 SCIEAS US 0036-8075 0038 ? ?        ?                      
# 
loop_
_citation_author.citation_id 
_citation_author.name 
_citation_author.ordinal 
_citation_author.identifier_ORCID 
primary 'Chiu, T.K.'      1 ? 
primary 'Sohn, C.'        2 ? 
primary 'Dickerson, R.E.' 3 ? 
primary 'Johnson, R.C.'   4 ? 
1       'Chiu, T.K.'      5 ? 
2       'Feng, J.A.'      6 ? 
2       'Johnson, R.C.'   7 ? 
2       'Dickerson, R.E.' 8 ? 
# 
_cell.entry_id           1JKQ 
_cell.length_a           85.158 
_cell.length_b           82.656 
_cell.length_c           45.124 
_cell.angle_alpha        90.00 
_cell.angle_beta         90.00 
_cell.angle_gamma        90.00 
_cell.Z_PDB              8 
_cell.pdbx_unique_axis   ? 
# 
_symmetry.entry_id                         1JKQ 
_symmetry.space_group_name_H-M             'C 2 2 21' 
_symmetry.pdbx_full_space_group_name_H-M   ? 
_symmetry.cell_setting                     ? 
_symmetry.Int_Tables_number                20 
# 
loop_
_entity.id 
_entity.type 
_entity.src_method 
_entity.pdbx_description 
_entity.formula_weight 
_entity.pdbx_number_of_molecules 
_entity.pdbx_ec 
_entity.pdbx_mutation 
_entity.pdbx_fragment 
_entity.details 
1 polymer syn "5'-D(*TP*GP*TP*TP*TP*TP*TP*TP*AP*TP*AP*AP*GP*A)-3'" 4299.824 1 ? ? ?                     ? 
2 polymer syn "5'-D(*AP*TP*CP*TP*TP*AP*TP*AP*AP*AP*AP*AP*AP*C)-3'" 4255.831 1 ? ? ?                     ? 
3 polymer syn 'DNA-INVERTASE HIN'                                  6047.051 1 ? ? 'RESIDUES 139 TO 190' ? 
# 
_entity_name_com.entity_id   3 
_entity_name_com.name        'Hin Recombinase' 
# 
loop_
_entity_poly.entity_id 
_entity_poly.type 
_entity_poly.nstd_linkage 
_entity_poly.nstd_monomer 
_entity_poly.pdbx_seq_one_letter_code 
_entity_poly.pdbx_seq_one_letter_code_can 
_entity_poly.pdbx_strand_id 
_entity_poly.pdbx_target_identifier 
1 polydeoxyribonucleotide no no '(DT)(DG)(DT)(DT)(DT)(DT)(DT)(DT)(DA)(DT)(DA)(DA)(DG)(DA)' TGTTTTTTATAAGA A ? 
2 polydeoxyribonucleotide no no '(DA)(DT)(DC)(DT)(DT)(DA)(DT)(DA)(DA)(DA)(DA)(DA)(DA)(DC)' ATCTTATAAAAAAC B ? 
3 'polypeptide(L)'        no no GRPRAINKHEQEQISRLLEKGHPRQQLAIIFGIGVSTLYRYFPASSIKKRMN       
GRPRAINKHEQEQISRLLEKGHPRQQLAIIFGIGVSTLYRYFPASSIKKRMN C ? 
# 
loop_
_entity_poly_seq.entity_id 
_entity_poly_seq.num 
_entity_poly_seq.mon_id 
_entity_poly_seq.hetero 
1 1  DT  n 
1 2  DG  n 
1 3  DT  n 
1 4  DT  n 
1 5  DT  n 
1 6  DT  n 
1 7  DT  n 
1 8  DT  n 
1 9  DA  n 
1 10 DT  n 
1 11 DA  n 
1 12 DA  n 
1 13 DG  n 
1 14 DA  n 
2 1  DA  n 
2 2  DT  n 
2 3  DC  n 
2 4  DT  n 
2 5  DT  n 
2 6  DA  n 
2 7  DT  n 
2 8  DA  n 
2 9  DA  n 
2 10 DA  n 
2 11 DA  n 
2 12 DA  n 
2 13 DA  n 
2 14 DC  n 
3 1  GLY n 
3 2  ARG n 
3 3  PRO n 
3 4  ARG n 
3 5  ALA n 
3 6  ILE n 
3 7  ASN n 
3 8  LYS n 
3 9  HIS n 
3 10 GLU n 
3 11 GLN n 
3 12 GLU n 
3 13 GLN n 
3 14 ILE n 
3 15 SER n 
3 16 ARG n 
3 17 LEU n 
3 18 LEU n 
3 19 GLU n 
3 20 LYS n 
3 21 GLY n 
3 22 HIS n 
3 23 PRO n 
3 24 ARG n 
3 25 GLN n 
3 26 GLN n 
3 27 LEU n 
3 28 ALA n 
3 29 ILE n 
3 30 ILE n 
3 31 PHE n 
3 32 GLY n 
3 33 ILE n 
3 34 GLY n 
3 35 VAL n 
3 36 SER n 
3 37 THR n 
3 38 LEU n 
3 39 TYR n 
3 40 ARG n 
3 41 TYR n 
3 42 PHE n 
3 43 PRO n 
3 44 ALA n 
3 45 SER n 
3 46 SER n 
3 47 ILE n 
3 48 LYS n 
3 49 LYS n 
3 50 ARG n 
3 51 MET n 
3 52 ASN n 
# 
_pdbx_entity_src_syn.entity_id              3 
_pdbx_entity_src_syn.pdbx_src_id            1 
_pdbx_entity_src_syn.pdbx_alt_source_flag   sample 
_pdbx_entity_src_syn.pdbx_beg_seq_num       ? 
_pdbx_entity_src_syn.pdbx_end_seq_num       ? 
_pdbx_entity_src_syn.organism_scientific    ? 
_pdbx_entity_src_syn.organism_common_name   ? 
_pdbx_entity_src_syn.ncbi_taxonomy_id       ? 
_pdbx_entity_src_syn.details                'SYNTHETIC PEPTIDE' 
# 
loop_
_struct_ref.id 
_struct_ref.db_name 
_struct_ref.db_code 
_struct_ref.entity_id 
_struct_ref.pdbx_seq_one_letter_code 
_struct_ref.pdbx_align_begin 
_struct_ref.pdbx_db_accession 
_struct_ref.pdbx_db_isoform 
1 UNP HIN_SALTY 3 GRPRAINKHEQEQISRLLEKGHPRQQLAIIFGIGVSTLYRYFPASSIKKRMN 139 P03013 ? 
2 PDB 1JKQ      1 ?                                                    ?   1JKQ   ? 
3 PDB 1JKQ      2 ?                                                    ?   1JKQ   ? 
# 
loop_
_struct_ref_seq.align_id 
_struct_ref_seq.ref_id 
_struct_ref_seq.pdbx_PDB_id_code 
_struct_ref_seq.pdbx_strand_id 
_struct_ref_seq.seq_align_beg 
_struct_ref_seq.pdbx_seq_align_beg_ins_code 
_struct_ref_seq.seq_align_end 
_struct_ref_seq.pdbx_seq_align_end_ins_code 
_struct_ref_seq.pdbx_db_accession 
_struct_ref_seq.db_align_beg 
_struct_ref_seq.pdbx_db_align_beg_ins_code 
_struct_ref_seq.db_align_end 
_struct_ref_seq.pdbx_db_align_end_ins_code 
_struct_ref_seq.pdbx_auth_seq_align_beg 
_struct_ref_seq.pdbx_auth_seq_align_end 
1 1 1JKQ C 1 ? 52 ? P03013 139 ? 190 ? 139 190 
2 2 1JKQ A 1 ? 14 ? 1JKQ   2   ? 15  ? 2   15  
3 3 1JKQ B 1 ? 14 ? 1JKQ   16  ? 29  ? 16  29  
# 
loop_
_chem_comp.id 
_chem_comp.type 
_chem_comp.mon_nstd_flag 
_chem_comp.name 
_chem_comp.pdbx_synonyms 
_chem_comp.formula 
_chem_comp.formula_weight 
ALA 'L-peptide linking' y ALANINE                              ? 'C3 H7 N O2'      89.093  
ARG 'L-peptide linking' y ARGININE                             ? 'C6 H15 N4 O2 1'  175.209 
ASN 'L-peptide linking' y ASPARAGINE                           ? 'C4 H8 N2 O3'     132.118 
DA  'DNA linking'       y "2'-DEOXYADENOSINE-5'-MONOPHOSPHATE" ? 'C10 H14 N5 O6 P' 331.222 
DC  'DNA linking'       y "2'-DEOXYCYTIDINE-5'-MONOPHOSPHATE"  ? 'C9 H14 N3 O7 P'  307.197 
DG  'DNA linking'       y "2'-DEOXYGUANOSINE-5'-MONOPHOSPHATE" ? 'C10 H14 N5 O7 P' 347.221 
DT  'DNA linking'       y "THYMIDINE-5'-MONOPHOSPHATE"         ? 'C10 H15 N2 O8 P' 322.208 
GLN 'L-peptide linking' y GLUTAMINE                            ? 'C5 H10 N2 O3'    146.144 
GLU 'L-peptide linking' y 'GLUTAMIC ACID'                      ? 'C5 H9 N O4'      147.129 
GLY 'peptide linking'   y GLYCINE                              ? 'C2 H5 N O2'      75.067  
HIS 'L-peptide linking' y HISTIDINE                            ? 'C6 H10 N3 O2 1'  156.162 
ILE 'L-peptide linking' y ISOLEUCINE                           ? 'C6 H13 N O2'     131.173 
LEU 'L-peptide linking' y LEUCINE                              ? 'C6 H13 N O2'     131.173 
LYS 'L-peptide linking' y LYSINE                               ? 'C6 H15 N2 O2 1'  147.195 
MET 'L-peptide linking' y METHIONINE                           ? 'C5 H11 N O2 S'   149.211 
PHE 'L-peptide linking' y PHENYLALANINE                        ? 'C9 H11 N O2'     165.189 
PRO 'L-peptide linking' y PROLINE                              ? 'C5 H9 N O2'      115.130 
SER 'L-peptide linking' y SERINE                               ? 'C3 H7 N O3'      105.093 
THR 'L-peptide linking' y THREONINE                            ? 'C4 H9 N O3'      119.119 
TYR 'L-peptide linking' y TYROSINE                             ? 'C9 H11 N O3'     181.189 
VAL 'L-peptide linking' y VALINE                               ? 'C5 H11 N O2'     117.146 
# 
_exptl.entry_id          1JKQ 
_exptl.method            'X-RAY DIFFRACTION' 
_exptl.crystals_number   1 
# 
_exptl_crystal.id                    1 
_exptl_crystal.density_meas          ? 
_exptl_crystal.density_Matthews      2.74 
_exptl_crystal.density_percent_sol   53.36 
_exptl_crystal.description           ? 
# 
_exptl_crystal_grow.crystal_id      1 
_exptl_crystal_grow.method          'VAPOR DIFFUSION, HANGING DROP' 
_exptl_crystal_grow.temp            ? 
_exptl_crystal_grow.temp_details    ? 
_exptl_crystal_grow.pH              8.50 
_exptl_crystal_grow.pdbx_details    
;HANGING DROP VAPOR DIFFUSION AT 4C, 
WITH INITIAL CONCENTRATION IN DROP OF 0.10 MM DNA,           
0.06 MM HIN, 20 MM HEPES (PH 7.5), 20 MM CACL2, 
33 MM NACL, 5.0% V/V PEG400, AND 1.56 MM NA CACODYLATE.                  
RESERVOIR SOLUTION CONTAINS 100 MM HEPES (PH 7.5), 100 MM            
CACL2, 100 MM NACL, AND 25% PEG400. CONCENTRATION OF                
PEG400 IN RESERVOIR SOLUTION WAS INCREASED IN 5%                    
INCREMENTS TO 35%., pH 8.50, VAPOR DIFFUSION, HANGING DROP
;
_exptl_crystal_grow.pdbx_pH_range   ? 
# 
loop_
_exptl_crystal_grow_comp.crystal_id 
_exptl_crystal_grow_comp.id 
_exptl_crystal_grow_comp.sol_id 
_exptl_crystal_grow_comp.name 
_exptl_crystal_grow_comp.conc 
_exptl_crystal_grow_comp.volume 
_exptl_crystal_grow_comp.details 
1 1  1 DNA                 ? ? ? 
1 2  1 HIN                 ? ? ? 
1 3  1 HEPES               ? ? ? 
1 4  1 CaCl2               ? ? ? 
1 5  1 NaCl                ? ? ? 
1 6  1 'PEG 400'           ? ? ? 
1 7  1 'sodium cacodylate' ? ? ? 
1 8  2 HEPES               ? ? ? 
1 9  2 CaCl2               ? ? ? 
1 10 2 NaCl                ? ? ? 
1 11 2 'PEG 400'           ? ? ? 
# 
_diffrn.id                     1 
_diffrn.ambient_temp           100.0 
_diffrn.ambient_temp_details   ? 
_diffrn.crystal_id             1 
# 
_diffrn_detector.diffrn_id              1 
_diffrn_detector.detector               'IMAGE PLATE' 
_diffrn_detector.type                   'MAR scanner 300 mm plate' 
_diffrn_detector.pdbx_collection_date   1997-09-01 
_diffrn_detector.details                ? 
# 
_diffrn_radiation.diffrn_id                        1 
_diffrn_radiation.wavelength_id                    1 
_diffrn_radiation.pdbx_monochromatic_or_laue_m_l   M 
_diffrn_radiation.monochromator                    ? 
_diffrn_radiation.pdbx_diffrn_protocol             
'MOLECULAR REPLACEMENT WITH 1IJW HAVING THE PROPER DNA SUBSTITUTIONS AS THE STARTING MODEL.' 
_diffrn_radiation.pdbx_scattering_type             x-ray 
# 
_diffrn_radiation_wavelength.id           1 
_diffrn_radiation_wavelength.wavelength   1.100 
_diffrn_radiation_wavelength.wt           1.0 
# 
_diffrn_source.diffrn_id                   1 
_diffrn_source.source                      SYNCHROTRON 
_diffrn_source.type                        'NSLS BEAMLINE X25' 
_diffrn_source.pdbx_synchrotron_site       NSLS 
_diffrn_source.pdbx_synchrotron_beamline   X25 
_diffrn_source.pdbx_wavelength             1.100 
_diffrn_source.pdbx_wavelength_list        ? 
# 
_reflns.entry_id                     1JKQ 
_reflns.observed_criterion_sigma_I   0.000 
_reflns.observed_criterion_sigma_F   ? 
_reflns.d_resolution_low             41.3 
_reflns.d_resolution_high            2.86 
_reflns.number_obs                   3502 
_reflns.number_all                   ? 
_reflns.percent_possible_obs         89.63 
_reflns.pdbx_Rmerge_I_obs            ? 
_reflns.pdbx_Rsym_value              0.1880000 
_reflns.pdbx_netI_over_sigmaI        15.26 
_reflns.B_iso_Wilson_estimate        44.00 
_reflns.pdbx_redundancy              12.0 
_reflns.R_free_details               ? 
_reflns.pdbx_diffrn_id               1 
_reflns.pdbx_ordinal                 1 
# 
_reflns_shell.d_res_high             2.86 
_reflns_shell.d_res_low              2.99 
_reflns_shell.percent_possible_all   80.76 
_reflns_shell.Rmerge_I_obs           ? 
_reflns_shell.pdbx_Rsym_value        0.1880000 
_reflns_shell.meanI_over_sigI_obs    3.00 
_reflns_shell.pdbx_redundancy        2.04 
_reflns_shell.percent_possible_obs   ? 
_reflns_shell.number_unique_all      ? 
_reflns_shell.pdbx_diffrn_id         ? 
_reflns_shell.pdbx_ordinal           1 
# 
_refine.entry_id                                 1JKQ 
_refine.ls_number_reflns_obs                     3502 
_refine.ls_number_reflns_all                     ? 
_refine.pdbx_ls_sigma_I                          ? 
_refine.pdbx_ls_sigma_F                          0.000 
_refine.pdbx_data_cutoff_high_absF               ? 
_refine.pdbx_data_cutoff_low_absF                ? 
_refine.ls_d_res_low                             41.30 
_refine.ls_d_res_high                            2.86 
_refine.ls_percent_reflns_obs                    89.63 
_refine.ls_R_factor_obs                          0.2556000 
_refine.ls_R_factor_all                          ? 
_refine.ls_R_factor_R_work                       0.2556000 
_refine.ls_R_factor_R_free                       0.3281000 
_refine.ls_R_factor_R_free_error                 ? 
_refine.ls_R_factor_R_free_error_details         ? 
_refine.ls_percent_reflns_R_free                 9.27 
_refine.ls_number_reflns_R_free                  362 
_refine.ls_number_parameters                     ? 
_refine.ls_number_restraints                     ? 
_refine.occupancy_min                            ? 
_refine.occupancy_max                            ? 
_refine.B_iso_mean                               53.10 
_refine.aniso_B[1][1]                            17.368 
_refine.aniso_B[2][2]                            3.275 
_refine.aniso_B[3][3]                            -20.643 
_refine.aniso_B[1][2]                            0.00000 
_refine.aniso_B[1][3]                            0.00000 
_refine.aniso_B[2][3]                            0.00000 
_refine.solvent_model_details                    ? 
_refine.solvent_model_param_ksol                 0.35 
_refine.solvent_model_param_bsol                 100.00 
_refine.pdbx_ls_cross_valid_method               ? 
_refine.details                                  ? 
_refine.pdbx_starting_model                      1IJW 
_refine.pdbx_method_to_determine_struct          'MOLECULAR REPLACEMENT' 
_refine.pdbx_isotropic_thermal_model             ANISOTROPIC_FIXED_ISOTROPIC 
_refine.pdbx_stereochemistry_target_values       MLF 
_refine.pdbx_stereochem_target_val_spec_case     ? 
_refine.pdbx_R_Free_selection_details            RANDOM 
_refine.pdbx_overall_ESU_R_Free                  ? 
_refine.overall_SU_B                             ? 
_refine.ls_redundancy_reflns_obs                 ? 
_refine.correlation_coeff_Fo_to_Fc               ? 
_refine.overall_SU_R_Cruickshank_DPI             ? 
_refine.overall_SU_R_free                        ? 
_refine.overall_SU_ML                            ? 
_refine.pdbx_overall_ESU_R                       ? 
_refine.pdbx_data_cutoff_high_rms_absF           ? 
_refine.correlation_coeff_Fo_to_Fc_free          ? 
_refine.pdbx_solvent_vdw_probe_radii             ? 
_refine.pdbx_solvent_ion_probe_radii             ? 
_refine.pdbx_solvent_shrinkage_radii             ? 
_refine.pdbx_refine_id                           'X-RAY DIFFRACTION' 
_refine.pdbx_diffrn_id                           1 
_refine.pdbx_TLS_residual_ADP_flag               ? 
_refine.pdbx_overall_phase_error                 ? 
_refine.pdbx_overall_SU_R_free_Cruickshank_DPI   ? 
_refine.pdbx_overall_SU_R_Blow_DPI               ? 
_refine.pdbx_overall_SU_R_free_Blow_DPI          ? 
# 
_refine_analyze.entry_id                        1JKQ 
_refine_analyze.Luzzati_coordinate_error_obs    0.43 
_refine_analyze.Luzzati_sigma_a_obs             0.46 
_refine_analyze.Luzzati_d_res_low_obs           5.00 
_refine_analyze.Luzzati_coordinate_error_free   0.46 
_refine_analyze.Luzzati_sigma_a_free            0.38 
_refine_analyze.Luzzati_d_res_low_free          ? 
_refine_analyze.number_disordered_residues      ? 
_refine_analyze.occupancy_sum_hydrogen          ? 
_refine_analyze.occupancy_sum_non_hydrogen      ? 
_refine_analyze.pdbx_refine_id                  'X-RAY DIFFRACTION' 
# 
_refine_hist.pdbx_refine_id                   'X-RAY DIFFRACTION' 
_refine_hist.cycle_id                         LAST 
_refine_hist.pdbx_number_atoms_protein        354 
_refine_hist.pdbx_number_atoms_nucleic_acid   576 
_refine_hist.pdbx_number_atoms_ligand         0 
_refine_hist.number_atoms_solvent             0 
_refine_hist.number_atoms_total               930 
_refine_hist.d_res_high                       2.86 
_refine_hist.d_res_low                        41.30 
# 
loop_
_refine_ls_restr.type 
_refine_ls_restr.dev_ideal 
_refine_ls_restr.dev_ideal_target 
_refine_ls_restr.weight 
_refine_ls_restr.number 
_refine_ls_restr.pdbx_refine_id 
_refine_ls_restr.pdbx_restraint_function 
c_bond_d                0.009  ?     ? ? 'X-RAY DIFFRACTION' ? 
c_bond_d_na             ?      ?     ? ? 'X-RAY DIFFRACTION' ? 
c_bond_d_prot           ?      ?     ? ? 'X-RAY DIFFRACTION' ? 
c_angle_d               ?      ?     ? ? 'X-RAY DIFFRACTION' ? 
c_angle_d_na            ?      ?     ? ? 'X-RAY DIFFRACTION' ? 
c_angle_d_prot          ?      ?     ? ? 'X-RAY DIFFRACTION' ? 
c_angle_deg             1.592  ?     ? ? 'X-RAY DIFFRACTION' ? 
c_angle_deg_na          ?      ?     ? ? 'X-RAY DIFFRACTION' ? 
c_angle_deg_prot        ?      ?     ? ? 'X-RAY DIFFRACTION' ? 
c_dihedral_angle_d      20.222 ?     ? ? 'X-RAY DIFFRACTION' ? 
c_dihedral_angle_d_na   ?      ?     ? ? 'X-RAY DIFFRACTION' ? 
c_dihedral_angle_d_prot ?      ?     ? ? 'X-RAY DIFFRACTION' ? 
c_improper_angle_d      1.842  ?     ? ? 'X-RAY DIFFRACTION' ? 
c_improper_angle_d_na   ?      ?     ? ? 'X-RAY DIFFRACTION' ? 
c_improper_angle_d_prot ?      ?     ? ? 'X-RAY DIFFRACTION' ? 
c_mcbond_it             5.16   4.000 ? ? 'X-RAY DIFFRACTION' ? 
c_mcangle_it            7.51   6.000 ? ? 'X-RAY DIFFRACTION' ? 
c_scbond_it             7.43   6.000 ? ? 'X-RAY DIFFRACTION' ? 
c_scangle_it            10.31  7.000 ? ? 'X-RAY DIFFRACTION' ? 
# 
_refine_ls_shell.pdbx_total_number_of_bins_used   8 
_refine_ls_shell.d_res_high                       2.86 
_refine_ls_shell.d_res_low                        2.99 
_refine_ls_shell.number_reflns_R_work             343 
_refine_ls_shell.R_factor_R_work                  0.3904000 
_refine_ls_shell.percent_reflns_obs               80.76 
_refine_ls_shell.R_factor_R_free                  0.3948000 
_refine_ls_shell.R_factor_R_free_error            ? 
_refine_ls_shell.percent_reflns_R_free            9.00 
_refine_ls_shell.number_reflns_R_free             43 
_refine_ls_shell.redundancy_reflns_obs            ? 
_refine_ls_shell.pdbx_refine_id                   'X-RAY DIFFRACTION' 
_refine_ls_shell.number_reflns_all                ? 
_refine_ls_shell.R_factor_all                     ? 
# 
loop_
_pdbx_xplor_file.serial_no 
_pdbx_xplor_file.param_file 
_pdbx_xplor_file.topol_file 
_pdbx_xplor_file.pdbx_refine_id 
1 PROTEIN_REP.PARAM PROTEIN.TOP 'X-RAY DIFFRACTION' 
2 DNA-RNA_REP.PARAM DNA-RNA.TOP 'X-RAY DIFFRACTION' 
# 
_struct.entry_id                  1JKQ 
_struct.title                     'Testing the Water-Mediated HIN Recombinase DNA Recognition by Systematic Mutations' 
_struct.pdbx_model_details        ? 
_struct.pdbx_CASP_flag            ? 
_struct.pdbx_model_type_details   ? 
# 
_struct_keywords.entry_id        1JKQ 
_struct_keywords.pdbx_keywords   'DNA BINDING PROTEIN/DNA' 
_struct_keywords.text            
'WATER-MEDIATED RECOGNITION, PROTEIN-DNA COMPLEX, HIN RECOMBINASE, G9T MUTANT, DNA BINDING PROTEIN-DNA COMPLEX' 
# 
loop_
_struct_asym.id 
_struct_asym.pdbx_blank_PDB_chainid_flag 
_struct_asym.pdbx_modified 
_struct_asym.entity_id 
_struct_asym.details 
A N N 1 ? 
B N N 2 ? 
C N N 3 ? 
# 
_struct_biol.id                    1 
_struct_biol.pdbx_parent_biol_id   ? 
_struct_biol.details               ? 
# 
loop_
_struct_conf.conf_type_id 
_struct_conf.id 
_struct_conf.pdbx_PDB_helix_id 
_struct_conf.beg_label_comp_id 
_struct_conf.beg_label_asym_id 
_struct_conf.beg_label_seq_id 
_struct_conf.pdbx_beg_PDB_ins_code 
_struct_conf.end_label_comp_id 
_struct_conf.end_label_asym_id 
_struct_conf.end_label_seq_id 
_struct_conf.pdbx_end_PDB_ins_code 
_struct_conf.beg_auth_comp_id 
_struct_conf.beg_auth_asym_id 
_struct_conf.beg_auth_seq_id 
_struct_conf.end_auth_comp_id 
_struct_conf.end_auth_asym_id 
_struct_conf.end_auth_seq_id 
_struct_conf.pdbx_PDB_helix_class 
_struct_conf.details 
_struct_conf.pdbx_PDB_helix_length 
HELX_P HELX_P1 1 ASN C 7  ? GLY C 21 ? ASN C 145 GLY C 159 1 ? 15 
HELX_P HELX_P2 2 GLN C 25 ? PHE C 31 ? GLN C 163 PHE C 169 1 ? 7  
HELX_P HELX_P3 3 GLY C 34 ? PHE C 42 ? GLY C 172 PHE C 180 1 ? 9  
# 
_struct_conf_type.id          HELX_P 
_struct_conf_type.criteria    ? 
_struct_conf_type.reference   ? 
# 
loop_
_struct_conn.id 
_struct_conn.conn_type_id 
_struct_conn.pdbx_leaving_atom_flag 
_struct_conn.pdbx_PDB_id 
_struct_conn.ptnr1_label_asym_id 
_struct_conn.ptnr1_label_comp_id 
_struct_conn.ptnr1_label_seq_id 
_struct_conn.ptnr1_label_atom_id 
_struct_conn.pdbx_ptnr1_label_alt_id 
_struct_conn.pdbx_ptnr1_PDB_ins_code 
_struct_conn.pdbx_ptnr1_standard_comp_id 
_struct_conn.ptnr1_symmetry 
_struct_conn.ptnr2_label_asym_id 
_struct_conn.ptnr2_label_comp_id 
_struct_conn.ptnr2_label_seq_id 
_struct_conn.ptnr2_label_atom_id 
_struct_conn.pdbx_ptnr2_label_alt_id 
_struct_conn.pdbx_ptnr2_PDB_ins_code 
_struct_conn.ptnr1_auth_asym_id 
_struct_conn.ptnr1_auth_comp_id 
_struct_conn.ptnr1_auth_seq_id 
_struct_conn.ptnr2_auth_asym_id 
_struct_conn.ptnr2_auth_comp_id 
_struct_conn.ptnr2_auth_seq_id 
_struct_conn.ptnr2_symmetry 
_struct_conn.pdbx_ptnr3_label_atom_id 
_struct_conn.pdbx_ptnr3_label_seq_id 
_struct_conn.pdbx_ptnr3_label_comp_id 
_struct_conn.pdbx_ptnr3_label_asym_id 
_struct_conn.pdbx_ptnr3_label_alt_id 
_struct_conn.pdbx_ptnr3_PDB_ins_code 
_struct_conn.details 
_struct_conn.pdbx_dist_value 
_struct_conn.pdbx_value_order 
_struct_conn.pdbx_role 
hydrog1  hydrog ? ? A DG 2  N1 ? ? ? 1_555 B DC 14 N3 ? ? A DG 3  B DC 29 1_555 ? ? ? ? ? ? WATSON-CRICK ? ? ? 
hydrog2  hydrog ? ? A DG 2  N2 ? ? ? 1_555 B DC 14 O2 ? ? A DG 3  B DC 29 1_555 ? ? ? ? ? ? WATSON-CRICK ? ? ? 
hydrog3  hydrog ? ? A DG 2  O6 ? ? ? 1_555 B DC 14 N4 ? ? A DG 3  B DC 29 1_555 ? ? ? ? ? ? WATSON-CRICK ? ? ? 
hydrog4  hydrog ? ? A DT 3  N3 ? ? ? 1_555 B DA 13 N1 ? ? A DT 4  B DA 28 1_555 ? ? ? ? ? ? WATSON-CRICK ? ? ? 
hydrog5  hydrog ? ? A DT 3  O4 ? ? ? 1_555 B DA 13 N6 ? ? A DT 4  B DA 28 1_555 ? ? ? ? ? ? WATSON-CRICK ? ? ? 
hydrog6  hydrog ? ? A DT 4  N3 ? ? ? 1_555 B DA 12 N1 ? ? A DT 5  B DA 27 1_555 ? ? ? ? ? ? WATSON-CRICK ? ? ? 
hydrog7  hydrog ? ? A DT 4  O4 ? ? ? 1_555 B DA 12 N6 ? ? A DT 5  B DA 27 1_555 ? ? ? ? ? ? WATSON-CRICK ? ? ? 
hydrog8  hydrog ? ? A DT 5  N3 ? ? ? 1_555 B DA 11 N1 ? ? A DT 6  B DA 26 1_555 ? ? ? ? ? ? WATSON-CRICK ? ? ? 
hydrog9  hydrog ? ? A DT 5  O4 ? ? ? 1_555 B DA 11 N6 ? ? A DT 6  B DA 26 1_555 ? ? ? ? ? ? WATSON-CRICK ? ? ? 
hydrog10 hydrog ? ? A DT 6  N3 ? ? ? 1_555 B DA 10 N1 ? ? A DT 7  B DA 25 1_555 ? ? ? ? ? ? WATSON-CRICK ? ? ? 
hydrog11 hydrog ? ? A DT 6  O4 ? ? ? 1_555 B DA 10 N6 ? ? A DT 7  B DA 25 1_555 ? ? ? ? ? ? WATSON-CRICK ? ? ? 
hydrog12 hydrog ? ? A DT 7  N3 ? ? ? 1_555 B DA 9  N1 ? ? A DT 8  B DA 24 1_555 ? ? ? ? ? ? WATSON-CRICK ? ? ? 
hydrog13 hydrog ? ? A DT 7  O4 ? ? ? 1_555 B DA 9  N6 ? ? A DT 8  B DA 24 1_555 ? ? ? ? ? ? WATSON-CRICK ? ? ? 
hydrog14 hydrog ? ? A DT 8  N3 ? ? ? 1_555 B DA 8  N1 ? ? A DT 9  B DA 23 1_555 ? ? ? ? ? ? WATSON-CRICK ? ? ? 
hydrog15 hydrog ? ? A DT 8  O4 ? ? ? 1_555 B DA 8  N6 ? ? A DT 9  B DA 23 1_555 ? ? ? ? ? ? WATSON-CRICK ? ? ? 
hydrog16 hydrog ? ? A DA 9  N1 ? ? ? 1_555 B DT 7  N3 ? ? A DA 10 B DT 22 1_555 ? ? ? ? ? ? WATSON-CRICK ? ? ? 
hydrog17 hydrog ? ? A DA 9  N6 ? ? ? 1_555 B DT 7  O4 ? ? A DA 10 B DT 22 1_555 ? ? ? ? ? ? WATSON-CRICK ? ? ? 
hydrog18 hydrog ? ? A DT 10 N3 ? ? ? 1_555 B DA 6  N1 ? ? A DT 11 B DA 21 1_555 ? ? ? ? ? ? WATSON-CRICK ? ? ? 
hydrog19 hydrog ? ? A DT 10 O4 ? ? ? 1_555 B DA 6  N6 ? ? A DT 11 B DA 21 1_555 ? ? ? ? ? ? WATSON-CRICK ? ? ? 
hydrog20 hydrog ? ? A DA 11 N1 ? ? ? 1_555 B DT 5  N3 ? ? A DA 12 B DT 20 1_555 ? ? ? ? ? ? WATSON-CRICK ? ? ? 
hydrog21 hydrog ? ? A DA 11 N6 ? ? ? 1_555 B DT 5  O4 ? ? A DA 12 B DT 20 1_555 ? ? ? ? ? ? WATSON-CRICK ? ? ? 
hydrog22 hydrog ? ? A DA 12 N1 ? ? ? 1_555 B DT 4  N3 ? ? A DA 13 B DT 19 1_555 ? ? ? ? ? ? WATSON-CRICK ? ? ? 
hydrog23 hydrog ? ? A DA 12 N6 ? ? ? 1_555 B DT 4  O4 ? ? A DA 13 B DT 19 1_555 ? ? ? ? ? ? WATSON-CRICK ? ? ? 
hydrog24 hydrog ? ? A DG 13 N1 ? ? ? 1_555 B DC 3  N3 ? ? A DG 14 B DC 18 1_555 ? ? ? ? ? ? WATSON-CRICK ? ? ? 
hydrog25 hydrog ? ? A DG 13 N2 ? ? ? 1_555 B DC 3  O2 ? ? A DG 14 B DC 18 1_555 ? ? ? ? ? ? WATSON-CRICK ? ? ? 
hydrog26 hydrog ? ? A DG 13 O6 ? ? ? 1_555 B DC 3  N4 ? ? A DG 14 B DC 18 1_555 ? ? ? ? ? ? WATSON-CRICK ? ? ? 
# 
_struct_conn_type.id          hydrog 
_struct_conn_type.criteria    ? 
_struct_conn_type.reference   ? 
# 
_atom_sites.entry_id                    1JKQ 
_atom_sites.fract_transf_matrix[1][1]   -0.00708598 
_atom_sites.fract_transf_matrix[1][2]   0.00083935 
_atom_sites.fract_transf_matrix[1][3]   -0.00932644 
_atom_sites.fract_transf_matrix[2][1]   0.00816103 
_atom_sites.fract_transf_matrix[2][2]   -0.00587196 
_atom_sites.fract_transf_matrix[2][3]   -0.00672899 
_atom_sites.fract_transf_matrix[3][1]   -0.00942374 
_atom_sites.fract_transf_matrix[3][2]   -0.01931075 
_atom_sites.fract_transf_matrix[3][3]   0.00542199 
_atom_sites.fract_transf_vector[1]      0.281280 
_atom_sites.fract_transf_vector[2]      0.049515 
_atom_sites.fract_transf_vector[3]      0.201900 
# 
loop_
_atom_type.symbol 
C 
N 
O 
P 
# 
loop_
_atom_site.group_PDB 
_atom_site.id 
_atom_site.type_symbol 
_atom_site.label_atom_id 
_atom_site.label_alt_id 
_atom_site.label_comp_id 
_atom_site.label_asym_id 
_atom_site.label_entity_id 
_atom_site.label_seq_id 
_atom_site.pdbx_PDB_ins_code 
_atom_site.Cartn_x 
_atom_site.Cartn_y 
_atom_site.Cartn_z 
_atom_site.occupancy 
_atom_site.B_iso_or_equiv 
_atom_site.pdbx_formal_charge 
_atom_site.auth_seq_id 
_atom_site.auth_comp_id 
_atom_site.auth_asym_id 
_atom_site.auth_atom_id 
_atom_site.pdbx_PDB_model_num 
ATOM 1   O "O5'" . DT  A 1 1  ? 36.012  -13.017 2.583   1.00 92.92 ? 2   DT  A "O5'" 1 
ATOM 2   C "C5'" . DT  A 1 1  ? 35.057  -13.497 1.623   1.00 93.16 ? 2   DT  A "C5'" 1 
ATOM 3   C "C4'" . DT  A 1 1  ? 33.877  -14.192 2.266   1.00 90.35 ? 2   DT  A "C4'" 1 
ATOM 4   O "O4'" . DT  A 1 1  ? 33.153  -13.240 3.088   1.00 83.08 ? 2   DT  A "O4'" 1 
ATOM 5   C "C3'" . DT  A 1 1  ? 32.852  -14.765 1.278   1.00 89.58 ? 2   DT  A "C3'" 1 
ATOM 6   O "O3'" . DT  A 1 1  ? 32.356  -16.029 1.752   1.00 95.62 ? 2   DT  A "O3'" 1 
ATOM 7   C "C2'" . DT  A 1 1  ? 31.761  -13.714 1.268   1.00 83.76 ? 2   DT  A "C2'" 1 
ATOM 8   C "C1'" . DT  A 1 1  ? 31.788  -13.215 2.698   1.00 84.36 ? 2   DT  A "C1'" 1 
ATOM 9   N N1    . DT  A 1 1  ? 31.286  -11.837 2.855   1.00 87.71 ? 2   DT  A N1    1 
ATOM 10  C C2    . DT  A 1 1  ? 31.414  -11.227 4.079   1.00 86.21 ? 2   DT  A C2    1 
ATOM 11  O O2    . DT  A 1 1  ? 31.935  -11.769 5.041   1.00 87.87 ? 2   DT  A O2    1 
ATOM 12  N N3    . DT  A 1 1  ? 30.903  -9.953  4.137   1.00 85.52 ? 2   DT  A N3    1 
ATOM 13  C C4    . DT  A 1 1  ? 30.283  -9.249  3.117   1.00 89.82 ? 2   DT  A C4    1 
ATOM 14  O O4    . DT  A 1 1  ? 29.871  -8.112  3.318   1.00 92.89 ? 2   DT  A O4    1 
ATOM 15  C C5    . DT  A 1 1  ? 30.177  -9.953  1.860   1.00 91.74 ? 2   DT  A C5    1 
ATOM 16  C C7    . DT  A 1 1  ? 29.504  -9.282  0.703   1.00 89.46 ? 2   DT  A C7    1 
ATOM 17  C C6    . DT  A 1 1  ? 30.684  -11.191 1.791   1.00 91.72 ? 2   DT  A C6    1 
ATOM 18  P P     . DG  A 1 2  ? 30.881  -16.539 1.332   1.00 99.69 ? 3   DG  A P     1 
ATOM 19  O OP1   . DG  A 1 2  ? 30.963  -18.005 1.093   1.00 99.55 ? 3   DG  A OP1   1 
ATOM 20  O OP2   . DG  A 1 2  ? 30.301  -15.662 0.277   1.00 97.02 ? 3   DG  A OP2   1 
ATOM 21  O "O5'" . DG  A 1 2  ? 30.032  -16.339 2.667   1.00 92.10 ? 3   DG  A "O5'" 1 
ATOM 22  C "C5'" . DG  A 1 2  ? 30.327  -17.099 3.841   1.00 76.59 ? 3   DG  A "C5'" 1 
ATOM 23  C "C4'" . DG  A 1 2  ? 29.054  -17.381 4.601   1.00 67.93 ? 3   DG  A "C4'" 1 
ATOM 24  O "O4'" . DG  A 1 2  ? 28.572  -16.144 5.181   1.00 57.86 ? 3   DG  A "O4'" 1 
ATOM 25  C "C3'" . DG  A 1 2  ? 27.929  -17.890 3.701   1.00 66.68 ? 3   DG  A "C3'" 1 
ATOM 26  O "O3'" . DG  A 1 2  ? 27.093  -18.827 4.402   1.00 66.38 ? 3   DG  A "O3'" 1 
ATOM 27  C "C2'" . DG  A 1 2  ? 27.178  -16.620 3.346   1.00 64.46 ? 3   DG  A "C2'" 1 
ATOM 28  C "C1'" . DG  A 1 2  ? 27.329  -15.775 4.606   1.00 54.09 ? 3   DG  A "C1'" 1 
ATOM 29  N N9    . DG  A 1 2  ? 27.373  -14.342 4.335   1.00 46.12 ? 3   DG  A N9    1 
ATOM 30  C C8    . DG  A 1 2  ? 28.021  -13.721 3.295   1.00 47.03 ? 3   DG  A C8    1 
ATOM 31  N N7    . DG  A 1 2  ? 27.865  -12.423 3.296   1.00 44.80 ? 3   DG  A N7    1 
ATOM 32  C C5    . DG  A 1 2  ? 27.077  -12.174 4.407   1.00 42.64 ? 3   DG  A C5    1 
ATOM 33  C C6    . DG  A 1 2  ? 26.594  -10.956 4.921   1.00 45.56 ? 3   DG  A C6    1 
ATOM 34  O O6    . DG  A 1 2  ? 26.787  -9.810  4.488   1.00 52.52 ? 3   DG  A O6    1 
ATOM 35  N N1    . DG  A 1 2  ? 25.821  -11.153 6.063   1.00 42.27 ? 3   DG  A N1    1 
ATOM 36  C C2    . DG  A 1 2  ? 25.563  -12.370 6.641   1.00 48.85 ? 3   DG  A C2    1 
ATOM 37  N N2    . DG  A 1 2  ? 24.805  -12.359 7.751   1.00 50.65 ? 3   DG  A N2    1 
ATOM 38  N N3    . DG  A 1 2  ? 26.017  -13.518 6.171   1.00 51.30 ? 3   DG  A N3    1 
ATOM 39  C C4    . DG  A 1 2  ? 26.762  -13.346 5.058   1.00 46.46 ? 3   DG  A C4    1 
ATOM 40  P P     . DT  A 1 3  ? 25.732  -19.345 3.715   1.00 70.41 ? 4   DT  A P     1 
ATOM 41  O OP1   . DT  A 1 3  ? 25.646  -20.824 3.790   1.00 67.86 ? 4   DT  A OP1   1 
ATOM 42  O OP2   . DT  A 1 3  ? 25.601  -18.660 2.399   1.00 63.20 ? 4   DT  A OP2   1 
ATOM 43  O "O5'" . DT  A 1 3  ? 24.603  -18.809 4.691   1.00 61.33 ? 4   DT  A "O5'" 1 
ATOM 44  C "C5'" . DT  A 1 3  ? 24.657  -19.123 6.067   1.00 51.34 ? 4   DT  A "C5'" 1 
ATOM 45  C "C4'" . DT  A 1 3  ? 23.500  -18.477 6.786   1.00 56.44 ? 4   DT  A "C4'" 1 
ATOM 46  O "O4'" . DT  A 1 3  ? 23.621  -17.036 6.678   1.00 56.37 ? 4   DT  A "O4'" 1 
ATOM 47  C "C3'" . DT  A 1 3  ? 22.132  -18.841 6.219   1.00 52.86 ? 4   DT  A "C3'" 1 
ATOM 48  O "O3'" . DT  A 1 3  ? 21.249  -19.143 7.302   1.00 62.74 ? 4   DT  A "O3'" 1 
ATOM 49  C "C2'" . DT  A 1 3  ? 21.713  -17.607 5.438   1.00 46.06 ? 4   DT  A "C2'" 1 
ATOM 50  C "C1'" . DT  A 1 3  ? 22.449  -16.466 6.132   1.00 47.16 ? 4   DT  A "C1'" 1 
ATOM 51  N N1    . DT  A 1 3  ? 22.864  -15.343 5.239   1.00 43.69 ? 4   DT  A N1    1 
ATOM 52  C C2    . DT  A 1 3  ? 22.574  -14.056 5.643   1.00 42.14 ? 4   DT  A C2    1 
ATOM 53  O O2    . DT  A 1 3  ? 22.033  -13.809 6.708   1.00 50.55 ? 4   DT  A O2    1 
ATOM 54  N N3    . DT  A 1 3  ? 22.941  -13.066 4.752   1.00 31.56 ? 4   DT  A N3    1 
ATOM 55  C C4    . DT  A 1 3  ? 23.573  -13.240 3.533   1.00 38.03 ? 4   DT  A C4    1 
ATOM 56  O O4    . DT  A 1 3  ? 23.868  -12.267 2.836   1.00 31.01 ? 4   DT  A O4    1 
ATOM 57  C C5    . DT  A 1 3  ? 23.861  -14.607 3.182   1.00 37.99 ? 4   DT  A C5    1 
ATOM 58  C C7    . DT  A 1 3  ? 24.557  -14.873 1.887   1.00 43.29 ? 4   DT  A C7    1 
ATOM 59  C C6    . DT  A 1 3  ? 23.501  -15.581 4.037   1.00 37.66 ? 4   DT  A C6    1 
ATOM 60  P P     . DT  A 1 4  ? 19.784  -19.746 7.005   1.00 70.30 ? 5   DT  A P     1 
ATOM 61  O OP1   . DT  A 1 4  ? 19.362  -20.610 8.141   1.00 61.30 ? 5   DT  A OP1   1 
ATOM 62  O OP2   . DT  A 1 4  ? 19.762  -20.282 5.610   1.00 66.72 ? 5   DT  A OP2   1 
ATOM 63  O "O5'" . DT  A 1 4  ? 18.872  -18.460 7.155   1.00 54.56 ? 5   DT  A "O5'" 1 
ATOM 64  C "C5'" . DT  A 1 4  ? 18.923  -17.761 8.376   1.00 58.79 ? 5   DT  A "C5'" 1 
ATOM 65  C "C4'" . DT  A 1 4  ? 18.268  -16.414 8.248   1.00 55.08 ? 5   DT  A "C4'" 1 
ATOM 66  O "O4'" . DT  A 1 4  ? 19.028  -15.549 7.374   1.00 54.68 ? 5   DT  A "O4'" 1 
ATOM 67  C "C3'" . DT  A 1 4  ? 16.854  -16.458 7.693   1.00 54.87 ? 5   DT  A "C3'" 1 
ATOM 68  O "O3'" . DT  A 1 4  ? 15.995  -15.762 8.592   1.00 64.49 ? 5   DT  A "O3'" 1 
ATOM 69  C "C2'" . DT  A 1 4  ? 16.975  -15.736 6.360   1.00 55.13 ? 5   DT  A "C2'" 1 
ATOM 70  C "C1'" . DT  A 1 4  ? 18.123  -14.789 6.627   1.00 42.23 ? 5   DT  A "C1'" 1 
ATOM 71  N N1    . DT  A 1 4  ? 18.825  -14.256 5.437   1.00 40.48 ? 5   DT  A N1    1 
ATOM 72  C C2    . DT  A 1 4  ? 18.871  -12.888 5.315   1.00 36.59 ? 5   DT  A C2    1 
ATOM 73  O O2    . DT  A 1 4  ? 18.409  -12.144 6.171   1.00 46.19 ? 5   DT  A O2    1 
ATOM 74  N N3    . DT  A 1 4  ? 19.467  -12.422 4.175   1.00 27.01 ? 5   DT  A N3    1 
ATOM 75  C C4    . DT  A 1 4  ? 20.024  -13.172 3.173   1.00 39.92 ? 5   DT  A C4    1 
ATOM 76  O O4    . DT  A 1 4  ? 20.529  -12.609 2.189   1.00 41.65 ? 5   DT  A O4    1 
ATOM 77  C C5    . DT  A 1 4  ? 19.965  -14.614 3.378   1.00 36.25 ? 5   DT  A C5    1 
ATOM 78  C C7    . DT  A 1 4  ? 20.552  -15.519 2.341   1.00 41.80 ? 5   DT  A C7    1 
ATOM 79  C C6    . DT  A 1 4  ? 19.382  -15.073 4.489   1.00 31.89 ? 5   DT  A C6    1 
ATOM 80  P P     . DT  A 1 5  ? 14.417  -16.065 8.585   1.00 69.19 ? 6   DT  A P     1 
ATOM 81  O OP1   . DT  A 1 5  ? 14.005  -16.336 9.985   1.00 72.68 ? 6   DT  A OP1   1 
ATOM 82  O OP2   . DT  A 1 5  ? 14.137  -17.068 7.523   1.00 64.82 ? 6   DT  A OP2   1 
ATOM 83  O "O5'" . DT  A 1 5  ? 13.812  -14.650 8.176   1.00 63.80 ? 6   DT  A "O5'" 1 
ATOM 84  C "C5'" . DT  A 1 5  ? 14.259  -13.477 8.850   1.00 63.53 ? 6   DT  A "C5'" 1 
ATOM 85  C "C4'" . DT  A 1 5  ? 13.955  -12.239 8.039   1.00 60.06 ? 6   DT  A "C4'" 1 
ATOM 86  O "O4'" . DT  A 1 5  ? 14.856  -12.073 6.913   1.00 61.19 ? 6   DT  A "O4'" 1 
ATOM 87  C "C3'" . DT  A 1 5  ? 12.544  -12.174 7.473   1.00 54.47 ? 6   DT  A "C3'" 1 
ATOM 88  O "O3'" . DT  A 1 5  ? 11.982  -10.898 7.766   1.00 58.07 ? 6   DT  A "O3'" 1 
ATOM 89  C "C2'" . DT  A 1 5  ? 12.746  -12.354 5.978   1.00 48.49 ? 6   DT  A "C2'" 1 
ATOM 90  C "C1'" . DT  A 1 5  ? 14.115  -11.733 5.758   1.00 40.77 ? 6   DT  A "C1'" 1 
ATOM 91  N N1    . DT  A 1 5  ? 14.852  -12.235 4.579   1.00 29.44 ? 6   DT  A N1    1 
ATOM 92  C C2    . DT  A 1 5  ? 15.528  -11.336 3.793   1.00 35.89 ? 6   DT  A C2    1 
ATOM 93  O O2    . DT  A 1 5  ? 15.560  -10.134 4.024   1.00 43.12 ? 6   DT  A O2    1 
ATOM 94  N N3    . DT  A 1 5  ? 16.182  -11.894 2.721   1.00 33.04 ? 6   DT  A N3    1 
ATOM 95  C C4    . DT  A 1 5  ? 16.215  -13.234 2.373   1.00 34.67 ? 6   DT  A C4    1 
ATOM 96  O O4    . DT  A 1 5  ? 16.857  -13.614 1.397   1.00 39.97 ? 6   DT  A O4    1 
ATOM 97  C C5    . DT  A 1 5  ? 15.475  -14.101 3.216   1.00 29.98 ? 6   DT  A C5    1 
ATOM 98  C C7    . DT  A 1 5  ? 15.410  -15.547 2.859   1.00 33.53 ? 6   DT  A C7    1 
ATOM 99  C C6    . DT  A 1 5  ? 14.852  -13.573 4.278   1.00 31.62 ? 6   DT  A C6    1 
ATOM 100 P P     . DT  A 1 6  ? 10.388  -10.713 7.718   1.00 59.17 ? 7   DT  A P     1 
ATOM 101 O OP1   . DT  A 1 6  ? 9.990   -9.875  8.891   1.00 38.51 ? 7   DT  A OP1   1 
ATOM 102 O OP2   . DT  A 1 6  ? 9.806   -12.078 7.535   1.00 46.78 ? 7   DT  A OP2   1 
ATOM 103 O "O5'" . DT  A 1 6  ? 10.190  -9.839  6.406   1.00 53.51 ? 7   DT  A "O5'" 1 
ATOM 104 C "C5'" . DT  A 1 6  ? 10.733  -8.536  6.390   1.00 53.96 ? 7   DT  A "C5'" 1 
ATOM 105 C "C4'" . DT  A 1 6  ? 10.883  -8.027  4.980   1.00 52.85 ? 7   DT  A "C4'" 1 
ATOM 106 O "O4'" . DT  A 1 6  ? 11.874  -8.793  4.260   1.00 54.48 ? 7   DT  A "O4'" 1 
ATOM 107 C "C3'" . DT  A 1 6  ? 9.631   -8.014  4.105   1.00 53.14 ? 7   DT  A "C3'" 1 
ATOM 108 O "O3'" . DT  A 1 6  ? 9.386   -6.670  3.734   1.00 50.71 ? 7   DT  A "O3'" 1 
ATOM 109 C "C2'" . DT  A 1 6  ? 10.019  -8.850  2.894   1.00 50.81 ? 7   DT  A "C2'" 1 
ATOM 110 C "C1'" . DT  A 1 6  ? 11.531  -8.763  2.901   1.00 41.91 ? 7   DT  A "C1'" 1 
ATOM 111 N N1    . DT  A 1 6  ? 12.247  -9.862  2.224   1.00 41.42 ? 7   DT  A N1    1 
ATOM 112 C C2    . DT  A 1 6  ? 13.177  -9.503  1.284   1.00 43.25 ? 7   DT  A C2    1 
ATOM 113 O O2    . DT  A 1 6  ? 13.476  -8.332  1.076   1.00 51.78 ? 7   DT  A O2    1 
ATOM 114 N N3    . DT  A 1 6  ? 13.766  -10.558 0.604   1.00 40.12 ? 7   DT  A N3    1 
ATOM 115 C C4    . DT  A 1 6  ? 13.535  -11.905 0.797   1.00 43.50 ? 7   DT  A C4    1 
ATOM 116 O O4    . DT  A 1 6  ? 14.127  -12.740 0.097   1.00 37.73 ? 7   DT  A O4    1 
ATOM 117 C C5    . DT  A 1 6  ? 12.568  -12.213 1.855   1.00 45.24 ? 7   DT  A C5    1 
ATOM 118 C C7    . DT  A 1 6  ? 12.269  -13.648 2.183   1.00 38.12 ? 7   DT  A C7    1 
ATOM 119 C C6    . DT  A 1 6  ? 11.984  -11.184 2.498   1.00 44.62 ? 7   DT  A C6    1 
ATOM 120 P P     . DT  A 1 7  ? 8.403   -6.340  2.523   1.00 50.65 ? 8   DT  A P     1 
ATOM 121 O OP1   . DT  A 1 7  ? 7.824   -4.998  2.847   1.00 45.02 ? 8   DT  A OP1   1 
ATOM 122 O OP2   . DT  A 1 7  ? 7.493   -7.525  2.303   1.00 37.02 ? 8   DT  A OP2   1 
ATOM 123 O "O5'" . DT  A 1 7  ? 9.472   -6.075  1.372   1.00 42.96 ? 8   DT  A "O5'" 1 
ATOM 124 C "C5'" . DT  A 1 7  ? 10.641  -5.320  1.733   1.00 49.59 ? 8   DT  A "C5'" 1 
ATOM 125 C "C4'" . DT  A 1 7  ? 11.327  -4.717  0.526   1.00 42.39 ? 8   DT  A "C4'" 1 
ATOM 126 O "O4'" . DT  A 1 7  ? 12.058  -5.738  -0.184  1.00 33.50 ? 8   DT  A "O4'" 1 
ATOM 127 C "C3'" . DT  A 1 7  ? 10.410  -4.050  -0.493  1.00 34.83 ? 8   DT  A "C3'" 1 
ATOM 128 O "O3'" . DT  A 1 7  ? 11.058  -2.894  -1.033  1.00 27.40 ? 8   DT  A "O3'" 1 
ATOM 129 C "C2'" . DT  A 1 7  ? 10.191  -5.155  -1.505  1.00 28.82 ? 8   DT  A "C2'" 1 
ATOM 130 C "C1'" . DT  A 1 7  ? 11.493  -5.952  -1.450  1.00 28.13 ? 8   DT  A "C1'" 1 
ATOM 131 N N1    . DT  A 1 7  ? 11.375  -7.426  -1.635  1.00 27.96 ? 8   DT  A N1    1 
ATOM 132 C C2    . DT  A 1 7  ? 12.195  -8.019  -2.594  1.00 31.49 ? 8   DT  A C2    1 
ATOM 133 O O2    . DT  A 1 7  ? 12.965  -7.384  -3.313  1.00 33.25 ? 8   DT  A O2    1 
ATOM 134 N N3    . DT  A 1 7  ? 12.078  -9.383  -2.680  1.00 27.04 ? 8   DT  A N3    1 
ATOM 135 C C4    . DT  A 1 7  ? 11.251  -10.194 -1.936  1.00 26.25 ? 8   DT  A C4    1 
ATOM 136 O O4    . DT  A 1 7  ? 11.283  -11.409 -2.099  1.00 31.74 ? 8   DT  A O4    1 
ATOM 137 C C5    . DT  A 1 7  ? 10.403  -9.514  -0.985  1.00 22.50 ? 8   DT  A C5    1 
ATOM 138 C C7    . DT  A 1 7  ? 9.460   -10.333 -0.157  1.00 26.55 ? 8   DT  A C7    1 
ATOM 139 C C6    . DT  A 1 7  ? 10.502  -8.177  -0.881  1.00 16.36 ? 8   DT  A C6    1 
ATOM 140 P P     . DT  A 1 8  ? 10.409  -2.147  -2.282  1.00 40.68 ? 9   DT  A P     1 
ATOM 141 O OP1   . DT  A 1 8  ? 11.077  -0.872  -2.619  1.00 28.34 ? 9   DT  A OP1   1 
ATOM 142 O OP2   . DT  A 1 8  ? 8.938   -2.181  -2.048  1.00 40.64 ? 9   DT  A OP2   1 
ATOM 143 O "O5'" . DT  A 1 8  ? 10.752  -3.123  -3.484  1.00 38.81 ? 9   DT  A "O5'" 1 
ATOM 144 C "C5'" . DT  A 1 8  ? 11.999  -3.030  -4.155  1.00 38.25 ? 9   DT  A "C5'" 1 
ATOM 145 C "C4'" . DT  A 1 8  ? 11.915  -3.726  -5.489  1.00 39.17 ? 9   DT  A "C4'" 1 
ATOM 146 O "O4'" . DT  A 1 8  ? 11.761  -5.162  -5.309  1.00 38.28 ? 9   DT  A "O4'" 1 
ATOM 147 C "C3'" . DT  A 1 8  ? 10.709  -3.279  -6.314  1.00 44.89 ? 9   DT  A "C3'" 1 
ATOM 148 O "O3'" . DT  A 1 8  ? 11.113  -3.153  -7.653  1.00 55.63 ? 9   DT  A "O3'" 1 
ATOM 149 C "C2'" . DT  A 1 8  ? 9.739   -4.438  -6.206  1.00 34.34 ? 9   DT  A "C2'" 1 
ATOM 150 C "C1'" . DT  A 1 8  ? 10.698  -5.606  -6.139  1.00 27.94 ? 9   DT  A "C1'" 1 
ATOM 151 N N1    . DT  A 1 8  ? 10.151  -6.831  -5.551  1.00 23.18 ? 9   DT  A N1    1 
ATOM 152 C C2    . DT  A 1 8  ? 10.649  -8.010  -6.029  1.00 33.23 ? 9   DT  A C2    1 
ATOM 153 O O2    . DT  A 1 8  ? 11.531  -8.051  -6.873  1.00 42.51 ? 9   DT  A O2    1 
ATOM 154 N N3    . DT  A 1 8  ? 10.095  -9.140  -5.483  1.00 26.39 ? 9   DT  A N3    1 
ATOM 155 C C4    . DT  A 1 8  ? 9.134   -9.192  -4.509  1.00 31.58 ? 9   DT  A C4    1 
ATOM 156 O O4    . DT  A 1 8  ? 8.747   -10.285 -4.091  1.00 41.20 ? 9   DT  A O4    1 
ATOM 157 C C5    . DT  A 1 8  ? 8.660   -7.902  -4.038  1.00 28.22 ? 9   DT  A C5    1 
ATOM 158 C C7    . DT  A 1 8  ? 7.609   -7.858  -2.976  1.00 28.04 ? 9   DT  A C7    1 
ATOM 159 C C6    . DT  A 1 8  ? 9.186   -6.800  -4.579  1.00 23.97 ? 9   DT  A C6    1 
ATOM 160 P P     . DA  A 1 9  ? 10.566  -1.931  -8.524  1.00 72.15 ? 10  DA  A P     1 
ATOM 161 O OP1   . DA  A 1 9  ? 11.344  -0.713  -8.130  1.00 53.61 ? 10  DA  A OP1   1 
ATOM 162 O OP2   . DA  A 1 9  ? 9.081   -1.930  -8.375  1.00 69.30 ? 10  DA  A OP2   1 
ATOM 163 O "O5'" . DA  A 1 9  ? 10.957  -2.410  -10.000 1.00 66.89 ? 10  DA  A "O5'" 1 
ATOM 164 C "C5'" . DA  A 1 9  ? 12.272  -2.894  -10.267 1.00 57.28 ? 10  DA  A "C5'" 1 
ATOM 165 C "C4'" . DA  A 1 9  ? 12.243  -4.264  -10.914 1.00 67.84 ? 10  DA  A "C4'" 1 
ATOM 166 O "O4'" . DA  A 1 9  ? 11.676  -5.299  -10.063 1.00 69.45 ? 10  DA  A "O4'" 1 
ATOM 167 C "C3'" . DA  A 1 9  ? 11.547  -4.409  -12.266 1.00 69.10 ? 10  DA  A "C3'" 1 
ATOM 168 O "O3'" . DA  A 1 9  ? 12.459  -5.095  -13.128 1.00 78.81 ? 10  DA  A "O3'" 1 
ATOM 169 C "C2'" . DA  A 1 9  ? 10.340  -5.291  -11.956 1.00 61.46 ? 10  DA  A "C2'" 1 
ATOM 170 C "C1'" . DA  A 1 9  ? 10.870  -6.177  -10.846 1.00 49.53 ? 10  DA  A "C1'" 1 
ATOM 171 N N9    . DA  A 1 9  ? 9.870   -6.769  -9.955  1.00 37.33 ? 10  DA  A N9    1 
ATOM 172 C C8    . DA  A 1 9  ? 9.007   -6.086  -9.142  1.00 41.45 ? 10  DA  A C8    1 
ATOM 173 N N7    . DA  A 1 9  ? 8.261   -6.863  -8.388  1.00 34.63 ? 10  DA  A N7    1 
ATOM 174 C C5    . DA  A 1 9  ? 8.643   -8.139  -8.746  1.00 26.62 ? 10  DA  A C5    1 
ATOM 175 C C6    . DA  A 1 9  ? 8.213   -9.406  -8.311  1.00 33.93 ? 10  DA  A C6    1 
ATOM 176 N N6    . DA  A 1 9  ? 7.295   -9.594  -7.365  1.00 35.18 ? 10  DA  A N6    1 
ATOM 177 N N1    . DA  A 1 9  ? 8.772   -10.490 -8.882  1.00 31.45 ? 10  DA  A N1    1 
ATOM 178 C C2    . DA  A 1 9  ? 9.715   -10.292 -9.808  1.00 39.56 ? 10  DA  A C2    1 
ATOM 179 N N3    . DA  A 1 9  ? 10.217  -9.143  -10.289 1.00 35.14 ? 10  DA  A N3    1 
ATOM 180 C C4    . DA  A 1 9  ? 9.626   -8.098  -9.716  1.00 26.95 ? 10  DA  A C4    1 
ATOM 181 P P     . DT  A 1 10 ? 12.330  -4.942  -14.719 1.00 84.75 ? 11  DT  A P     1 
ATOM 182 O OP1   . DT  A 1 10 ? 13.705  -4.958  -15.291 1.00 83.21 ? 11  DT  A OP1   1 
ATOM 183 O OP2   . DT  A 1 10 ? 11.432  -3.795  -14.999 1.00 83.01 ? 11  DT  A OP2   1 
ATOM 184 O "O5'" . DT  A 1 10 ? 11.622  -6.305  -15.122 1.00 70.40 ? 11  DT  A "O5'" 1 
ATOM 185 C "C5'" . DT  A 1 10 ? 12.226  -7.541  -14.758 1.00 64.17 ? 11  DT  A "C5'" 1 
ATOM 186 C "C4'" . DT  A 1 10 ? 11.256  -8.676  -14.981 1.00 68.90 ? 11  DT  A "C4'" 1 
ATOM 187 O "O4'" . DT  A 1 10 ? 10.424  -8.937  -13.820 1.00 55.77 ? 11  DT  A "O4'" 1 
ATOM 188 C "C3'" . DT  A 1 10 ? 10.297  -8.442  -16.154 1.00 64.12 ? 11  DT  A "C3'" 1 
ATOM 189 O "O3'" . DT  A 1 10 ? 10.102  -9.679  -16.844 1.00 72.19 ? 11  DT  A "O3'" 1 
ATOM 190 C "C2'" . DT  A 1 10 ? 9.010   -8.062  -15.452 1.00 57.54 ? 11  DT  A "C2'" 1 
ATOM 191 C "C1'" . DT  A 1 10 ? 9.087   -9.018  -14.279 1.00 52.91 ? 11  DT  A "C1'" 1 
ATOM 192 N N1    . DT  A 1 10 ? 8.161   -8.799  -13.152 1.00 38.64 ? 11  DT  A N1    1 
ATOM 193 C C2    . DT  A 1 10 ? 7.648   -9.935  -12.579 1.00 38.45 ? 11  DT  A C2    1 
ATOM 194 O O2    . DT  A 1 10 ? 7.983   -11.052 -12.929 1.00 50.88 ? 11  DT  A O2    1 
ATOM 195 N N3    . DT  A 1 10 ? 6.746   -9.727  -11.585 1.00 25.63 ? 11  DT  A N3    1 
ATOM 196 C C4    . DT  A 1 10 ? 6.336   -8.520  -11.093 1.00 24.20 ? 11  DT  A C4    1 
ATOM 197 O O4    . DT  A 1 10 ? 5.523   -8.491  -10.184 1.00 25.46 ? 11  DT  A O4    1 
ATOM 198 C C5    . DT  A 1 10 ? 6.931   -7.354  -11.714 1.00 24.07 ? 11  DT  A C5    1 
ATOM 199 C C7    . DT  A 1 10 ? 6.550   -5.998  -11.216 1.00 15.94 ? 11  DT  A C7    1 
ATOM 200 C C6    . DT  A 1 10 ? 7.804   -7.547  -12.707 1.00 28.14 ? 11  DT  A C6    1 
ATOM 201 P P     . DA  A 1 11 ? 9.909   -9.688  -18.440 1.00 82.59 ? 12  DA  A P     1 
ATOM 202 O OP1   . DA  A 1 11 ? 11.053  -8.957  -19.072 1.00 69.07 ? 12  DA  A OP1   1 
ATOM 203 O OP2   . DA  A 1 11 ? 8.511   -9.267  -18.734 1.00 81.53 ? 12  DA  A OP2   1 
ATOM 204 O "O5'" . DA  A 1 11 ? 10.002  -11.235 -18.797 1.00 76.48 ? 12  DA  A "O5'" 1 
ATOM 205 C "C5'" . DA  A 1 11 ? 10.239  -12.201 -17.778 1.00 71.04 ? 12  DA  A "C5'" 1 
ATOM 206 C "C4'" . DA  A 1 11 ? 8.953   -12.908 -17.417 1.00 69.88 ? 12  DA  A "C4'" 1 
ATOM 207 O "O4'" . DA  A 1 11 ? 8.211   -12.205 -16.387 1.00 74.32 ? 12  DA  A "O4'" 1 
ATOM 208 C "C3'" . DA  A 1 11 ? 7.979   -13.113 -18.578 1.00 72.23 ? 12  DA  A "C3'" 1 
ATOM 209 O "O3'" . DA  A 1 11 ? 7.427   -14.423 -18.493 1.00 74.99 ? 12  DA  A "O3'" 1 
ATOM 210 C "C2'" . DA  A 1 11 ? 6.879   -12.107 -18.287 1.00 67.89 ? 12  DA  A "C2'" 1 
ATOM 211 C "C1'" . DA  A 1 11 ? 6.843   -12.153 -16.768 1.00 69.03 ? 12  DA  A "C1'" 1 
ATOM 212 N N9    . DA  A 1 11 ? 6.231   -10.987 -16.132 1.00 55.21 ? 12  DA  A N9    1 
ATOM 213 C C8    . DA  A 1 11 ? 6.485   -9.669  -16.423 1.00 57.04 ? 12  DA  A C8    1 
ATOM 214 N N7    . DA  A 1 11 ? 5.802   -8.821  -15.691 1.00 54.67 ? 12  DA  A N7    1 
ATOM 215 C C5    . DA  A 1 11 ? 5.045   -9.637  -14.861 1.00 48.39 ? 12  DA  A C5    1 
ATOM 216 C C6    . DA  A 1 11 ? 4.119   -9.338  -13.853 1.00 44.41 ? 12  DA  A C6    1 
ATOM 217 N N6    . DA  A 1 11 ? 3.813   -8.086  -13.513 1.00 39.30 ? 12  DA  A N6    1 
ATOM 218 N N1    . DA  A 1 11 ? 3.519   -10.371 -13.209 1.00 33.52 ? 12  DA  A N1    1 
ATOM 219 C C2    . DA  A 1 11 ? 3.846   -11.617 -13.573 1.00 39.22 ? 12  DA  A C2    1 
ATOM 220 N N3    . DA  A 1 11 ? 4.717   -12.026 -14.518 1.00 42.35 ? 12  DA  A N3    1 
ATOM 221 C C4    . DA  A 1 11 ? 5.289   -10.974 -15.127 1.00 46.35 ? 12  DA  A C4    1 
ATOM 222 P P     . DA  A 1 12 ? 6.937   -15.166 -19.824 1.00 75.13 ? 13  DA  A P     1 
ATOM 223 O OP1   . DA  A 1 12 ? 7.788   -16.370 -19.975 1.00 76.24 ? 13  DA  A OP1   1 
ATOM 224 O OP2   . DA  A 1 12 ? 6.863   -14.164 -20.927 1.00 77.06 ? 13  DA  A OP2   1 
ATOM 225 O "O5'" . DA  A 1 12 ? 5.479   -15.667 -19.432 1.00 78.96 ? 13  DA  A "O5'" 1 
ATOM 226 C "C5'" . DA  A 1 12 ? 5.276   -16.377 -18.212 1.00 71.74 ? 13  DA  A "C5'" 1 
ATOM 227 C "C4'" . DA  A 1 12 ? 3.891   -16.113 -17.671 1.00 70.18 ? 13  DA  A "C4'" 1 
ATOM 228 O "O4'" . DA  A 1 12 ? 3.765   -14.775 -17.098 1.00 71.92 ? 13  DA  A "O4'" 1 
ATOM 229 C "C3'" . DA  A 1 12 ? 2.782   -16.230 -18.719 1.00 73.11 ? 13  DA  A "C3'" 1 
ATOM 230 O "O3'" . DA  A 1 12 ? 1.703   -16.978 -18.168 1.00 76.14 ? 13  DA  A "O3'" 1 
ATOM 231 C "C2'" . DA  A 1 12 ? 2.343   -14.788 -18.935 1.00 67.46 ? 13  DA  A "C2'" 1 
ATOM 232 C "C1'" . DA  A 1 12 ? 2.527   -14.221 -17.537 1.00 59.70 ? 13  DA  A "C1'" 1 
ATOM 233 N N9    . DA  A 1 12 ? 2.583   -12.756 -17.423 1.00 46.81 ? 13  DA  A N9    1 
ATOM 234 C C8    . DA  A 1 12 ? 3.285   -11.868 -18.202 1.00 50.22 ? 13  DA  A C8    1 
ATOM 235 N N7    . DA  A 1 12 ? 3.124   -10.609 -17.852 1.00 37.82 ? 13  DA  A N7    1 
ATOM 236 C C5    . DA  A 1 12 ? 2.263   -10.674 -16.772 1.00 25.03 ? 13  DA  A C5    1 
ATOM 237 C C6    . DA  A 1 12 ? 1.726   -9.681  -15.956 1.00 24.18 ? 13  DA  A C6    1 
ATOM 238 N N6    . DA  A 1 12 ? 2.016   -8.395  -16.098 1.00 16.61 ? 13  DA  A N6    1 
ATOM 239 N N1    . DA  A 1 12 ? 0.881   -10.055 -14.970 1.00 21.91 ? 13  DA  A N1    1 
ATOM 240 C C2    . DA  A 1 12 ? 0.626   -11.362 -14.820 1.00 30.51 ? 13  DA  A C2    1 
ATOM 241 N N3    . DA  A 1 12 ? 1.095   -12.409 -15.523 1.00 27.93 ? 13  DA  A N3    1 
ATOM 242 C C4    . DA  A 1 12 ? 1.916   -11.986 -16.496 1.00 34.66 ? 13  DA  A C4    1 
ATOM 243 P P     . DG  A 1 13 ? 0.669   -17.704 -19.148 1.00 82.99 ? 14  DG  A P     1 
ATOM 244 O OP1   . DG  A 1 13 ? 0.843   -19.171 -18.983 1.00 86.31 ? 14  DG  A OP1   1 
ATOM 245 O OP2   . DG  A 1 13 ? 0.845   -17.074 -20.486 1.00 82.08 ? 14  DG  A OP2   1 
ATOM 246 O "O5'" . DG  A 1 13 ? -0.755  -17.322 -18.550 1.00 83.82 ? 14  DG  A "O5'" 1 
ATOM 247 C "C5'" . DG  A 1 13 ? -1.098  -17.735 -17.233 1.00 82.79 ? 14  DG  A "C5'" 1 
ATOM 248 C "C4'" . DG  A 1 13 ? -2.148  -16.825 -16.647 1.00 71.02 ? 14  DG  A "C4'" 1 
ATOM 249 O "O4'" . DG  A 1 13 ? -1.637  -15.473 -16.546 1.00 74.84 ? 14  DG  A "O4'" 1 
ATOM 250 C "C3'" . DG  A 1 13 ? -3.439  -16.735 -17.456 1.00 68.21 ? 14  DG  A "C3'" 1 
ATOM 251 O "O3'" . DG  A 1 13 ? -4.539  -16.756 -16.547 1.00 76.26 ? 14  DG  A "O3'" 1 
ATOM 252 C "C2'" . DG  A 1 13 ? -3.331  -15.380 -18.136 1.00 65.86 ? 14  DG  A "C2'" 1 
ATOM 253 C "C1'" . DG  A 1 13 ? -2.595  -14.574 -17.087 1.00 64.31 ? 14  DG  A "C1'" 1 
ATOM 254 N N9    . DG  A 1 13 ? -1.903  -13.360 -17.536 1.00 48.82 ? 14  DG  A N9    1 
ATOM 255 C C8    . DG  A 1 13 ? -0.931  -13.255 -18.500 1.00 42.83 ? 14  DG  A C8    1 
ATOM 256 N N7    . DG  A 1 13 ? -0.528  -12.024 -18.685 1.00 41.26 ? 14  DG  A N7    1 
ATOM 257 C C5    . DG  A 1 13 ? -1.287  -11.269 -17.799 1.00 34.45 ? 14  DG  A C5    1 
ATOM 258 C C6    . DG  A 1 13 ? -1.331  -9.855  -17.587 1.00 38.45 ? 14  DG  A C6    1 
ATOM 259 O O6    . DG  A 1 13 ? -0.716  -8.960  -18.193 1.00 40.06 ? 14  DG  A O6    1 
ATOM 260 N N1    . DG  A 1 13 ? -2.220  -9.517  -16.572 1.00 33.30 ? 14  DG  A N1    1 
ATOM 261 C C2    . DG  A 1 13 ? -2.980  -10.423 -15.864 1.00 40.49 ? 14  DG  A C2    1 
ATOM 262 N N2    . DG  A 1 13 ? -3.742  -9.922  -14.880 1.00 43.33 ? 14  DG  A N2    1 
ATOM 263 N N3    . DG  A 1 13 ? -2.985  -11.728 -16.090 1.00 34.73 ? 14  DG  A N3    1 
ATOM 264 C C4    . DG  A 1 13 ? -2.119  -12.077 -17.062 1.00 36.44 ? 14  DG  A C4    1 
ATOM 265 P P     . DA  A 1 14 ? -5.049  -18.165 -15.955 1.00 87.75 ? 15  DA  A P     1 
ATOM 266 O OP1   . DA  A 1 14 ? -6.350  -18.002 -15.230 1.00 80.54 ? 15  DA  A OP1   1 
ATOM 267 O OP2   . DA  A 1 14 ? -3.891  -18.765 -15.248 1.00 84.70 ? 15  DA  A OP2   1 
ATOM 268 O "O5'" . DA  A 1 14 ? -5.311  -19.032 -17.259 1.00 75.16 ? 15  DA  A "O5'" 1 
ATOM 269 C "C5'" . DA  A 1 14 ? -6.234  -18.596 -18.249 1.00 75.82 ? 15  DA  A "C5'" 1 
ATOM 270 C "C4'" . DA  A 1 14 ? -6.516  -19.722 -19.214 1.00 76.46 ? 15  DA  A "C4'" 1 
ATOM 271 O "O4'" . DA  A 1 14 ? -7.140  -20.823 -18.497 1.00 74.27 ? 15  DA  A "O4'" 1 
ATOM 272 C "C3'" . DA  A 1 14 ? -7.475  -19.358 -20.346 1.00 77.03 ? 15  DA  A "C3'" 1 
ATOM 273 O "O3'" . DA  A 1 14 ? -7.198  -20.155 -21.501 1.00 88.23 ? 15  DA  A "O3'" 1 
ATOM 274 C "C2'" . DA  A 1 14 ? -8.798  -19.881 -19.837 1.00 75.15 ? 15  DA  A "C2'" 1 
ATOM 275 C "C1'" . DA  A 1 14 ? -8.365  -21.152 -19.123 1.00 61.18 ? 15  DA  A "C1'" 1 
ATOM 276 N N9    . DA  A 1 14 ? -9.330  -21.554 -18.104 1.00 48.51 ? 15  DA  A N9    1 
ATOM 277 C C8    . DA  A 1 14 ? -9.771  -20.815 -17.039 1.00 45.37 ? 15  DA  A C8    1 
ATOM 278 N N7    . DA  A 1 14 ? -10.770 -21.367 -16.396 1.00 43.12 ? 15  DA  A N7    1 
ATOM 279 C C5    . DA  A 1 14 ? -10.970 -22.567 -17.055 1.00 37.17 ? 15  DA  A C5    1 
ATOM 280 C C6    . DA  A 1 14 ? -11.883 -23.609 -16.848 1.00 39.34 ? 15  DA  A C6    1 
ATOM 281 N N6    . DA  A 1 14 ? -12.813 -23.583 -15.894 1.00 43.62 ? 15  DA  A N6    1 
ATOM 282 N N1    . DA  A 1 14 ? -11.811 -24.688 -17.661 1.00 37.37 ? 15  DA  A N1    1 
ATOM 283 C C2    . DA  A 1 14 ? -10.868 -24.698 -18.614 1.00 46.42 ? 15  DA  A C2    1 
ATOM 284 N N3    . DA  A 1 14 ? -9.946  -23.765 -18.908 1.00 46.35 ? 15  DA  A N3    1 
ATOM 285 C C4    . DA  A 1 14 ? -10.060 -22.714 -18.082 1.00 40.87 ? 15  DA  A C4    1 
ATOM 286 O "O5'" . DA  B 2 1  ? 0.349   0.676   -24.822 1.00 91.62 ? 16  DA  B "O5'" 1 
ATOM 287 C "C5'" . DA  B 2 1  ? -0.081  0.651   -23.460 1.00 69.37 ? 16  DA  B "C5'" 1 
ATOM 288 C "C4'" . DA  B 2 1  ? -1.440  1.288   -23.301 1.00 62.90 ? 16  DA  B "C4'" 1 
ATOM 289 O "O4'" . DA  B 2 1  ? -2.326  0.538   -24.148 1.00 55.75 ? 16  DA  B "O4'" 1 
ATOM 290 C "C3'" A DA  B 2 1  ? -2.273  1.422   -22.029 0.50 61.74 ? 16  DA  B "C3'" 1 
ATOM 291 C "C3'" B DA  B 2 1  ? -1.724  0.912   -21.837 0.50 61.92 ? 16  DA  B "C3'" 1 
ATOM 292 O "O3'" A DA  B 2 1  ? -3.228  2.501   -22.186 0.50 56.21 ? 16  DA  B "O3'" 1 
ATOM 293 O "O3'" B DA  B 2 1  ? -1.560  1.948   -20.791 0.50 58.13 ? 16  DA  B "O3'" 1 
ATOM 294 C "C2'" . DA  B 2 1  ? -2.999  0.094   -21.903 1.00 60.76 ? 16  DA  B "C2'" 1 
ATOM 295 C "C1'" . DA  B 2 1  ? -3.207  -0.264  -23.380 1.00 50.22 ? 16  DA  B "C1'" 1 
ATOM 296 N N9    . DA  B 2 1  ? -2.781  -1.641  -23.601 1.00 37.98 ? 16  DA  B N9    1 
ATOM 297 C C8    . DA  B 2 1  ? -1.658  -2.056  -24.279 1.00 35.13 ? 16  DA  B C8    1 
ATOM 298 N N7    . DA  B 2 1  ? -1.491  -3.355  -24.272 1.00 31.01 ? 16  DA  B N7    1 
ATOM 299 C C5    . DA  B 2 1  ? -2.579  -3.824  -23.553 1.00 23.45 ? 16  DA  B C5    1 
ATOM 300 C C6    . DA  B 2 1  ? -2.968  -5.099  -23.199 1.00 21.58 ? 16  DA  B C6    1 
ATOM 301 N N6    . DA  B 2 1  ? -2.276  -6.179  -23.525 1.00 29.06 ? 16  DA  B N6    1 
ATOM 302 N N1    . DA  B 2 1  ? -4.101  -5.238  -22.488 1.00 27.26 ? 16  DA  B N1    1 
ATOM 303 C C2    . DA  B 2 1  ? -4.789  -4.133  -22.160 1.00 32.41 ? 16  DA  B C2    1 
ATOM 304 N N3    . DA  B 2 1  ? -4.518  -2.869  -22.435 1.00 27.57 ? 16  DA  B N3    1 
ATOM 305 C C4    . DA  B 2 1  ? -3.386  -2.783  -23.143 1.00 26.51 ? 16  DA  B C4    1 
ATOM 306 P P     A DT  B 2 2  ? -3.950  3.128   -20.887 0.50 60.72 ? 17  DT  B P     1 
ATOM 307 P P     B DT  B 2 2  ? -0.407  1.773   -19.676 0.50 57.48 ? 17  DT  B P     1 
ATOM 308 O OP1   A DT  B 2 2  ? -5.189  3.845   -21.309 0.50 56.77 ? 17  DT  B OP1   1 
ATOM 309 O OP1   B DT  B 2 2  ? 0.005   3.128   -19.235 0.50 59.36 ? 17  DT  B OP1   1 
ATOM 310 O OP2   A DT  B 2 2  ? -2.908  3.849   -20.097 0.50 50.76 ? 17  DT  B OP2   1 
ATOM 311 O OP2   B DT  B 2 2  ? 0.606   0.848   -20.244 0.50 49.72 ? 17  DT  B OP2   1 
ATOM 312 O "O5'" A DT  B 2 2  ? -4.381  1.856   -20.038 0.50 45.83 ? 17  DT  B "O5'" 1 
ATOM 313 O "O5'" B DT  B 2 2  ? -1.131  1.031   -18.462 0.50 48.62 ? 17  DT  B "O5'" 1 
ATOM 314 C "C5'" A DT  B 2 2  ? -3.856  1.682   -18.743 0.50 49.90 ? 17  DT  B "C5'" 1 
ATOM 315 C "C5'" B DT  B 2 2  ? -1.878  -0.158  -18.686 0.50 43.01 ? 17  DT  B "C5'" 1 
ATOM 316 C "C4'" A DT  B 2 2  ? -4.209  0.295   -18.187 0.50 56.32 ? 17  DT  B "C4'" 1 
ATOM 317 C "C4'" B DT  B 2 2  ? -3.335  0.054   -18.302 0.50 53.02 ? 17  DT  B "C4'" 1 
ATOM 318 O "O4'" . DT  B 2 2  ? -4.157  -0.866  -19.051 1.00 51.46 ? 17  DT  B "O4'" 1 
ATOM 319 C "C3'" . DT  B 2 2  ? -3.649  -0.195  -16.831 1.00 60.10 ? 17  DT  B "C3'" 1 
ATOM 320 O "O3'" . DT  B 2 2  ? -4.698  0.381   -16.053 1.00 59.14 ? 17  DT  B "O3'" 1 
ATOM 321 C "C2'" . DT  B 2 2  ? -3.789  -1.709  -16.857 1.00 51.47 ? 17  DT  B "C2'" 1 
ATOM 322 C "C1'" . DT  B 2 2  ? -4.401  -2.019  -18.229 1.00 39.97 ? 17  DT  B "C1'" 1 
ATOM 323 N N1    . DT  B 2 2  ? -3.700  -3.154  -18.836 1.00 30.26 ? 17  DT  B N1    1 
ATOM 324 C C2    . DT  B 2 2  ? -4.178  -4.428  -18.619 1.00 32.19 ? 17  DT  B C2    1 
ATOM 325 O O2    . DT  B 2 2  ? -5.163  -4.676  -17.956 1.00 42.02 ? 17  DT  B O2    1 
ATOM 326 N N3    . DT  B 2 2  ? -3.455  -5.414  -19.215 1.00 30.27 ? 17  DT  B N3    1 
ATOM 327 C C4    . DT  B 2 2  ? -2.334  -5.266  -19.995 1.00 34.78 ? 17  DT  B C4    1 
ATOM 328 O O4    . DT  B 2 2  ? -1.800  -6.251  -20.482 1.00 36.96 ? 17  DT  B O4    1 
ATOM 329 C C5    . DT  B 2 2  ? -1.885  -3.908  -20.181 1.00 32.14 ? 17  DT  B C5    1 
ATOM 330 C C7    . DT  B 2 2  ? -0.671  -3.661  -21.013 1.00 31.86 ? 17  DT  B C7    1 
ATOM 331 C C6    . DT  B 2 2  ? -2.583  -2.931  -19.598 1.00 24.57 ? 17  DT  B C6    1 
ATOM 332 P P     . DC  B 2 3  ? -4.586  0.328   -14.459 1.00 68.85 ? 18  DC  B P     1 
ATOM 333 O OP1   . DC  B 2 3  ? -5.701  1.163   -13.884 1.00 50.85 ? 18  DC  B OP1   1 
ATOM 334 O OP2   . DC  B 2 3  ? -3.143  0.638   -14.128 1.00 64.18 ? 18  DC  B OP2   1 
ATOM 335 O "O5'" . DC  B 2 3  ? -4.885  -1.200  -14.111 1.00 46.35 ? 18  DC  B "O5'" 1 
ATOM 336 C "C5'" . DC  B 2 3  ? -6.232  -1.614  -14.033 1.00 50.43 ? 18  DC  B "C5'" 1 
ATOM 337 C "C4'" . DC  B 2 3  ? -6.310  -3.044  -13.573 1.00 48.59 ? 18  DC  B "C4'" 1 
ATOM 338 O "O4'" . DC  B 2 3  ? -5.554  -3.862  -14.509 1.00 47.50 ? 18  DC  B "O4'" 1 
ATOM 339 C "C3'" . DC  B 2 3  ? -5.691  -3.283  -12.200 1.00 52.64 ? 18  DC  B "C3'" 1 
ATOM 340 O "O3'" . DC  B 2 3  ? -6.571  -4.113  -11.423 1.00 49.33 ? 18  DC  B "O3'" 1 
ATOM 341 C "C2'" . DC  B 2 3  ? -4.371  -3.977  -12.525 1.00 50.63 ? 18  DC  B "C2'" 1 
ATOM 342 C "C1'" . DC  B 2 3  ? -4.733  -4.746  -13.787 1.00 41.93 ? 18  DC  B "C1'" 1 
ATOM 343 N N1    . DC  B 2 3  ? -3.653  -5.188  -14.680 1.00 35.06 ? 18  DC  B N1    1 
ATOM 344 C C2    . DC  B 2 3  ? -3.485  -6.553  -14.889 1.00 41.62 ? 18  DC  B C2    1 
ATOM 345 O O2    . DC  B 2 3  ? -4.217  -7.330  -14.277 1.00 54.57 ? 18  DC  B O2    1 
ATOM 346 N N3    . DC  B 2 3  ? -2.533  -6.996  -15.752 1.00 33.73 ? 18  DC  B N3    1 
ATOM 347 C C4    . DC  B 2 3  ? -1.768  -6.113  -16.393 1.00 39.59 ? 18  DC  B C4    1 
ATOM 348 N N4    . DC  B 2 3  ? -0.877  -6.571  -17.270 1.00 39.13 ? 18  DC  B N4    1 
ATOM 349 C C5    . DC  B 2 3  ? -1.893  -4.709  -16.174 1.00 40.51 ? 18  DC  B C5    1 
ATOM 350 C C6    . DC  B 2 3  ? -2.846  -4.294  -15.313 1.00 39.76 ? 18  DC  B C6    1 
ATOM 351 P P     . DT  B 2 4  ? -6.358  -4.222  -9.822  1.00 62.37 ? 19  DT  B P     1 
ATOM 352 O OP1   . DT  B 2 4  ? -7.660  -3.917  -9.156  1.00 64.67 ? 19  DT  B OP1   1 
ATOM 353 O OP2   . DT  B 2 4  ? -5.146  -3.403  -9.470  1.00 44.74 ? 19  DT  B OP2   1 
ATOM 354 O "O5'" . DT  B 2 4  ? -6.077  -5.777  -9.616  1.00 37.34 ? 19  DT  B "O5'" 1 
ATOM 355 C "C5'" . DT  B 2 4  ? -5.276  -6.479  -10.557 1.00 38.51 ? 19  DT  B "C5'" 1 
ATOM 356 C "C4'" . DT  B 2 4  ? -5.237  -7.951  -10.224 1.00 40.33 ? 19  DT  B "C4'" 1 
ATOM 357 O "O4'" . DT  B 2 4  ? -4.453  -8.580  -11.263 1.00 41.88 ? 19  DT  B "O4'" 1 
ATOM 358 C "C3'" . DT  B 2 4  ? -4.528  -8.267  -8.907  1.00 47.09 ? 19  DT  B "C3'" 1 
ATOM 359 O "O3'" . DT  B 2 4  ? -5.133  -9.339  -8.172  1.00 52.11 ? 19  DT  B "O3'" 1 
ATOM 360 C "C2'" . DT  B 2 4  ? -3.105  -8.618  -9.309  1.00 44.86 ? 19  DT  B "C2'" 1 
ATOM 361 C "C1'" . DT  B 2 4  ? -3.207  -9.054  -10.762 1.00 39.62 ? 19  DT  B "C1'" 1 
ATOM 362 N N1    . DT  B 2 4  ? -2.150  -8.489  -11.622 1.00 22.81 ? 19  DT  B N1    1 
ATOM 363 C C2    . DT  B 2 4  ? -1.348  -9.366  -12.328 1.00 32.45 ? 19  DT  B C2    1 
ATOM 364 O O2    . DT  B 2 4  ? -1.435  -10.588 -12.228 1.00 38.75 ? 19  DT  B O2    1 
ATOM 365 N N3    . DT  B 2 4  ? -0.422  -8.765  -13.149 1.00 26.72 ? 19  DT  B N3    1 
ATOM 366 C C4    . DT  B 2 4  ? -0.210  -7.421  -13.295 1.00 26.70 ? 19  DT  B C4    1 
ATOM 367 O O4    . DT  B 2 4  ? 0.644   -7.022  -14.067 1.00 35.58 ? 19  DT  B O4    1 
ATOM 368 C C5    . DT  B 2 4  ? -1.055  -6.568  -12.501 1.00 21.11 ? 19  DT  B C5    1 
ATOM 369 C C7    . DT  B 2 4  ? -0.850  -5.090  -12.587 1.00 21.33 ? 19  DT  B C7    1 
ATOM 370 C C6    . DT  B 2 4  ? -1.982  -7.133  -11.722 1.00 16.57 ? 19  DT  B C6    1 
ATOM 371 P P     . DT  B 2 5  ? -4.497  -9.758  -6.751  1.00 48.56 ? 20  DT  B P     1 
ATOM 372 O OP1   . DT  B 2 5  ? -5.522  -10.352 -5.837  1.00 37.70 ? 20  DT  B OP1   1 
ATOM 373 O OP2   . DT  B 2 5  ? -3.751  -8.545  -6.326  1.00 43.17 ? 20  DT  B OP2   1 
ATOM 374 O "O5'" . DT  B 2 5  ? -3.450  -10.880 -7.167  1.00 41.79 ? 20  DT  B "O5'" 1 
ATOM 375 C "C5'" . DT  B 2 5  ? -3.817  -11.901 -8.083  1.00 53.27 ? 20  DT  B "C5'" 1 
ATOM 376 C "C4'" . DT  B 2 5  ? -2.634  -12.789 -8.402  1.00 54.69 ? 20  DT  B "C4'" 1 
ATOM 377 O "O4'" . DT  B 2 5  ? -1.820  -12.187 -9.442  1.00 53.78 ? 20  DT  B "O4'" 1 
ATOM 378 C "C3'" . DT  B 2 5  ? -1.700  -13.076 -7.225  1.00 56.55 ? 20  DT  B "C3'" 1 
ATOM 379 O "O3'" . DT  B 2 5  ? -1.412  -14.472 -7.110  1.00 74.27 ? 20  DT  B "O3'" 1 
ATOM 380 C "C2'" . DT  B 2 5  ? -0.439  -12.309 -7.578  1.00 50.39 ? 20  DT  B "C2'" 1 
ATOM 381 C "C1'" . DT  B 2 5  ? -0.460  -12.300 -9.094  1.00 41.90 ? 20  DT  B "C1'" 1 
ATOM 382 N N1    . DT  B 2 5  ? 0.255   -11.158 -9.693  1.00 38.41 ? 20  DT  B N1    1 
ATOM 383 C C2    . DT  B 2 5  ? 1.052   -11.389 -10.781 1.00 44.72 ? 20  DT  B C2    1 
ATOM 384 O O2    . DT  B 2 5  ? 1.181   -12.490 -11.279 1.00 55.20 ? 20  DT  B O2    1 
ATOM 385 N N3    . DT  B 2 5  ? 1.696   -10.282 -11.274 1.00 43.31 ? 20  DT  B N3    1 
ATOM 386 C C4    . DT  B 2 5  ? 1.600   -8.989  -10.799 1.00 46.12 ? 20  DT  B C4    1 
ATOM 387 O O4    . DT  B 2 5  ? 2.190   -8.067  -11.373 1.00 47.00 ? 20  DT  B O4    1 
ATOM 388 C C5    . DT  B 2 5  ? 0.765   -8.828  -9.641  1.00 43.95 ? 20  DT  B C5    1 
ATOM 389 C C7    . DT  B 2 5  ? 0.653   -7.470  -9.018  1.00 43.44 ? 20  DT  B C7    1 
ATOM 390 C C6    . DT  B 2 5  ? 0.132   -9.905  -9.162  1.00 37.60 ? 20  DT  B C6    1 
ATOM 391 P P     . DA  B 2 6  ? -0.984  -15.089 -5.675  1.00 80.11 ? 21  DA  B P     1 
ATOM 392 O OP1   . DA  B 2 6  ? -2.014  -16.071 -5.238  1.00 80.40 ? 21  DA  B OP1   1 
ATOM 393 O OP2   . DA  B 2 6  ? -0.620  -13.975 -4.765  1.00 80.01 ? 21  DA  B OP2   1 
ATOM 394 O "O5'" . DA  B 2 6  ? 0.333   -15.913 -6.034  1.00 74.41 ? 21  DA  B "O5'" 1 
ATOM 395 C "C5'" . DA  B 2 6  ? 0.281   -16.956 -7.004  1.00 65.56 ? 21  DA  B "C5'" 1 
ATOM 396 C "C4'" . DA  B 2 6  ? 1.624   -17.139 -7.674  1.00 58.41 ? 21  DA  B "C4'" 1 
ATOM 397 O "O4'" . DA  B 2 6  ? 2.012   -15.899 -8.308  1.00 54.22 ? 21  DA  B "O4'" 1 
ATOM 398 C "C3'" . DA  B 2 6  ? 2.790   -17.542 -6.771  1.00 63.39 ? 21  DA  B "C3'" 1 
ATOM 399 O "O3'" . DA  B 2 6  ? 3.536   -18.609 -7.382  1.00 71.01 ? 21  DA  B "O3'" 1 
ATOM 400 C "C2'" . DA  B 2 6  ? 3.616   -16.269 -6.652  1.00 56.33 ? 21  DA  B "C2'" 1 
ATOM 401 C "C1'" . DA  B 2 6  ? 3.342   -15.556 -7.961  1.00 45.32 ? 21  DA  B "C1'" 1 
ATOM 402 N N9    . DA  B 2 6  ? 3.411   -14.094 -7.882  1.00 36.15 ? 21  DA  B N9    1 
ATOM 403 C C8    . DA  B 2 6  ? 2.745   -13.286 -6.984  1.00 32.12 ? 21  DA  B C8    1 
ATOM 404 N N7    . DA  B 2 6  ? 2.970   -12.001 -7.166  1.00 36.37 ? 21  DA  B N7    1 
ATOM 405 C C5    . DA  B 2 6  ? 3.839   -11.962 -8.259  1.00 26.93 ? 21  DA  B C5    1 
ATOM 406 C C6    . DA  B 2 6  ? 4.447   -10.887 -8.953  1.00 20.60 ? 21  DA  B C6    1 
ATOM 407 N N6    . DA  B 2 6  ? 4.221   -9.617  -8.658  1.00 26.25 ? 21  DA  B N6    1 
ATOM 408 N N1    . DA  B 2 6  ? 5.289   -11.171 -9.970  1.00 18.40 ? 21  DA  B N1    1 
ATOM 409 C C2    . DA  B 2 6  ? 5.486   -12.454 -10.272 1.00 28.59 ? 21  DA  B C2    1 
ATOM 410 N N3    . DA  B 2 6  ? 4.960   -13.563 -9.698  1.00 32.90 ? 21  DA  B N3    1 
ATOM 411 C C4    . DA  B 2 6  ? 4.135   -13.241 -8.693  1.00 25.24 ? 21  DA  B C4    1 
ATOM 412 P P     . DT  B 2 7  ? 4.806   -19.250 -6.618  1.00 75.31 ? 22  DT  B P     1 
ATOM 413 O OP1   . DT  B 2 7  ? 4.833   -20.701 -6.923  1.00 68.86 ? 22  DT  B OP1   1 
ATOM 414 O OP2   . DT  B 2 7  ? 4.759   -18.809 -5.199  1.00 74.17 ? 22  DT  B OP2   1 
ATOM 415 O "O5'" . DT  B 2 7  ? 6.046   -18.561 -7.355  1.00 57.68 ? 22  DT  B "O5'" 1 
ATOM 416 C "C5'" . DT  B 2 7  ? 6.098   -18.531 -8.778  1.00 56.28 ? 22  DT  B "C5'" 1 
ATOM 417 C "C4'" . DT  B 2 7  ? 7.330   -17.794 -9.248  1.00 66.30 ? 22  DT  B "C4'" 1 
ATOM 418 O "O4'" . DT  B 2 7  ? 7.164   -16.350 -9.174  1.00 63.72 ? 22  DT  B "O4'" 1 
ATOM 419 C "C3'" . DT  B 2 7  ? 8.602   -18.120 -8.467  1.00 69.26 ? 22  DT  B "C3'" 1 
ATOM 420 O "O3'" . DT  B 2 7  ? 9.732   -18.203 -9.358  1.00 78.39 ? 22  DT  B "O3'" 1 
ATOM 421 C "C2'" . DT  B 2 7  ? 8.742   -16.914 -7.559  1.00 62.50 ? 22  DT  B "C2'" 1 
ATOM 422 C "C1'" . DT  B 2 7  ? 8.249   -15.788 -8.453  1.00 50.57 ? 22  DT  B "C1'" 1 
ATOM 423 N N1    . DT  B 2 7  ? 7.744   -14.613 -7.716  1.00 40.89 ? 22  DT  B N1    1 
ATOM 424 C C2    . DT  B 2 7  ? 8.085   -13.324 -8.146  1.00 40.16 ? 22  DT  B C2    1 
ATOM 425 O O2    . DT  B 2 7  ? 8.789   -13.091 -9.125  1.00 36.37 ? 22  DT  B O2    1 
ATOM 426 N N3    . DT  B 2 7  ? 7.560   -12.307 -7.379  1.00 34.28 ? 22  DT  B N3    1 
ATOM 427 C C4    . DT  B 2 7  ? 6.750   -12.445 -6.266  1.00 35.88 ? 22  DT  B C4    1 
ATOM 428 O O4    . DT  B 2 7  ? 6.341   -11.441 -5.680  1.00 39.78 ? 22  DT  B O4    1 
ATOM 429 C C5    . DT  B 2 7  ? 6.442   -13.814 -5.879  1.00 34.32 ? 22  DT  B C5    1 
ATOM 430 C C7    . DT  B 2 7  ? 5.576   -14.047 -4.683  1.00 30.83 ? 22  DT  B C7    1 
ATOM 431 C C6    . DT  B 2 7  ? 6.945   -14.809 -6.613  1.00 29.85 ? 22  DT  B C6    1 
ATOM 432 P P     . DA  B 2 8  ? 10.733  -19.469 -9.280  1.00 81.06 ? 23  DA  B P     1 
ATOM 433 O OP1   . DA  B 2 8  ? 9.991   -20.666 -9.752  1.00 62.88 ? 23  DA  B OP1   1 
ATOM 434 O OP2   . DA  B 2 8  ? 11.406  -19.493 -7.942  1.00 73.64 ? 23  DA  B OP2   1 
ATOM 435 O "O5'" . DA  B 2 8  ? 11.846  -19.111 -10.353 1.00 77.29 ? 23  DA  B "O5'" 1 
ATOM 436 C "C5'" . DA  B 2 8  ? 11.676  -18.006 -11.231 1.00 79.70 ? 23  DA  B "C5'" 1 
ATOM 437 C "C4'" . DA  B 2 8  ? 12.571  -16.861 -10.813 1.00 79.25 ? 23  DA  B "C4'" 1 
ATOM 438 O "O4'" . DA  B 2 8  ? 11.926  -15.982 -9.860  1.00 75.83 ? 23  DA  B "O4'" 1 
ATOM 439 C "C3'" . DA  B 2 8  ? 13.923  -17.233 -10.199 1.00 81.68 ? 23  DA  B "C3'" 1 
ATOM 440 O "O3'" . DA  B 2 8  ? 14.919  -16.366 -10.751 1.00 85.27 ? 23  DA  B "O3'" 1 
ATOM 441 C "C2'" . DA  B 2 8  ? 13.730  -16.916 -8.723  1.00 73.16 ? 23  DA  B "C2'" 1 
ATOM 442 C "C1'" . DA  B 2 8  ? 12.841  -15.685 -8.811  1.00 67.67 ? 23  DA  B "C1'" 1 
ATOM 443 N N9    . DA  B 2 8  ? 12.048  -15.355 -7.627  1.00 57.70 ? 23  DA  B N9    1 
ATOM 444 C C8    . DA  B 2 8  ? 11.460  -16.217 -6.727  1.00 56.83 ? 23  DA  B C8    1 
ATOM 445 N N7    . DA  B 2 8  ? 10.690  -15.617 -5.851  1.00 52.27 ? 23  DA  B N7    1 
ATOM 446 C C5    . DA  B 2 8  ? 10.807  -14.269 -6.175  1.00 46.05 ? 23  DA  B C5    1 
ATOM 447 C C6    . DA  B 2 8  ? 10.216  -13.118 -5.634  1.00 46.46 ? 23  DA  B C6    1 
ATOM 448 N N6    . DA  B 2 8  ? 9.342   -13.150 -4.617  1.00 41.59 ? 23  DA  B N6    1 
ATOM 449 N N1    . DA  B 2 8  ? 10.550  -11.922 -6.181  1.00 43.74 ? 23  DA  B N1    1 
ATOM 450 C C2    . DA  B 2 8  ? 11.427  -11.907 -7.196  1.00 40.66 ? 23  DA  B C2    1 
ATOM 451 N N3    . DA  B 2 8  ? 12.044  -12.927 -7.792  1.00 41.85 ? 23  DA  B N3    1 
ATOM 452 C C4    . DA  B 2 8  ? 11.675  -14.092 -7.235  1.00 44.11 ? 23  DA  B C4    1 
ATOM 453 P P     . DA  B 2 9  ? 16.475  -16.730 -10.596 1.00 87.39 ? 24  DA  B P     1 
ATOM 454 O OP1   . DA  B 2 9  ? 16.999  -17.102 -11.939 1.00 84.92 ? 24  DA  B OP1   1 
ATOM 455 O OP2   . DA  B 2 9  ? 16.634  -17.676 -9.449  1.00 80.41 ? 24  DA  B OP2   1 
ATOM 456 O "O5'" . DA  B 2 9  ? 17.121  -15.321 -10.228 1.00 82.70 ? 24  DA  B "O5'" 1 
ATOM 457 C "C5'" . DA  B 2 9  ? 16.977  -14.217 -11.112 1.00 76.40 ? 24  DA  B "C5'" 1 
ATOM 458 C "C4'" . DA  B 2 9  ? 17.332  -12.927 -10.412 1.00 73.88 ? 24  DA  B "C4'" 1 
ATOM 459 O "O4'" . DA  B 2 9  ? 16.352  -12.612 -9.394  1.00 74.78 ? 24  DA  B "O4'" 1 
ATOM 460 C "C3'" . DA  B 2 9  ? 18.690  -12.890 -9.724  1.00 67.82 ? 24  DA  B "C3'" 1 
ATOM 461 O "O3'" . DA  B 2 9  ? 19.305  -11.637 -10.034 1.00 71.80 ? 24  DA  B "O3'" 1 
ATOM 462 C "C2'" . DA  B 2 9  ? 18.351  -13.030 -8.246  1.00 61.83 ? 24  DA  B "C2'" 1 
ATOM 463 C "C1'" . DA  B 2 9  ? 16.961  -12.413 -8.127  1.00 62.76 ? 24  DA  B "C1'" 1 
ATOM 464 N N9    . DA  B 2 9  ? 16.074  -13.025 -7.123  1.00 61.43 ? 24  DA  B N9    1 
ATOM 465 C C8    . DA  B 2 9  ? 15.946  -14.368 -6.855  1.00 64.49 ? 24  DA  B C8    1 
ATOM 466 N N7    . DA  B 2 9  ? 15.063  -14.646 -5.921  1.00 61.67 ? 24  DA  B N7    1 
ATOM 467 C C5    . DA  B 2 9  ? 14.575  -13.404 -5.545  1.00 62.64 ? 24  DA  B C5    1 
ATOM 468 C C6    . DA  B 2 9  ? 13.611  -13.020 -4.589  1.00 62.53 ? 24  DA  B C6    1 
ATOM 469 N N6    . DA  B 2 9  ? 12.955  -13.884 -3.813  1.00 62.07 ? 24  DA  B N6    1 
ATOM 470 N N1    . DA  B 2 9  ? 13.345  -11.703 -4.456  1.00 58.00 ? 24  DA  B N1    1 
ATOM 471 C C2    . DA  B 2 9  ? 14.011  -10.840 -5.234  1.00 61.91 ? 24  DA  B C2    1 
ATOM 472 N N3    . DA  B 2 9  ? 14.944  -11.078 -6.165  1.00 62.79 ? 24  DA  B N3    1 
ATOM 473 C C4    . DA  B 2 9  ? 15.187  -12.395 -6.273  1.00 60.91 ? 24  DA  B C4    1 
ATOM 474 P P     . DA  B 2 10 ? 20.718  -11.259 -9.370  1.00 74.47 ? 25  DA  B P     1 
ATOM 475 O OP1   . DA  B 2 10 ? 21.467  -10.350 -10.287 1.00 68.94 ? 25  DA  B OP1   1 
ATOM 476 O OP2   . DA  B 2 10 ? 21.338  -12.530 -8.913  1.00 70.50 ? 25  DA  B OP2   1 
ATOM 477 O "O5'" . DA  B 2 10 ? 20.304  -10.386 -8.104  1.00 69.86 ? 25  DA  B "O5'" 1 
ATOM 478 C "C5'" . DA  B 2 10 ? 19.745  -9.084  -8.281  1.00 60.86 ? 25  DA  B "C5'" 1 
ATOM 479 C "C4'" . DA  B 2 10 ? 19.435  -8.467  -6.940  1.00 55.18 ? 25  DA  B "C4'" 1 
ATOM 480 O "O4'" . DA  B 2 10 ? 18.426  -9.266  -6.273  1.00 56.06 ? 25  DA  B "O4'" 1 
ATOM 481 C "C3'" . DA  B 2 10 ? 20.634  -8.423  -5.990  1.00 57.05 ? 25  DA  B "C3'" 1 
ATOM 482 O "O3'" . DA  B 2 10 ? 20.609  -7.202  -5.268  1.00 58.59 ? 25  DA  B "O3'" 1 
ATOM 483 C "C2'" . DA  B 2 10 ? 20.379  -9.570  -5.035  1.00 54.81 ? 25  DA  B "C2'" 1 
ATOM 484 C "C1'" . DA  B 2 10 ? 18.865  -9.534  -4.953  1.00 59.34 ? 25  DA  B "C1'" 1 
ATOM 485 N N9    . DA  B 2 10 ? 18.235  -10.769 -4.481  1.00 48.67 ? 25  DA  B N9    1 
ATOM 486 C C8    . DA  B 2 10 ? 18.503  -12.070 -4.826  1.00 46.64 ? 25  DA  B C8    1 
ATOM 487 N N7    . DA  B 2 10 ? 17.785  -12.948 -4.167  1.00 42.87 ? 25  DA  B N7    1 
ATOM 488 C C5    . DA  B 2 10 ? 16.980  -12.175 -3.348  1.00 33.88 ? 25  DA  B C5    1 
ATOM 489 C C6    . DA  B 2 10 ? 16.014  -12.506 -2.404  1.00 30.42 ? 25  DA  B C6    1 
ATOM 490 N N6    . DA  B 2 10 ? 15.666  -13.752 -2.112  1.00 30.21 ? 25  DA  B N6    1 
ATOM 491 N N1    . DA  B 2 10 ? 15.405  -11.496 -1.751  1.00 31.61 ? 25  DA  B N1    1 
ATOM 492 C C2    . DA  B 2 10 ? 15.763  -10.245 -2.038  1.00 32.30 ? 25  DA  B C2    1 
ATOM 493 N N3    . DA  B 2 10 ? 16.663  -9.803  -2.905  1.00 29.35 ? 25  DA  B N3    1 
ATOM 494 C C4    . DA  B 2 10 ? 17.241  -10.831 -3.536  1.00 39.98 ? 25  DA  B C4    1 
ATOM 495 P P     . DA  B 2 11 ? 21.727  -6.093  -5.578  1.00 72.89 ? 26  DA  B P     1 
ATOM 496 O OP1   . DA  B 2 11 ? 21.695  -5.823  -7.043  1.00 62.23 ? 26  DA  B OP1   1 
ATOM 497 O OP2   . DA  B 2 11 ? 22.994  -6.572  -4.930  1.00 66.81 ? 26  DA  B OP2   1 
ATOM 498 O "O5'" . DA  B 2 11 ? 21.217  -4.784  -4.821  1.00 62.90 ? 26  DA  B "O5'" 1 
ATOM 499 C "C5'" . DA  B 2 11 ? 19.863  -4.381  -4.904  1.00 55.31 ? 26  DA  B "C5'" 1 
ATOM 500 C "C4'" . DA  B 2 11 ? 19.190  -4.519  -3.558  1.00 47.77 ? 26  DA  B "C4'" 1 
ATOM 501 O "O4'" . DA  B 2 11 ? 18.967  -5.902  -3.171  1.00 52.34 ? 26  DA  B "O4'" 1 
ATOM 502 C "C3'" . DA  B 2 11 ? 19.906  -3.879  -2.371  1.00 44.53 ? 26  DA  B "C3'" 1 
ATOM 503 O "O3'" . DA  B 2 11 ? 18.950  -3.107  -1.686  1.00 45.54 ? 26  DA  B "O3'" 1 
ATOM 504 C "C2'" . DA  B 2 11 ? 20.261  -5.057  -1.471  1.00 41.99 ? 26  DA  B "C2'" 1 
ATOM 505 C "C1'" . DA  B 2 11 ? 19.107  -5.984  -1.752  1.00 37.42 ? 26  DA  B "C1'" 1 
ATOM 506 N N9    . DA  B 2 11 ? 19.233  -7.401  -1.388  1.00 33.87 ? 26  DA  B N9    1 
ATOM 507 C C8    . DA  B 2 11 ? 20.085  -8.314  -1.936  1.00 37.51 ? 26  DA  B C8    1 
ATOM 508 N N7    . DA  B 2 11 ? 19.894  -9.543  -1.511  1.00 33.99 ? 26  DA  B N7    1 
ATOM 509 C C5    . DA  B 2 11 ? 18.872  -9.424  -0.593  1.00 22.67 ? 26  DA  B C5    1 
ATOM 510 C C6    . DA  B 2 11 ? 18.207  -10.376 0.203   1.00 25.97 ? 26  DA  B C6    1 
ATOM 511 N N6    . DA  B 2 11 ? 18.500  -11.670 0.210   1.00 23.57 ? 26  DA  B N6    1 
ATOM 512 N N1    . DA  B 2 11 ? 17.217  -9.943  1.003   1.00 29.37 ? 26  DA  B N1    1 
ATOM 513 C C2    . DA  B 2 11 ? 16.928  -8.633  0.996   1.00 34.67 ? 26  DA  B C2    1 
ATOM 514 N N3    . DA  B 2 11 ? 17.491  -7.639  0.296   1.00 31.47 ? 26  DA  B N3    1 
ATOM 515 C C4    . DA  B 2 11 ? 18.466  -8.107  -0.488  1.00 25.36 ? 26  DA  B C4    1 
ATOM 516 P P     . DA  B 2 12 ? 19.396  -1.747  -1.001  1.00 54.01 ? 27  DA  B P     1 
ATOM 517 O OP1   . DA  B 2 12 ? 18.505  -0.654  -1.476  1.00 48.93 ? 27  DA  B OP1   1 
ATOM 518 O OP2   . DA  B 2 12 ? 20.869  -1.654  -1.210  1.00 54.12 ? 27  DA  B OP2   1 
ATOM 519 O "O5'" . DA  B 2 12 ? 19.089  -2.010  0.532   1.00 54.57 ? 27  DA  B "O5'" 1 
ATOM 520 C "C5'" . DA  B 2 12 ? 17.778  -2.365  0.943   1.00 56.56 ? 27  DA  B "C5'" 1 
ATOM 521 C "C4'" . DA  B 2 12 ? 17.826  -3.027  2.298   1.00 55.61 ? 27  DA  B "C4'" 1 
ATOM 522 O "O4'" . DA  B 2 12 ? 18.209  -4.422  2.215   1.00 52.94 ? 27  DA  B "O4'" 1 
ATOM 523 C "C3'" . DA  B 2 12 ? 18.817  -2.374  3.248   1.00 53.50 ? 27  DA  B "C3'" 1 
ATOM 524 O "O3'" . DA  B 2 12 ? 18.196  -2.329  4.532   1.00 60.13 ? 27  DA  B "O3'" 1 
ATOM 525 C "C2'" . DA  B 2 12 ? 20.011  -3.316  3.186   1.00 46.85 ? 27  DA  B "C2'" 1 
ATOM 526 C "C1'" . DA  B 2 12 ? 19.326  -4.665  3.044   1.00 41.48 ? 27  DA  B "C1'" 1 
ATOM 527 N N9    . DA  B 2 12 ? 20.098  -5.748  2.432   1.00 38.59 ? 27  DA  B N9    1 
ATOM 528 C C8    . DA  B 2 12 ? 21.065  -5.647  1.461   1.00 43.49 ? 27  DA  B C8    1 
ATOM 529 N N7    . DA  B 2 12 ? 21.533  -6.812  1.051   1.00 39.12 ? 27  DA  B N7    1 
ATOM 530 C C5    . DA  B 2 12 ? 20.835  -7.739  1.816   1.00 36.26 ? 27  DA  B C5    1 
ATOM 531 C C6    . DA  B 2 12 ? 20.860  -9.140  1.848   1.00 31.42 ? 27  DA  B C6    1 
ATOM 532 N N6    . DA  B 2 12 ? 21.605  -9.869  1.033   1.00 39.82 ? 27  DA  B N6    1 
ATOM 533 N N1    . DA  B 2 12 ? 20.074  -9.771  2.738   1.00 25.07 ? 27  DA  B N1    1 
ATOM 534 C C2    . DA  B 2 12 ? 19.291  -9.034  3.524   1.00 29.68 ? 27  DA  B C2    1 
ATOM 535 N N3    . DA  B 2 12 ? 19.156  -7.705  3.579   1.00 34.63 ? 27  DA  B N3    1 
ATOM 536 C C4    . DA  B 2 12 ? 19.967  -7.103  2.688   1.00 36.29 ? 27  DA  B C4    1 
ATOM 537 P P     . DA  B 2 13 ? 18.563  -1.151  5.555   1.00 77.49 ? 28  DA  B P     1 
ATOM 538 O OP1   . DA  B 2 13 ? 17.290  -0.550  6.056   1.00 70.31 ? 28  DA  B OP1   1 
ATOM 539 O OP2   . DA  B 2 13 ? 19.576  -0.291  4.887   1.00 67.95 ? 28  DA  B OP2   1 
ATOM 540 O "O5'" . DA  B 2 13 ? 19.274  -1.964  6.726   1.00 69.55 ? 28  DA  B "O5'" 1 
ATOM 541 C "C5'" . DA  B 2 13 ? 19.706  -3.293  6.469   1.00 66.21 ? 28  DA  B "C5'" 1 
ATOM 542 C "C4'" . DA  B 2 13 ? 19.444  -4.172  7.663   1.00 63.41 ? 28  DA  B "C4'" 1 
ATOM 543 O "O4'" . DA  B 2 13 ? 19.275  -5.527  7.179   1.00 64.00 ? 28  DA  B "O4'" 1 
ATOM 544 C "C3'" . DA  B 2 13 ? 20.600  -4.180  8.656   1.00 62.98 ? 28  DA  B "C3'" 1 
ATOM 545 O "O3'" . DA  B 2 13 ? 20.154  -3.999  10.001  1.00 66.06 ? 28  DA  B "O3'" 1 
ATOM 546 C "C2'" . DA  B 2 13 ? 21.284  -5.520  8.439   1.00 63.08 ? 28  DA  B "C2'" 1 
ATOM 547 C "C1'" . DA  B 2 13 ? 20.306  -6.386  7.631   1.00 55.52 ? 28  DA  B "C1'" 1 
ATOM 548 N N9    . DA  B 2 13 ? 20.974  -6.941  6.446   1.00 44.55 ? 28  DA  B N9    1 
ATOM 549 C C8    . DA  B 2 13 ? 21.547  -6.206  5.444   1.00 44.24 ? 28  DA  B C8    1 
ATOM 550 N N7    . DA  B 2 13 ? 22.247  -6.921  4.601   1.00 41.82 ? 28  DA  B N7    1 
ATOM 551 C C5    . DA  B 2 13 ? 22.092  -8.218  5.054   1.00 34.42 ? 28  DA  B C5    1 
ATOM 552 C C6    . DA  B 2 13 ? 22.614  -9.436  4.600   1.00 39.75 ? 28  DA  B C6    1 
ATOM 553 N N6    . DA  B 2 13 ? 23.480  -9.538  3.578   1.00 36.90 ? 28  DA  B N6    1 
ATOM 554 N N1    . DA  B 2 13 ? 22.229  -10.559 5.243   1.00 40.14 ? 28  DA  B N1    1 
ATOM 555 C C2    . DA  B 2 13 ? 21.399  -10.439 6.284   1.00 37.32 ? 28  DA  B C2    1 
ATOM 556 N N3    . DA  B 2 13 ? 20.868  -9.346  6.819   1.00 32.77 ? 28  DA  B N3    1 
ATOM 557 C C4    . DA  B 2 13 ? 21.261  -8.254  6.151   1.00 35.54 ? 28  DA  B C4    1 
ATOM 558 P P     . DC  B 2 14 ? 21.168  -3.386  11.101  1.00 69.45 ? 29  DC  B P     1 
ATOM 559 O OP1   . DC  B 2 14 ? 20.295  -2.917  12.215  1.00 59.04 ? 29  DC  B OP1   1 
ATOM 560 O OP2   . DC  B 2 14 ? 22.140  -2.432  10.468  1.00 56.77 ? 29  DC  B OP2   1 
ATOM 561 O "O5'" . DC  B 2 14 ? 21.988  -4.670  11.588  1.00 63.61 ? 29  DC  B "O5'" 1 
ATOM 562 C "C5'" . DC  B 2 14 ? 21.308  -5.801  12.122  1.00 53.30 ? 29  DC  B "C5'" 1 
ATOM 563 C "C4'" . DC  B 2 14 ? 22.257  -6.967  12.284  1.00 59.00 ? 29  DC  B "C4'" 1 
ATOM 564 O "O4'" . DC  B 2 14 ? 22.510  -7.630  11.019  1.00 52.09 ? 29  DC  B "O4'" 1 
ATOM 565 C "C3'" . DC  B 2 14 ? 23.627  -6.598  12.847  1.00 66.30 ? 29  DC  B "C3'" 1 
ATOM 566 O "O3'" . DC  B 2 14 ? 24.125  -7.682  13.676  1.00 86.37 ? 29  DC  B "O3'" 1 
ATOM 567 C "C2'" . DC  B 2 14 ? 24.485  -6.551  11.597  1.00 63.42 ? 29  DC  B "C2'" 1 
ATOM 568 C "C1'" . DC  B 2 14 ? 23.903  -7.715  10.818  1.00 58.06 ? 29  DC  B "C1'" 1 
ATOM 569 N N1    . DC  B 2 14 ? 24.172  -7.686  9.375   1.00 58.00 ? 29  DC  B N1    1 
ATOM 570 C C2    . DC  B 2 14 ? 24.305  -8.899  8.689   1.00 58.72 ? 29  DC  B C2    1 
ATOM 571 O O2    . DC  B 2 14 ? 24.057  -9.961  9.285   1.00 58.32 ? 29  DC  B O2    1 
ATOM 572 N N3    . DC  B 2 14 ? 24.688  -8.883  7.391   1.00 57.99 ? 29  DC  B N3    1 
ATOM 573 C C4    . DC  B 2 14 ? 24.908  -7.719  6.778   1.00 58.57 ? 29  DC  B C4    1 
ATOM 574 N N4    . DC  B 2 14 ? 25.371  -7.751  5.527   1.00 62.74 ? 29  DC  B N4    1 
ATOM 575 C C5    . DC  B 2 14 ? 24.691  -6.470  7.428   1.00 54.84 ? 29  DC  B C5    1 
ATOM 576 C C6    . DC  B 2 14 ? 24.332  -6.500  8.715   1.00 57.64 ? 29  DC  B C6    1 
ATOM 577 N N     . ARG C 3 2  ? 15.673  -8.059  6.427   1.00 71.13 ? 140 ARG C N     1 
ATOM 578 C CA    . ARG C 3 2  ? 15.458  -6.744  5.837   1.00 54.55 ? 140 ARG C CA    1 
ATOM 579 C C     . ARG C 3 2  ? 14.183  -6.115  6.373   1.00 45.01 ? 140 ARG C C     1 
ATOM 580 O O     . ARG C 3 2  ? 13.157  -6.758  6.482   1.00 47.38 ? 140 ARG C O     1 
ATOM 581 C CB    . ARG C 3 2  ? 15.380  -6.882  4.329   1.00 54.23 ? 140 ARG C CB    1 
ATOM 582 C CG    . ARG C 3 2  ? 15.120  -5.597  3.609   1.00 62.35 ? 140 ARG C CG    1 
ATOM 583 C CD    . ARG C 3 2  ? 15.206  -5.817  2.112   1.00 59.67 ? 140 ARG C CD    1 
ATOM 584 N NE    . ARG C 3 2  ? 14.664  -4.690  1.375   1.00 52.99 ? 140 ARG C NE    1 
ATOM 585 C CZ    . ARG C 3 2  ? 14.845  -4.500  0.079   1.00 62.35 ? 140 ARG C CZ    1 
ATOM 586 N NH1   . ARG C 3 2  ? 15.561  -5.370  -0.620  1.00 59.78 ? 140 ARG C NH1   1 
ATOM 587 N NH2   . ARG C 3 2  ? 14.304  -3.443  -0.518  1.00 71.25 ? 140 ARG C NH2   1 
ATOM 588 N N     . PRO C 3 3  ? 14.230  -4.833  6.706   1.00 42.89 ? 141 PRO C N     1 
ATOM 589 C CA    . PRO C 3 3  ? 13.053  -4.142  7.242   1.00 49.55 ? 141 PRO C CA    1 
ATOM 590 C C     . PRO C 3 3  ? 11.855  -4.054  6.281   1.00 51.79 ? 141 PRO C C     1 
ATOM 591 O O     . PRO C 3 3  ? 12.001  -3.555  5.164   1.00 45.69 ? 141 PRO C O     1 
ATOM 592 C CB    . PRO C 3 3  ? 13.601  -2.760  7.563   1.00 51.72 ? 141 PRO C CB    1 
ATOM 593 C CG    . PRO C 3 3  ? 14.619  -2.560  6.436   1.00 50.87 ? 141 PRO C CG    1 
ATOM 594 C CD    . PRO C 3 3  ? 15.332  -3.889  6.451   1.00 45.60 ? 141 PRO C CD    1 
ATOM 595 N N     . ARG C 3 4  ? 10.684  -4.518  6.729   1.00 47.94 ? 142 ARG C N     1 
ATOM 596 C CA    . ARG C 3 4  ? 9.476   -4.454  5.922   1.00 49.29 ? 142 ARG C CA    1 
ATOM 597 C C     . ARG C 3 4  ? 9.462   -3.112  5.221   1.00 56.42 ? 142 ARG C C     1 
ATOM 598 O O     . ARG C 3 4  ? 10.108  -2.167  5.692   1.00 57.21 ? 142 ARG C O     1 
ATOM 599 C CB    . ARG C 3 4  ? 8.227   -4.588  6.797   1.00 36.95 ? 142 ARG C CB    1 
ATOM 600 C CG    . ARG C 3 4  ? 7.972   -6.015  7.204   1.00 38.31 ? 142 ARG C CG    1 
ATOM 601 C CD    . ARG C 3 4  ? 6.600   -6.186  7.795   1.00 42.52 ? 142 ARG C CD    1 
ATOM 602 N NE    . ARG C 3 4  ? 6.228   -7.600  7.850   1.00 44.06 ? 142 ARG C NE    1 
ATOM 603 C CZ    . ARG C 3 4  ? 6.047   -8.355  6.771   1.00 48.17 ? 142 ARG C CZ    1 
ATOM 604 N NH1   . ARG C 3 4  ? 6.213   -7.823  5.565   1.00 62.36 ? 142 ARG C NH1   1 
ATOM 605 N NH2   . ARG C 3 4  ? 5.681   -9.626  6.892   1.00 49.68 ? 142 ARG C NH2   1 
ATOM 606 N N     . ALA C 3 5  ? 8.739   -3.027  4.101   1.00 55.92 ? 143 ALA C N     1 
ATOM 607 C CA    . ALA C 3 5  ? 8.674   -1.788  3.334   1.00 54.58 ? 143 ALA C CA    1 
ATOM 608 C C     . ALA C 3 5  ? 7.920   -0.653  4.036   1.00 56.83 ? 143 ALA C C     1 
ATOM 609 O O     . ALA C 3 5  ? 8.238   0.524   3.832   1.00 53.92 ? 143 ALA C O     1 
ATOM 610 C CB    . ALA C 3 5  ? 8.069   -2.063  1.995   1.00 62.47 ? 143 ALA C CB    1 
ATOM 611 N N     . ILE C 3 6  ? 6.931   -0.993  4.864   1.00 55.21 ? 144 ILE C N     1 
ATOM 612 C CA    . ILE C 3 6  ? 6.175   0.035   5.595   1.00 55.11 ? 144 ILE C CA    1 
ATOM 613 C C     . ILE C 3 6  ? 5.637   -0.438  6.958   1.00 56.62 ? 144 ILE C C     1 
ATOM 614 O O     . ILE C 3 6  ? 4.890   -1.419  7.056   1.00 52.09 ? 144 ILE C O     1 
ATOM 615 C CB    . ILE C 3 6  ? 4.982   0.596   4.755   1.00 46.26 ? 144 ILE C CB    1 
ATOM 616 C CG1   . ILE C 3 6  ? 3.969   -0.508  4.439   1.00 43.65 ? 144 ILE C CG1   1 
ATOM 617 C CG2   . ILE C 3 6  ? 5.494   1.208   3.491   1.00 47.67 ? 144 ILE C CG2   1 
ATOM 618 C CD1   . ILE C 3 6  ? 4.520   -1.663  3.638   1.00 47.21 ? 144 ILE C CD1   1 
ATOM 619 N N     . ASN C 3 7  ? 6.017   0.284   8.008   1.00 56.89 ? 145 ASN C N     1 
ATOM 620 C CA    . ASN C 3 7  ? 5.598   -0.034  9.374   1.00 53.75 ? 145 ASN C CA    1 
ATOM 621 C C     . ASN C 3 7  ? 4.104   -0.308  9.454   1.00 54.20 ? 145 ASN C C     1 
ATOM 622 O O     . ASN C 3 7  ? 3.337   0.114   8.594   1.00 54.69 ? 145 ASN C O     1 
ATOM 623 C CB    . ASN C 3 7  ? 5.919   1.134   10.275  1.00 58.50 ? 145 ASN C CB    1 
ATOM 624 C CG    . ASN C 3 7  ? 5.196   2.375   9.847   1.00 62.49 ? 145 ASN C CG    1 
ATOM 625 O OD1   . ASN C 3 7  ? 3.963   2.419   9.851   1.00 61.16 ? 145 ASN C OD1   1 
ATOM 626 N ND2   . ASN C 3 7  ? 5.951   3.390   9.447   1.00 71.79 ? 145 ASN C ND2   1 
ATOM 627 N N     . LYS C 3 8  ? 3.689   -0.992  10.514  1.00 59.25 ? 146 LYS C N     1 
ATOM 628 C CA    . LYS C 3 8  ? 2.286   -1.323  10.679  1.00 59.71 ? 146 LYS C CA    1 
ATOM 629 C C     . LYS C 3 8  ? 1.407   -0.117  10.484  1.00 60.04 ? 146 LYS C C     1 
ATOM 630 O O     . LYS C 3 8  ? 0.570   -0.118  9.582   1.00 70.22 ? 146 LYS C O     1 
ATOM 631 C CB    . LYS C 3 8  ? 2.023   -1.955  12.047  1.00 64.79 ? 146 LYS C CB    1 
ATOM 632 N N     . HIS C 3 9  ? 1.602   0.919   11.293  1.00 52.74 ? 147 HIS C N     1 
ATOM 633 C CA    . HIS C 3 9  ? 0.778   2.118   11.173  1.00 56.27 ? 147 HIS C CA    1 
ATOM 634 C C     . HIS C 3 9  ? 0.470   2.456   9.709   1.00 56.27 ? 147 HIS C C     1 
ATOM 635 O O     . HIS C 3 9  ? -0.707  2.481   9.306   1.00 56.64 ? 147 HIS C O     1 
ATOM 636 C CB    . HIS C 3 9  ? 1.462   3.307   11.853  1.00 64.93 ? 147 HIS C CB    1 
ATOM 637 C CG    . HIS C 3 9  ? 0.807   4.628   11.573  1.00 72.67 ? 147 HIS C CG    1 
ATOM 638 N ND1   . HIS C 3 9  ? 0.549   5.076   10.292  1.00 72.93 ? 147 HIS C ND1   1 
ATOM 639 C CD2   . HIS C 3 9  ? 0.402   5.618   12.406  1.00 75.48 ? 147 HIS C CD2   1 
ATOM 640 C CE1   . HIS C 3 9  ? 0.017   6.285   10.349  1.00 74.87 ? 147 HIS C CE1   1 
ATOM 641 N NE2   . HIS C 3 9  ? -0.082  6.637   11.619  1.00 80.48 ? 147 HIS C NE2   1 
ATOM 642 N N     . GLU C 3 10 ? 1.522   2.711   8.925   1.00 53.98 ? 148 GLU C N     1 
ATOM 643 C CA    . GLU C 3 10 ? 1.378   3.038   7.506   1.00 52.33 ? 148 GLU C CA    1 
ATOM 644 C C     . GLU C 3 10 ? 0.383   2.107   6.811   1.00 50.63 ? 148 GLU C C     1 
ATOM 645 O O     . GLU C 3 10 ? -0.364  2.536   5.933   1.00 52.85 ? 148 GLU C O     1 
ATOM 646 C CB    . GLU C 3 10 ? 2.715   2.943   6.796   1.00 56.77 ? 148 GLU C CB    1 
ATOM 647 C CG    . GLU C 3 10 ? 3.771   3.938   7.245   1.00 60.56 ? 148 GLU C CG    1 
ATOM 648 C CD    . GLU C 3 10 ? 5.109   3.647   6.576   1.00 65.32 ? 148 GLU C CD    1 
ATOM 649 O OE1   . GLU C 3 10 ? 5.828   2.730   7.046   1.00 59.62 ? 148 GLU C OE1   1 
ATOM 650 O OE2   . GLU C 3 10 ? 5.424   4.316   5.564   1.00 62.59 ? 148 GLU C OE2   1 
ATOM 651 N N     . GLN C 3 11 ? 0.375   0.834   7.186   1.00 45.89 ? 149 GLN C N     1 
ATOM 652 C CA    . GLN C 3 11 ? -0.586  -0.072  6.585   1.00 51.34 ? 149 GLN C CA    1 
ATOM 653 C C     . GLN C 3 11 ? -1.950  0.489   6.915   1.00 52.44 ? 149 GLN C C     1 
ATOM 654 O O     . GLN C 3 11 ? -2.742  0.786   6.024   1.00 54.22 ? 149 GLN C O     1 
ATOM 655 C CB    . GLN C 3 11 ? -0.492  -1.461  7.177   1.00 50.06 ? 149 GLN C CB    1 
ATOM 656 C CG    . GLN C 3 11 ? 0.737   -2.182  6.783   1.00 63.75 ? 149 GLN C CG    1 
ATOM 657 C CD    . GLN C 3 11 ? 0.729   -3.600  7.283   1.00 73.24 ? 149 GLN C CD    1 
ATOM 658 O OE1   . GLN C 3 11 ? -0.267  -4.312  7.126   1.00 76.10 ? 149 GLN C OE1   1 
ATOM 659 N NE2   . GLN C 3 11 ? 1.843   -4.029  7.880   1.00 77.01 ? 149 GLN C NE2   1 
ATOM 660 N N     . GLU C 3 12 ? -2.223  0.640   8.205   1.00 55.06 ? 150 GLU C N     1 
ATOM 661 C CA    . GLU C 3 12 ? -3.519  1.167   8.609   1.00 63.32 ? 150 GLU C CA    1 
ATOM 662 C C     . GLU C 3 12 ? -3.845  2.391   7.761   1.00 60.81 ? 150 GLU C C     1 
ATOM 663 O O     . GLU C 3 12 ? -4.976  2.569   7.302   1.00 64.27 ? 150 GLU C O     1 
ATOM 664 N N     . GLN C 3 13 ? -2.840  3.220   7.532   1.00 53.41 ? 151 GLN C N     1 
ATOM 665 C CA    . GLN C 3 13 ? -3.036  4.413   6.734   1.00 53.59 ? 151 GLN C CA    1 
ATOM 666 C C     . GLN C 3 13 ? -3.379  4.096   5.258   1.00 54.93 ? 151 GLN C C     1 
ATOM 667 O O     . GLN C 3 13 ? -4.408  4.542   4.723   1.00 54.19 ? 151 GLN C O     1 
ATOM 668 C CB    . GLN C 3 13 ? -1.772  5.251   6.805   1.00 56.27 ? 151 GLN C CB    1 
ATOM 669 C CG    . GLN C 3 13 ? -1.955  6.668   6.353   1.00 64.64 ? 151 GLN C CG    1 
ATOM 670 C CD    . GLN C 3 13 ? -0.644  7.409   6.333   1.00 73.39 ? 151 GLN C CD    1 
ATOM 671 O OE1   . GLN C 3 13 ? 0.160   7.293   7.265   1.00 68.71 ? 151 GLN C OE1   1 
ATOM 672 N NE2   . GLN C 3 13 ? -0.417  8.184   5.274   1.00 76.91 ? 151 GLN C NE2   1 
ATOM 673 N N     . ILE C 3 14 ? -2.519  3.320   4.603   1.00 46.71 ? 152 ILE C N     1 
ATOM 674 C CA    . ILE C 3 14 ? -2.750  2.990   3.209   1.00 45.39 ? 152 ILE C CA    1 
ATOM 675 C C     . ILE C 3 14 ? -3.970  2.134   3.041   1.00 48.13 ? 152 ILE C C     1 
ATOM 676 O O     . ILE C 3 14 ? -4.736  2.326   2.097   1.00 57.99 ? 152 ILE C O     1 
ATOM 677 C CB    . ILE C 3 14 ? -1.558  2.244   2.573   1.00 44.09 ? 152 ILE C CB    1 
ATOM 678 C CG1   . ILE C 3 14 ? -0.286  3.083   2.705   1.00 49.78 ? 152 ILE C CG1   1 
ATOM 679 C CG2   . ILE C 3 14 ? -1.806  2.032   1.101   1.00 30.43 ? 152 ILE C CG2   1 
ATOM 680 C CD1   . ILE C 3 14 ? 0.957   2.373   2.236   1.00 53.42 ? 152 ILE C CD1   1 
ATOM 681 N N     . SER C 3 15 ? -4.169  1.184   3.942   1.00 49.76 ? 153 SER C N     1 
ATOM 682 C CA    . SER C 3 15 ? -5.329  0.317   3.808   1.00 50.84 ? 153 SER C CA    1 
ATOM 683 C C     . SER C 3 15 ? -6.517  1.208   3.566   1.00 53.76 ? 153 SER C C     1 
ATOM 684 O O     . SER C 3 15 ? -7.376  0.901   2.725   1.00 56.36 ? 153 SER C O     1 
ATOM 685 C CB    . SER C 3 15 ? -5.577  -0.484  5.068   1.00 57.37 ? 153 SER C CB    1 
ATOM 686 O OG    . SER C 3 15 ? -6.763  -1.233  4.909   1.00 62.08 ? 153 SER C OG    1 
ATOM 687 N N     . ARG C 3 16 ? -6.550  2.318   4.304   1.00 51.44 ? 154 ARG C N     1 
ATOM 688 C CA    . ARG C 3 16 ? -7.627  3.277   4.164   1.00 53.33 ? 154 ARG C CA    1 
ATOM 689 C C     . ARG C 3 16 ? -7.599  3.778   2.743   1.00 54.67 ? 154 ARG C C     1 
ATOM 690 O O     . ARG C 3 16 ? -8.295  3.238   1.890   1.00 61.58 ? 154 ARG C O     1 
ATOM 691 C CB    . ARG C 3 16 ? -7.457  4.463   5.118   1.00 65.49 ? 154 ARG C CB    1 
ATOM 692 N N     . LEU C 3 17 ? -6.783  4.795   2.484   1.00 48.14 ? 155 LEU C N     1 
ATOM 693 C CA    . LEU C 3 17 ? -6.692  5.375   1.149   1.00 45.39 ? 155 LEU C CA    1 
ATOM 694 C C     . LEU C 3 17 ? -7.126  4.393   0.055   1.00 49.28 ? 155 LEU C C     1 
ATOM 695 O O     . LEU C 3 17 ? -7.988  4.711   -0.765  1.00 55.19 ? 155 LEU C O     1 
ATOM 696 C CB    . LEU C 3 17 ? -5.262  5.862   0.881   1.00 43.40 ? 155 LEU C CB    1 
ATOM 697 C CG    . LEU C 3 17 ? -4.611  6.444   2.141   1.00 45.52 ? 155 LEU C CG    1 
ATOM 698 C CD1   . LEU C 3 17 ? -3.342  7.263   1.805   1.00 37.99 ? 155 LEU C CD1   1 
ATOM 699 C CD2   . LEU C 3 17 ? -5.642  7.325   2.828   1.00 50.00 ? 155 LEU C CD2   1 
ATOM 700 N N     . LEU C 3 18 ? -6.551  3.194   0.055   1.00 49.12 ? 156 LEU C N     1 
ATOM 701 C CA    . LEU C 3 18 ? -6.893  2.200   -0.965  1.00 55.80 ? 156 LEU C CA    1 
ATOM 702 C C     . LEU C 3 18 ? -8.381  1.904   -1.075  1.00 60.25 ? 156 LEU C C     1 
ATOM 703 O O     . LEU C 3 18 ? -8.910  1.780   -2.180  1.00 64.70 ? 156 LEU C O     1 
ATOM 704 C CB    . LEU C 3 18 ? -6.143  0.893   -0.706  1.00 55.68 ? 156 LEU C CB    1 
ATOM 705 C CG    . LEU C 3 18 ? -4.742  0.841   -1.318  1.00 50.55 ? 156 LEU C CG    1 
ATOM 706 C CD1   . LEU C 3 18 ? -3.969  -0.369  -0.816  1.00 53.37 ? 156 LEU C CD1   1 
ATOM 707 C CD2   . LEU C 3 18 ? -4.887  0.795   -2.798  1.00 43.13 ? 156 LEU C CD2   1 
ATOM 708 N N     . GLU C 3 19 ? -9.042  1.785   0.075   1.00 63.77 ? 157 GLU C N     1 
ATOM 709 C CA    . GLU C 3 19 ? -10.468 1.490   0.142   1.00 63.28 ? 157 GLU C CA    1 
ATOM 710 C C     . GLU C 3 19 ? -11.343 2.699   -0.151  1.00 65.63 ? 157 GLU C C     1 
ATOM 711 O O     . GLU C 3 19 ? -12.562 2.579   -0.235  1.00 72.30 ? 157 GLU C O     1 
ATOM 712 C CB    . GLU C 3 19 ? -10.820 0.943   1.521   1.00 63.70 ? 157 GLU C CB    1 
ATOM 713 C CG    . GLU C 3 19 ? -9.945  -0.207  1.966   1.00 75.35 ? 157 GLU C CG    1 
ATOM 714 C CD    . GLU C 3 19 ? -10.566 -0.977  3.114   1.00 85.94 ? 157 GLU C CD    1 
ATOM 715 O OE1   . GLU C 3 19 ? -11.576 -1.683  2.889   1.00 92.49 ? 157 GLU C OE1   1 
ATOM 716 O OE2   . GLU C 3 19 ? -10.053 -0.871  4.247   1.00 91.33 ? 157 GLU C OE2   1 
ATOM 717 N N     . LYS C 3 20 ? -10.738 3.872   -0.266  1.00 63.99 ? 158 LYS C N     1 
ATOM 718 C CA    . LYS C 3 20 ? -11.507 5.064   -0.591  1.00 61.77 ? 158 LYS C CA    1 
ATOM 719 C C     . LYS C 3 20 ? -11.251 5.404   -2.058  1.00 62.32 ? 158 LYS C C     1 
ATOM 720 O O     . LYS C 3 20 ? -11.833 6.346   -2.588  1.00 64.00 ? 158 LYS C O     1 
ATOM 721 C CB    . LYS C 3 20 ? -11.079 6.253   0.257   1.00 64.44 ? 158 LYS C CB    1 
ATOM 722 C CG    . LYS C 3 20 ? -11.609 6.285   1.661   1.00 67.77 ? 158 LYS C CG    1 
ATOM 723 N N     . GLY C 3 21 ? -10.366 4.655   -2.710  1.00 53.16 ? 159 GLY C N     1 
ATOM 724 C CA    . GLY C 3 21 ? -10.094 4.945   -4.102  1.00 55.72 ? 159 GLY C CA    1 
ATOM 725 C C     . GLY C 3 21 ? -8.638  4.909   -4.523  1.00 60.31 ? 159 GLY C C     1 
ATOM 726 O O     . GLY C 3 21 ? -8.201  3.920   -5.101  1.00 64.19 ? 159 GLY C O     1 
ATOM 727 N N     . HIS C 3 22 ? -7.906  5.989   -4.250  1.00 62.65 ? 160 HIS C N     1 
ATOM 728 C CA    . HIS C 3 22 ? -6.484  6.130   -4.595  1.00 62.52 ? 160 HIS C CA    1 
ATOM 729 C C     . HIS C 3 22 ? -5.836  4.992   -5.379  1.00 61.13 ? 160 HIS C C     1 
ATOM 730 O O     . HIS C 3 22 ? -6.032  3.814   -5.083  1.00 65.94 ? 160 HIS C O     1 
ATOM 731 C CB    . HIS C 3 22 ? -5.647  6.369   -3.332  1.00 68.36 ? 160 HIS C CB    1 
ATOM 732 C CG    . HIS C 3 22 ? -6.035  7.594   -2.573  1.00 73.21 ? 160 HIS C CG    1 
ATOM 733 N ND1   . HIS C 3 22 ? -7.059  7.604   -1.652  1.00 71.52 ? 160 HIS C ND1   1 
ATOM 734 C CD2   . HIS C 3 22 ? -5.556  8.862   -2.622  1.00 75.30 ? 160 HIS C CD2   1 
ATOM 735 C CE1   . HIS C 3 22 ? -7.193  8.826   -1.164  1.00 82.98 ? 160 HIS C CE1   1 
ATOM 736 N NE2   . HIS C 3 22 ? -6.293  9.608   -1.736  1.00 77.63 ? 160 HIS C NE2   1 
ATOM 737 N N     . PRO C 3 23 ? -5.000  5.338   -6.362  1.00 55.58 ? 161 PRO C N     1 
ATOM 738 C CA    . PRO C 3 23 ? -4.323  4.334   -7.182  1.00 52.34 ? 161 PRO C CA    1 
ATOM 739 C C     . PRO C 3 23 ? -3.030  3.713   -6.610  1.00 56.17 ? 161 PRO C C     1 
ATOM 740 O O     . PRO C 3 23 ? -2.105  4.420   -6.162  1.00 54.95 ? 161 PRO C O     1 
ATOM 741 C CB    . PRO C 3 23 ? -4.068  5.095   -8.472  1.00 54.07 ? 161 PRO C CB    1 
ATOM 742 C CG    . PRO C 3 23 ? -3.711  6.445   -7.968  1.00 44.96 ? 161 PRO C CG    1 
ATOM 743 C CD    . PRO C 3 23 ? -4.737  6.695   -6.870  1.00 49.79 ? 161 PRO C CD    1 
ATOM 744 N N     . ARG C 3 24 ? -2.970  2.383   -6.659  1.00 56.54 ? 162 ARG C N     1 
ATOM 745 C CA    . ARG C 3 24 ? -1.813  1.620   -6.198  1.00 51.20 ? 162 ARG C CA    1 
ATOM 746 C C     . ARG C 3 24 ? -0.503  2.165   -6.781  1.00 55.05 ? 162 ARG C C     1 
ATOM 747 O O     . ARG C 3 24 ? 0.561   1.596   -6.529  1.00 62.88 ? 162 ARG C O     1 
ATOM 748 C CB    . ARG C 3 24 ? -1.943  0.145   -6.609  1.00 47.21 ? 162 ARG C CB    1 
ATOM 749 C CG    . ARG C 3 24 ? -3.039  -0.668  -5.913  1.00 46.01 ? 162 ARG C CG    1 
ATOM 750 C CD    . ARG C 3 24 ? -2.376  -1.818  -5.138  1.00 54.06 ? 162 ARG C CD    1 
ATOM 751 N NE    . ARG C 3 24 ? -3.290  -2.787  -4.530  1.00 48.86 ? 162 ARG C NE    1 
ATOM 752 C CZ    . ARG C 3 24 ? -4.316  -3.347  -5.166  1.00 57.25 ? 162 ARG C CZ    1 
ATOM 753 N NH1   . ARG C 3 24 ? -5.096  -4.240  -4.549  1.00 46.78 ? 162 ARG C NH1   1 
ATOM 754 N NH2   . ARG C 3 24 ? -4.584  -2.985  -6.416  1.00 62.33 ? 162 ARG C NH2   1 
ATOM 755 N N     . GLN C 3 25 ? -0.551  3.233   -7.575  1.00 56.68 ? 163 GLN C N     1 
ATOM 756 C CA    . GLN C 3 25 ? 0.695   3.770   -8.136  1.00 61.21 ? 163 GLN C CA    1 
ATOM 757 C C     . GLN C 3 25 ? 1.173   5.041   -7.471  1.00 60.82 ? 163 GLN C C     1 
ATOM 758 O O     . GLN C 3 25 ? 2.367   5.196   -7.234  1.00 55.07 ? 163 GLN C O     1 
ATOM 759 C CB    . GLN C 3 25 ? 0.578   3.992   -9.637  1.00 61.01 ? 163 GLN C CB    1 
ATOM 760 C CG    . GLN C 3 25 ? 0.534   2.691   -10.414 1.00 75.74 ? 163 GLN C CG    1 
ATOM 761 C CD    . GLN C 3 25 ? 1.205   2.798   -11.764 1.00 84.81 ? 163 GLN C CD    1 
ATOM 762 O OE1   . GLN C 3 25 ? 2.392   3.125   -11.856 1.00 83.27 ? 163 GLN C OE1   1 
ATOM 763 N NE2   . GLN C 3 25 ? 0.451   2.523   -12.826 1.00 91.80 ? 163 GLN C NE2   1 
ATOM 764 N N     . GLN C 3 26 ? 0.249   5.953   -7.176  1.00 67.97 ? 164 GLN C N     1 
ATOM 765 C CA    . GLN C 3 26 ? 0.615   7.196   -6.496  1.00 67.66 ? 164 GLN C CA    1 
ATOM 766 C C     . GLN C 3 26 ? 1.141   6.787   -5.119  1.00 66.19 ? 164 GLN C C     1 
ATOM 767 O O     . GLN C 3 26 ? 2.251   7.168   -4.728  1.00 61.44 ? 164 GLN C O     1 
ATOM 768 C CG    . GLN C 3 26 ? -1.150  8.649   -7.678  1.00 88.55 ? 164 GLN C CG    1 
ATOM 769 N N     . LEU C 3 27 ? 0.344   5.992   -4.402  1.00 60.72 ? 165 LEU C N     1 
ATOM 770 C CA    . LEU C 3 27 ? 0.729   5.502   -3.082  1.00 54.44 ? 165 LEU C CA    1 
ATOM 771 C C     . LEU C 3 27 ? 2.138   4.949   -3.183  1.00 52.33 ? 165 LEU C C     1 
ATOM 772 O O     . LEU C 3 27 ? 3.050   5.412   -2.482  1.00 56.95 ? 165 LEU C O     1 
ATOM 773 C CB    . LEU C 3 27 ? -0.210  4.391   -2.636  1.00 49.03 ? 165 LEU C CB    1 
ATOM 774 C CG    . LEU C 3 27 ? -1.614  4.887   -2.312  1.00 46.76 ? 165 LEU C CG    1 
ATOM 775 C CD1   . LEU C 3 27 ? -2.523  3.699   -1.983  1.00 38.80 ? 165 LEU C CD1   1 
ATOM 776 C CD2   . LEU C 3 27 ? -1.529  5.879   -1.147  1.00 36.00 ? 165 LEU C CD2   1 
ATOM 777 N N     . ALA C 3 28 ? 2.306   3.969   -4.069  1.00 46.05 ? 166 ALA C N     1 
ATOM 778 C CA    . ALA C 3 28 ? 3.602   3.351   -4.299  1.00 40.67 ? 166 ALA C CA    1 
ATOM 779 C C     . ALA C 3 28 ? 4.629   4.452   -4.404  1.00 42.82 ? 166 ALA C C     1 
ATOM 780 O O     . ALA C 3 28 ? 5.607   4.473   -3.672  1.00 51.35 ? 166 ALA C O     1 
ATOM 781 C CB    . ALA C 3 28 ? 3.567   2.560   -5.575  1.00 43.18 ? 166 ALA C CB    1 
ATOM 782 N N     . ILE C 3 29 ? 4.378   5.380   -5.316  1.00 47.89 ? 167 ILE C N     1 
ATOM 783 C CA    . ILE C 3 29 ? 5.255   6.528   -5.552  1.00 50.66 ? 167 ILE C CA    1 
ATOM 784 C C     . ILE C 3 29 ? 5.457   7.339   -4.275  1.00 47.06 ? 167 ILE C C     1 
ATOM 785 O O     . ILE C 3 29 ? 6.532   7.375   -3.702  1.00 45.65 ? 167 ILE C O     1 
ATOM 786 C CB    . ILE C 3 29 ? 4.634   7.479   -6.600  1.00 52.30 ? 167 ILE C CB    1 
ATOM 787 C CG1   . ILE C 3 29 ? 4.459   6.762   -7.935  1.00 59.12 ? 167 ILE C CG1   1 
ATOM 788 C CG2   . ILE C 3 29 ? 5.505   8.689   -6.767  1.00 51.07 ? 167 ILE C CG2   1 
ATOM 789 C CD1   . ILE C 3 29 ? 3.470   7.456   -8.871  1.00 73.10 ? 167 ILE C CD1   1 
ATOM 790 N N     . ILE C 3 30 ? 4.396   8.006   -3.846  1.00 45.41 ? 168 ILE C N     1 
ATOM 791 C CA    . ILE C 3 30 ? 4.442   8.830   -2.662  1.00 47.78 ? 168 ILE C CA    1 
ATOM 792 C C     . ILE C 3 30 ? 5.213   8.153   -1.519  1.00 45.51 ? 168 ILE C C     1 
ATOM 793 O O     . ILE C 3 30 ? 6.225   8.714   -1.056  1.00 32.87 ? 168 ILE C O     1 
ATOM 794 C CB    . ILE C 3 30 ? 3.019   9.171   -2.231  1.00 54.99 ? 168 ILE C CB    1 
ATOM 795 C CG1   . ILE C 3 30 ? 2.216   9.560   -3.472  1.00 55.43 ? 168 ILE C CG1   1 
ATOM 796 C CG2   . ILE C 3 30 ? 3.024   10.353  -1.257  1.00 56.94 ? 168 ILE C CG2   1 
ATOM 797 C CD1   . ILE C 3 30 ? 0.714   9.372   -3.340  1.00 65.56 ? 168 ILE C CD1   1 
ATOM 798 N N     . PHE C 3 31 ? 4.749   6.964   -1.090  1.00 41.48 ? 169 PHE C N     1 
ATOM 799 C CA    . PHE C 3 31 ? 5.393   6.188   -0.006  1.00 46.18 ? 169 PHE C CA    1 
ATOM 800 C C     . PHE C 3 31 ? 6.760   5.599   -0.376  1.00 51.46 ? 169 PHE C C     1 
ATOM 801 O O     . PHE C 3 31 ? 7.407   4.919   0.441   1.00 54.42 ? 169 PHE C O     1 
ATOM 802 C CB    . PHE C 3 31 ? 4.514   5.024   0.447   1.00 43.48 ? 169 PHE C CB    1 
ATOM 803 C CG    . PHE C 3 31 ? 3.307   5.440   1.207   1.00 45.62 ? 169 PHE C CG    1 
ATOM 804 C CD1   . PHE C 3 31 ? 2.214   5.984   0.549   1.00 52.44 ? 169 PHE C CD1   1 
ATOM 805 C CD2   . PHE C 3 31 ? 3.276   5.328   2.590   1.00 43.76 ? 169 PHE C CD2   1 
ATOM 806 C CE1   . PHE C 3 31 ? 1.104   6.414   1.265   1.00 59.75 ? 169 PHE C CE1   1 
ATOM 807 C CE2   . PHE C 3 31 ? 2.181   5.750   3.317   1.00 48.71 ? 169 PHE C CE2   1 
ATOM 808 C CZ    . PHE C 3 31 ? 1.092   6.295   2.662   1.00 59.05 ? 169 PHE C CZ    1 
ATOM 809 N N     . GLY C 3 32 ? 7.187   5.834   -1.610  1.00 49.24 ? 170 GLY C N     1 
ATOM 810 C CA    . GLY C 3 32 ? 8.474   5.324   -2.042  1.00 51.14 ? 170 GLY C CA    1 
ATOM 811 C C     . GLY C 3 32 ? 8.605   3.813   -2.022  1.00 52.81 ? 170 GLY C C     1 
ATOM 812 O O     . GLY C 3 32 ? 9.652   3.292   -1.637  1.00 63.03 ? 170 GLY C O     1 
ATOM 813 N N     . ILE C 3 33 ? 7.554   3.098   -2.420  1.00 49.36 ? 171 ILE C N     1 
ATOM 814 C CA    . ILE C 3 33 ? 7.627   1.640   -2.445  1.00 43.00 ? 171 ILE C CA    1 
ATOM 815 C C     . ILE C 3 33 ? 7.035   1.068   -3.736  1.00 43.59 ? 171 ILE C C     1 
ATOM 816 O O     . ILE C 3 33 ? 5.983   1.501   -4.233  1.00 34.89 ? 171 ILE C O     1 
ATOM 817 C CB    . ILE C 3 33 ? 6.939   1.035   -1.214  1.00 46.09 ? 171 ILE C CB    1 
ATOM 818 C CG1   . ILE C 3 33 ? 5.431   1.043   -1.387  1.00 47.23 ? 171 ILE C CG1   1 
ATOM 819 C CG2   . ILE C 3 33 ? 7.257   1.901   0.037   1.00 44.77 ? 171 ILE C CG2   1 
ATOM 820 C CD1   . ILE C 3 33 ? 4.745   0.201   -0.339  1.00 50.55 ? 171 ILE C CD1   1 
ATOM 821 N N     . GLY C 3 34 ? 7.741   0.093   -4.289  1.00 45.86 ? 172 GLY C N     1 
ATOM 822 C CA    . GLY C 3 34 ? 7.312   -0.501  -5.538  1.00 44.72 ? 172 GLY C CA    1 
ATOM 823 C C     . GLY C 3 34 ? 5.914   -1.068  -5.532  1.00 36.05 ? 172 GLY C C     1 
ATOM 824 O O     . GLY C 3 34 ? 5.488   -1.695  -4.555  1.00 39.98 ? 172 GLY C O     1 
ATOM 825 N N     . VAL C 3 35 ? 5.224   -0.890  -6.650  1.00 31.34 ? 173 VAL C N     1 
ATOM 826 C CA    . VAL C 3 35 ? 3.858   -1.356  -6.799  1.00 30.19 ? 173 VAL C CA    1 
ATOM 827 C C     . VAL C 3 35 ? 3.626   -2.808  -6.410  1.00 38.97 ? 173 VAL C C     1 
ATOM 828 O O     . VAL C 3 35 ? 2.630   -3.124  -5.744  1.00 46.78 ? 173 VAL C O     1 
ATOM 829 C CB    . VAL C 3 35 ? 3.386   -1.172  -8.220  1.00 20.73 ? 173 VAL C CB    1 
ATOM 830 C CG1   . VAL C 3 35 ? 1.896   -1.325  -8.265  1.00 35.22 ? 173 VAL C CG1   1 
ATOM 831 C CG2   . VAL C 3 35 ? 3.818   0.186   -8.738  1.00 23.23 ? 173 VAL C CG2   1 
ATOM 832 N N     . SER C 3 36 ? 4.534   -3.690  -6.819  1.00 35.71 ? 174 SER C N     1 
ATOM 833 C CA    . SER C 3 36 ? 4.411   -5.118  -6.511  1.00 38.83 ? 174 SER C CA    1 
ATOM 834 C C     . SER C 3 36 ? 4.275   -5.347  -5.024  1.00 43.59 ? 174 SER C C     1 
ATOM 835 O O     . SER C 3 36 ? 3.465   -6.166  -4.569  1.00 46.27 ? 174 SER C O     1 
ATOM 836 C CB    . SER C 3 36 ? 5.635   -5.850  -7.002  1.00 34.62 ? 174 SER C CB    1 
ATOM 837 O OG    . SER C 3 36 ? 6.508   -4.911  -7.606  1.00 50.91 ? 174 SER C OG    1 
ATOM 838 N N     . THR C 3 37 ? 5.087   -4.621  -4.266  1.00 46.00 ? 175 THR C N     1 
ATOM 839 C CA    . THR C 3 37 ? 5.061   -4.723  -2.820  1.00 43.05 ? 175 THR C CA    1 
ATOM 840 C C     . THR C 3 37 ? 3.634   -4.476  -2.354  1.00 40.27 ? 175 THR C C     1 
ATOM 841 O O     . THR C 3 37 ? 3.091   -5.235  -1.531  1.00 40.34 ? 175 THR C O     1 
ATOM 842 C CB    . THR C 3 37 ? 5.992   -3.680  -2.180  1.00 43.97 ? 175 THR C CB    1 
ATOM 843 O OG1   . THR C 3 37 ? 7.344   -3.912  -2.623  1.00 41.63 ? 175 THR C OG1   1 
ATOM 844 C CG2   . THR C 3 37 ? 5.900   -3.747  -0.659  1.00 25.57 ? 175 THR C CG2   1 
ATOM 845 N N     . LEU C 3 38 ? 3.019   -3.429  -2.892  1.00 38.03 ? 176 LEU C N     1 
ATOM 846 C CA    . LEU C 3 38 ? 1.655   -3.120  -2.508  1.00 44.84 ? 176 LEU C CA    1 
ATOM 847 C C     . LEU C 3 38 ? 0.674   -4.248  -2.818  1.00 49.62 ? 176 LEU C C     1 
ATOM 848 O O     . LEU C 3 38 ? -0.053  -4.682  -1.917  1.00 57.60 ? 176 LEU C O     1 
ATOM 849 C CB    . LEU C 3 38 ? 1.198   -1.816  -3.154  1.00 44.88 ? 176 LEU C CB    1 
ATOM 850 C CG    . LEU C 3 38 ? 1.893   -0.631  -2.478  1.00 49.11 ? 176 LEU C CG    1 
ATOM 851 C CD1   . LEU C 3 38 ? 1.445   0.715   -3.067  1.00 51.53 ? 176 LEU C CD1   1 
ATOM 852 C CD2   . LEU C 3 38 ? 1.563   -0.694  -1.023  1.00 31.97 ? 176 LEU C CD2   1 
ATOM 853 N N     . TYR C 3 39 ? 0.626   -4.737  -4.057  1.00 43.53 ? 177 TYR C N     1 
ATOM 854 C CA    . TYR C 3 39 ? -0.312  -5.826  -4.336  1.00 46.89 ? 177 TYR C CA    1 
ATOM 855 C C     . TYR C 3 39 ? -0.055  -6.995  -3.373  1.00 46.74 ? 177 TYR C C     1 
ATOM 856 O O     . TYR C 3 39 ? -0.942  -7.835  -3.145  1.00 40.90 ? 177 TYR C O     1 
ATOM 857 C CB    . TYR C 3 39 ? -0.189  -6.317  -5.789  1.00 47.12 ? 177 TYR C CB    1 
ATOM 858 C CG    . TYR C 3 39 ? -0.820  -5.397  -6.808  1.00 48.50 ? 177 TYR C CG    1 
ATOM 859 C CD1   . TYR C 3 39 ? -2.191  -5.346  -6.967  1.00 45.83 ? 177 TYR C CD1   1 
ATOM 860 C CD2   . TYR C 3 39 ? -0.038  -4.571  -7.607  1.00 47.57 ? 177 TYR C CD2   1 
ATOM 861 C CE1   . TYR C 3 39 ? -2.765  -4.501  -7.892  1.00 52.22 ? 177 TYR C CE1   1 
ATOM 862 C CE2   . TYR C 3 39 ? -0.608  -3.724  -8.534  1.00 43.94 ? 177 TYR C CE2   1 
ATOM 863 C CZ    . TYR C 3 39 ? -1.971  -3.691  -8.673  1.00 52.73 ? 177 TYR C CZ    1 
ATOM 864 O OH    . TYR C 3 39 ? -2.552  -2.840  -9.594  1.00 63.87 ? 177 TYR C OH    1 
ATOM 865 N N     . ARG C 3 40 ? 1.161   -7.040  -2.815  1.00 45.84 ? 178 ARG C N     1 
ATOM 866 C CA    . ARG C 3 40 ? 1.530   -8.098  -1.877  1.00 47.59 ? 178 ARG C CA    1 
ATOM 867 C C     . ARG C 3 40 ? 0.872   -7.862  -0.541  1.00 46.23 ? 178 ARG C C     1 
ATOM 868 O O     . ARG C 3 40 ? 0.132   -8.712  -0.075  1.00 51.96 ? 178 ARG C O     1 
ATOM 869 C CB    . ARG C 3 40 ? 3.042   -8.184  -1.694  1.00 59.63 ? 178 ARG C CB    1 
ATOM 870 C CG    . ARG C 3 40 ? 3.560   -9.606  -1.960  1.00 73.64 ? 178 ARG C CG    1 
ATOM 871 C CD    . ARG C 3 40 ? 5.018   -9.761  -1.639  1.00 65.93 ? 178 ARG C CD    1 
ATOM 872 N NE    . ARG C 3 40 ? 5.295   -9.479  -0.235  1.00 69.31 ? 178 ARG C NE    1 
ATOM 873 C CZ    . ARG C 3 40 ? 5.105   -10.335 0.765   1.00 71.75 ? 178 ARG C CZ    1 
ATOM 874 N NH1   . ARG C 3 40 ? 5.393   -9.963  2.009   1.00 75.61 ? 178 ARG C NH1   1 
ATOM 875 N NH2   . ARG C 3 40 ? 4.648   -11.559 0.529   1.00 60.66 ? 178 ARG C NH2   1 
ATOM 876 N N     . TYR C 3 41 ? 1.146   -6.718  0.080   1.00 40.12 ? 179 TYR C N     1 
ATOM 877 C CA    . TYR C 3 41 ? 0.501   -6.387  1.349   1.00 41.89 ? 179 TYR C CA    1 
ATOM 878 C C     . TYR C 3 41 ? -1.041  -6.373  1.182   1.00 49.17 ? 179 TYR C C     1 
ATOM 879 O O     . TYR C 3 41 ? -1.774  -6.957  1.999   1.00 50.23 ? 179 TYR C O     1 
ATOM 880 C CB    . TYR C 3 41 ? 0.963   -5.009  1.852   1.00 42.42 ? 179 TYR C CB    1 
ATOM 881 C CG    . TYR C 3 41 ? 2.283   -5.014  2.580   1.00 47.32 ? 179 TYR C CG    1 
ATOM 882 C CD1   . TYR C 3 41 ? 3.446   -5.447  1.956   1.00 52.95 ? 179 TYR C CD1   1 
ATOM 883 C CD2   . TYR C 3 41 ? 2.363   -4.616  3.909   1.00 50.79 ? 179 TYR C CD2   1 
ATOM 884 C CE1   . TYR C 3 41 ? 4.665   -5.488  2.641   1.00 55.83 ? 179 TYR C CE1   1 
ATOM 885 C CE2   . TYR C 3 41 ? 3.566   -4.651  4.608   1.00 53.34 ? 179 TYR C CE2   1 
ATOM 886 C CZ    . TYR C 3 41 ? 4.725   -5.089  3.972   1.00 60.64 ? 179 TYR C CZ    1 
ATOM 887 O OH    . TYR C 3 41 ? 5.933   -5.135  4.666   1.00 46.64 ? 179 TYR C OH    1 
ATOM 888 N N     . PHE C 3 42 ? -1.536  -5.712  0.133   1.00 41.83 ? 180 PHE C N     1 
ATOM 889 C CA    . PHE C 3 42 ? -2.976  -5.643  -0.068  1.00 46.48 ? 180 PHE C CA    1 
ATOM 890 C C     . PHE C 3 42 ? -3.410  -6.176  -1.416  1.00 43.47 ? 180 PHE C C     1 
ATOM 891 O O     . PHE C 3 42 ? -3.555  -5.428  -2.369  1.00 41.54 ? 180 PHE C O     1 
ATOM 892 C CB    . PHE C 3 42 ? -3.486  -4.212  0.062   1.00 50.19 ? 180 PHE C CB    1 
ATOM 893 C CG    . PHE C 3 42 ? -2.802  -3.411  1.121   1.00 53.25 ? 180 PHE C CG    1 
ATOM 894 C CD1   . PHE C 3 42 ? -1.531  -2.894  0.905   1.00 55.32 ? 180 PHE C CD1   1 
ATOM 895 C CD2   . PHE C 3 42 ? -3.464  -3.076  2.286   1.00 60.15 ? 180 PHE C CD2   1 
ATOM 896 C CE1   . PHE C 3 42 ? -0.940  -2.044  1.822   1.00 50.74 ? 180 PHE C CE1   1 
ATOM 897 C CE2   . PHE C 3 42 ? -2.874  -2.217  3.218   1.00 67.43 ? 180 PHE C CE2   1 
ATOM 898 C CZ    . PHE C 3 42 ? -1.609  -1.699  2.977   1.00 59.88 ? 180 PHE C CZ    1 
ATOM 899 N N     . PRO C 3 43 ? -3.624  -7.491  -1.509  1.00 49.12 ? 181 PRO C N     1 
ATOM 900 C CA    . PRO C 3 43 ? -4.043  -8.090  -2.770  1.00 53.18 ? 181 PRO C CA    1 
ATOM 901 C C     . PRO C 3 43 ? -5.302  -7.418  -3.292  1.00 56.06 ? 181 PRO C C     1 
ATOM 902 O O     . PRO C 3 43 ? -6.095  -6.897  -2.508  1.00 57.05 ? 181 PRO C O     1 
ATOM 903 C CB    . PRO C 3 43 ? -4.288  -9.547  -2.386  1.00 54.60 ? 181 PRO C CB    1 
ATOM 904 C CG    . PRO C 3 43 ? -3.289  -9.778  -1.325  1.00 44.86 ? 181 PRO C CG    1 
ATOM 905 C CD    . PRO C 3 43 ? -3.434  -8.533  -0.483  1.00 51.23 ? 181 PRO C CD    1 
ATOM 906 N N     . ALA C 3 44 ? -5.467  -7.424  -4.612  1.00 55.48 ? 182 ALA C N     1 
ATOM 907 C CA    . ALA C 3 44 ? -6.640  -6.833  -5.228  1.00 58.30 ? 182 ALA C CA    1 
ATOM 908 C C     . ALA C 3 44 ? -7.845  -7.539  -4.635  1.00 67.42 ? 182 ALA C C     1 
ATOM 909 O O     . ALA C 3 44 ? -8.787  -6.887  -4.175  1.00 72.50 ? 182 ALA C O     1 
ATOM 910 C CB    . ALA C 3 44 ? -6.609  -7.039  -6.724  1.00 59.68 ? 182 ALA C CB    1 
ATOM 911 N N     . SER C 3 45 ? -7.814  -8.875  -4.636  1.00 69.97 ? 183 SER C N     1 
ATOM 912 C CA    . SER C 3 45 ? -8.926  -9.658  -4.076  1.00 71.36 ? 183 SER C CA    1 
ATOM 913 C C     . SER C 3 45 ? -8.952  -9.573  -2.539  1.00 71.40 ? 183 SER C C     1 
ATOM 914 O O     . SER C 3 45 ? -8.861  -10.593 -1.839  1.00 75.43 ? 183 SER C O     1 
ATOM 915 C CB    . SER C 3 45 ? -8.823  -11.133 -4.507  1.00 64.80 ? 183 SER C CB    1 
ATOM 916 O OG    . SER C 3 45 ? -7.678  -11.763 -3.939  1.00 68.76 ? 183 SER C OG    1 
ATOM 917 N N     . SER C 3 46 ? -9.066  -8.356  -2.021  1.00 67.21 ? 184 SER C N     1 
ATOM 918 C CA    . SER C 3 46 ? -9.107  -8.133  -0.575  1.00 69.99 ? 184 SER C CA    1 
ATOM 919 C C     . SER C 3 46 ? -9.496  -6.682  -0.283  1.00 68.24 ? 184 SER C C     1 
ATOM 920 O O     . SER C 3 46 ? -8.969  -6.059  0.641   1.00 64.20 ? 184 SER C O     1 
ATOM 921 C CB    . SER C 3 46 ? -7.743  -8.464  0.058   1.00 69.05 ? 184 SER C CB    1 
ATOM 922 O OG    . SER C 3 46 ? -6.672  -7.817  -0.618  1.00 73.55 ? 184 SER C OG    1 
ATOM 923 N N     . ILE C 3 47 ? -10.437 -6.169  -1.077  1.00 67.97 ? 185 ILE C N     1 
ATOM 924 C CA    . ILE C 3 47 ? -10.910 -4.800  -0.951  1.00 64.42 ? 185 ILE C CA    1 
ATOM 925 C C     . ILE C 3 47 ? -12.407 -4.651  -1.212  1.00 66.14 ? 185 ILE C C     1 
ATOM 926 O O     . ILE C 3 47 ? -13.015 -3.807  -0.505  1.00 66.40 ? 185 ILE C O     1 
ATOM 927 C CB    . ILE C 3 47 ? -10.152 -3.899  -1.917  1.00 57.66 ? 185 ILE C CB    1 
ATOM 928 C CG1   . ILE C 3 47 ? -8.656  -3.998  -1.618  1.00 55.07 ? 185 ILE C CG1   1 
ATOM 929 C CG2   . ILE C 3 47 ? -10.645 -2.456  -1.785  1.00 61.54 ? 185 ILE C CG2   1 
ATOM 930 C CD1   . ILE C 3 47 ? -8.284  -3.471  -0.246  1.00 56.94 ? 185 ILE C CD1   1 
# 
loop_
_pdbx_poly_seq_scheme.asym_id 
_pdbx_poly_seq_scheme.entity_id 
_pdbx_poly_seq_scheme.seq_id 
_pdbx_poly_seq_scheme.mon_id 
_pdbx_poly_seq_scheme.ndb_seq_num 
_pdbx_poly_seq_scheme.pdb_seq_num 
_pdbx_poly_seq_scheme.auth_seq_num 
_pdbx_poly_seq_scheme.pdb_mon_id 
_pdbx_poly_seq_scheme.auth_mon_id 
_pdbx_poly_seq_scheme.pdb_strand_id 
_pdbx_poly_seq_scheme.pdb_ins_code 
_pdbx_poly_seq_scheme.hetero 
A 1 1  DT  1  2   2   DT  T   A . n 
A 1 2  DG  2  3   3   DG  G   A . n 
A 1 3  DT  3  4   4   DT  T   A . n 
A 1 4  DT  4  5   5   DT  T   A . n 
A 1 5  DT  5  6   6   DT  T   A . n 
A 1 6  DT  6  7   7   DT  T   A . n 
A 1 7  DT  7  8   8   DT  T   A . n 
A 1 8  DT  8  9   9   DT  T   A . n 
A 1 9  DA  9  10  10  DA  A   A . n 
A 1 10 DT  10 11  11  DT  T   A . n 
A 1 11 DA  11 12  12  DA  A   A . n 
A 1 12 DA  12 13  13  DA  A   A . n 
A 1 13 DG  13 14  14  DG  G   A . n 
A 1 14 DA  14 15  15  DA  A   A . n 
B 2 1  DA  1  16  16  DA  A   B . n 
B 2 2  DT  2  17  17  DT  T   B . n 
B 2 3  DC  3  18  18  DC  C   B . n 
B 2 4  DT  4  19  19  DT  T   B . n 
B 2 5  DT  5  20  20  DT  T   B . n 
B 2 6  DA  6  21  21  DA  A   B . n 
B 2 7  DT  7  22  22  DT  T   B . n 
B 2 8  DA  8  23  23  DA  A   B . n 
B 2 9  DA  9  24  24  DA  A   B . n 
B 2 10 DA  10 25  25  DA  A   B . n 
B 2 11 DA  11 26  26  DA  A   B . n 
B 2 12 DA  12 27  27  DA  A   B . n 
B 2 13 DA  13 28  28  DA  A   B . n 
B 2 14 DC  14 29  29  DC  C   B . n 
C 3 1  GLY 1  139 ?   ?   ?   C . n 
C 3 2  ARG 2  140 140 ARG ARG C . n 
C 3 3  PRO 3  141 141 PRO PRO C . n 
C 3 4  ARG 4  142 142 ARG ARG C . n 
C 3 5  ALA 5  143 143 ALA ALA C . n 
C 3 6  ILE 6  144 144 ILE ILE C . n 
C 3 7  ASN 7  145 145 ASN ASN C . n 
C 3 8  LYS 8  146 146 LYS LYS C . n 
C 3 9  HIS 9  147 147 HIS HIS C . n 
C 3 10 GLU 10 148 148 GLU GLU C . n 
C 3 11 GLN 11 149 149 GLN GLN C . n 
C 3 12 GLU 12 150 150 GLU GLU C . n 
C 3 13 GLN 13 151 151 GLN GLN C . n 
C 3 14 ILE 14 152 152 ILE ILE C . n 
C 3 15 SER 15 153 153 SER SER C . n 
C 3 16 ARG 16 154 154 ARG ARG C . n 
C 3 17 LEU 17 155 155 LEU LEU C . n 
C 3 18 LEU 18 156 156 LEU LEU C . n 
C 3 19 GLU 19 157 157 GLU GLU C . n 
C 3 20 LYS 20 158 158 LYS LYS C . n 
C 3 21 GLY 21 159 159 GLY GLY C . n 
C 3 22 HIS 22 160 160 HIS HIS C . n 
C 3 23 PRO 23 161 161 PRO PRO C . n 
C 3 24 ARG 24 162 162 ARG ARG C . n 
C 3 25 GLN 25 163 163 GLN GLN C . n 
C 3 26 GLN 26 164 164 GLN GLN C . n 
C 3 27 LEU 27 165 165 LEU LEU C . n 
C 3 28 ALA 28 166 166 ALA ALA C . n 
C 3 29 ILE 29 167 167 ILE ILE C . n 
C 3 30 ILE 30 168 168 ILE ILE C . n 
C 3 31 PHE 31 169 169 PHE PHE C . n 
C 3 32 GLY 32 170 170 GLY GLY C . n 
C 3 33 ILE 33 171 171 ILE ILE C . n 
C 3 34 GLY 34 172 172 GLY GLY C . n 
C 3 35 VAL 35 173 173 VAL VAL C . n 
C 3 36 SER 36 174 174 SER SER C . n 
C 3 37 THR 37 175 175 THR THR C . n 
C 3 38 LEU 38 176 176 LEU LEU C . n 
C 3 39 TYR 39 177 177 TYR TYR C . n 
C 3 40 ARG 40 178 178 ARG ARG C . n 
C 3 41 TYR 41 179 179 TYR TYR C . n 
C 3 42 PHE 42 180 180 PHE PHE C . n 
C 3 43 PRO 43 181 181 PRO PRO C . n 
C 3 44 ALA 44 182 182 ALA ALA C . n 
C 3 45 SER 45 183 183 SER SER C . n 
C 3 46 SER 46 184 184 SER SER C . n 
C 3 47 ILE 47 185 185 ILE ILE C . n 
C 3 48 LYS 48 186 ?   ?   ?   C . n 
C 3 49 LYS 49 187 ?   ?   ?   C . n 
C 3 50 ARG 50 188 ?   ?   ?   C . n 
C 3 51 MET 51 189 ?   ?   ?   C . n 
C 3 52 ASN 52 190 ?   ?   ?   C . n 
# 
_pdbx_struct_assembly.id                   1 
_pdbx_struct_assembly.details              author_defined_assembly 
_pdbx_struct_assembly.method_details       ? 
_pdbx_struct_assembly.oligomeric_details   trimeric 
_pdbx_struct_assembly.oligomeric_count     3 
# 
_pdbx_struct_assembly_gen.assembly_id       1 
_pdbx_struct_assembly_gen.oper_expression   1 
_pdbx_struct_assembly_gen.asym_id_list      A,B,C 
# 
_pdbx_struct_oper_list.id                   1 
_pdbx_struct_oper_list.type                 'identity operation' 
_pdbx_struct_oper_list.name                 1_555 
_pdbx_struct_oper_list.symmetry_operation   x,y,z 
_pdbx_struct_oper_list.matrix[1][1]         1.0000000000 
_pdbx_struct_oper_list.matrix[1][2]         0.0000000000 
_pdbx_struct_oper_list.matrix[1][3]         0.0000000000 
_pdbx_struct_oper_list.vector[1]            0.0000000000 
_pdbx_struct_oper_list.matrix[2][1]         0.0000000000 
_pdbx_struct_oper_list.matrix[2][2]         1.0000000000 
_pdbx_struct_oper_list.matrix[2][3]         0.0000000000 
_pdbx_struct_oper_list.vector[2]            0.0000000000 
_pdbx_struct_oper_list.matrix[3][1]         0.0000000000 
_pdbx_struct_oper_list.matrix[3][2]         0.0000000000 
_pdbx_struct_oper_list.matrix[3][3]         1.0000000000 
_pdbx_struct_oper_list.vector[3]            0.0000000000 
# 
loop_
_pdbx_audit_revision_history.ordinal 
_pdbx_audit_revision_history.data_content_type 
_pdbx_audit_revision_history.major_revision 
_pdbx_audit_revision_history.minor_revision 
_pdbx_audit_revision_history.revision_date 
1 'Structure model' 1 0 2002-02-22 
2 'Structure model' 1 1 2008-04-27 
3 'Structure model' 1 2 2011-07-13 
4 'Structure model' 1 3 2023-08-16 
# 
_pdbx_audit_revision_details.ordinal             1 
_pdbx_audit_revision_details.revision_ordinal    1 
_pdbx_audit_revision_details.data_content_type   'Structure model' 
_pdbx_audit_revision_details.provider            repository 
_pdbx_audit_revision_details.type                'Initial release' 
_pdbx_audit_revision_details.description         ? 
_pdbx_audit_revision_details.details             ? 
# 
loop_
_pdbx_audit_revision_group.ordinal 
_pdbx_audit_revision_group.revision_ordinal 
_pdbx_audit_revision_group.data_content_type 
_pdbx_audit_revision_group.group 
1 2 'Structure model' 'Version format compliance' 
2 3 'Structure model' 'Version format compliance' 
3 4 'Structure model' 'Data collection'           
4 4 'Structure model' 'Database references'       
5 4 'Structure model' 'Refinement description'    
# 
loop_
_pdbx_audit_revision_category.ordinal 
_pdbx_audit_revision_category.revision_ordinal 
_pdbx_audit_revision_category.data_content_type 
_pdbx_audit_revision_category.category 
1 4 'Structure model' chem_comp_atom                
2 4 'Structure model' chem_comp_bond                
3 4 'Structure model' database_2                    
4 4 'Structure model' pdbx_initial_refinement_model 
# 
loop_
_pdbx_audit_revision_item.ordinal 
_pdbx_audit_revision_item.revision_ordinal 
_pdbx_audit_revision_item.data_content_type 
_pdbx_audit_revision_item.item 
1 4 'Structure model' '_database_2.pdbx_DOI'                
2 4 'Structure model' '_database_2.pdbx_database_accession' 
# 
loop_
_software.name 
_software.classification 
_software.version 
_software.citation_id 
_software.pdbx_ordinal 
CNS       refinement       . ? 1 
DENZO     'data reduction' . ? 2 
SCALEPACK 'data scaling'   . ? 3 
CNS       phasing          . ? 4 
# 
_pdbx_validate_close_contact.id               1 
_pdbx_validate_close_contact.PDB_model_num    1 
_pdbx_validate_close_contact.auth_atom_id_1   O 
_pdbx_validate_close_contact.auth_asym_id_1   C 
_pdbx_validate_close_contact.auth_comp_id_1   PRO 
_pdbx_validate_close_contact.auth_seq_id_1    181 
_pdbx_validate_close_contact.PDB_ins_code_1   ? 
_pdbx_validate_close_contact.label_alt_id_1   ? 
_pdbx_validate_close_contact.auth_atom_id_2   OG 
_pdbx_validate_close_contact.auth_asym_id_2   C 
_pdbx_validate_close_contact.auth_comp_id_2   SER 
_pdbx_validate_close_contact.auth_seq_id_2    184 
_pdbx_validate_close_contact.PDB_ins_code_2   ? 
_pdbx_validate_close_contact.label_alt_id_2   ? 
_pdbx_validate_close_contact.dist             2.18 
# 
loop_
_pdbx_validate_rmsd_angle.id 
_pdbx_validate_rmsd_angle.PDB_model_num 
_pdbx_validate_rmsd_angle.auth_atom_id_1 
_pdbx_validate_rmsd_angle.auth_asym_id_1 
_pdbx_validate_rmsd_angle.auth_comp_id_1 
_pdbx_validate_rmsd_angle.auth_seq_id_1 
_pdbx_validate_rmsd_angle.PDB_ins_code_1 
_pdbx_validate_rmsd_angle.label_alt_id_1 
_pdbx_validate_rmsd_angle.auth_atom_id_2 
_pdbx_validate_rmsd_angle.auth_asym_id_2 
_pdbx_validate_rmsd_angle.auth_comp_id_2 
_pdbx_validate_rmsd_angle.auth_seq_id_2 
_pdbx_validate_rmsd_angle.PDB_ins_code_2 
_pdbx_validate_rmsd_angle.label_alt_id_2 
_pdbx_validate_rmsd_angle.auth_atom_id_3 
_pdbx_validate_rmsd_angle.auth_asym_id_3 
_pdbx_validate_rmsd_angle.auth_comp_id_3 
_pdbx_validate_rmsd_angle.auth_seq_id_3 
_pdbx_validate_rmsd_angle.PDB_ins_code_3 
_pdbx_validate_rmsd_angle.label_alt_id_3 
_pdbx_validate_rmsd_angle.angle_value 
_pdbx_validate_rmsd_angle.angle_target_value 
_pdbx_validate_rmsd_angle.angle_deviation 
_pdbx_validate_rmsd_angle.angle_standard_deviation 
_pdbx_validate_rmsd_angle.linker_flag 
1 1 "O4'" B DA 16 ? ? "C4'" B DA 16 ? ? "C3'" B DA 16 ? A 101.61 104.50 -2.89  0.40 N 
2 1 "C5'" B DA 16 ? ? "C4'" B DA 16 ? ? "C3'" B DA 16 ? A 128.06 115.70 12.36  1.20 N 
3 1 "C5'" B DA 16 ? ? "C4'" B DA 16 ? ? "C3'" B DA 16 ? B 99.42  114.10 -14.68 1.80 N 
4 1 "C5'" B DT 17 ? A "C4'" B DT 17 ? A "O4'" B DT 17 ? ? 119.99 109.80 10.19  1.10 N 
5 1 "C4'" B DT 17 ? B "C3'" B DT 17 ? ? "O3'" B DT 17 ? ? 127.69 112.30 15.39  2.00 N 
# 
loop_
_pdbx_validate_torsion.id 
_pdbx_validate_torsion.PDB_model_num 
_pdbx_validate_torsion.auth_comp_id 
_pdbx_validate_torsion.auth_asym_id 
_pdbx_validate_torsion.auth_seq_id 
_pdbx_validate_torsion.PDB_ins_code 
_pdbx_validate_torsion.label_alt_id 
_pdbx_validate_torsion.phi 
_pdbx_validate_torsion.psi 
1 1 ARG C 142 ? ? -40.65  156.61 
2 1 ASN C 145 ? ? -46.94  159.87 
3 1 ARG C 154 ? ? -60.78  -85.72 
4 1 LEU C 155 ? ? -23.55  -52.16 
5 1 HIS C 160 ? ? 3.35    138.70 
6 1 ARG C 162 ? ? -49.59  1.52   
7 1 SER C 184 ? ? -169.74 39.41  
# 
loop_
_pdbx_validate_planes.id 
_pdbx_validate_planes.PDB_model_num 
_pdbx_validate_planes.auth_comp_id 
_pdbx_validate_planes.auth_asym_id 
_pdbx_validate_planes.auth_seq_id 
_pdbx_validate_planes.PDB_ins_code 
_pdbx_validate_planes.label_alt_id 
_pdbx_validate_planes.rmsd 
_pdbx_validate_planes.type 
1 1 DA A 15 ? ? 0.058 'SIDE CHAIN' 
2 1 DA B 23 ? ? 0.058 'SIDE CHAIN' 
3 1 DA B 28 ? ? 0.081 'SIDE CHAIN' 
4 1 DC B 29 ? ? 0.069 'SIDE CHAIN' 
# 
loop_
_pdbx_unobs_or_zero_occ_atoms.id 
_pdbx_unobs_or_zero_occ_atoms.PDB_model_num 
_pdbx_unobs_or_zero_occ_atoms.polymer_flag 
_pdbx_unobs_or_zero_occ_atoms.occupancy_flag 
_pdbx_unobs_or_zero_occ_atoms.auth_asym_id 
_pdbx_unobs_or_zero_occ_atoms.auth_comp_id 
_pdbx_unobs_or_zero_occ_atoms.auth_seq_id 
_pdbx_unobs_or_zero_occ_atoms.PDB_ins_code 
_pdbx_unobs_or_zero_occ_atoms.auth_atom_id 
_pdbx_unobs_or_zero_occ_atoms.label_alt_id 
_pdbx_unobs_or_zero_occ_atoms.label_asym_id 
_pdbx_unobs_or_zero_occ_atoms.label_comp_id 
_pdbx_unobs_or_zero_occ_atoms.label_seq_id 
_pdbx_unobs_or_zero_occ_atoms.label_atom_id 
1  1 Y 1 C LYS 146 ? CG  ? C LYS 8  CG  
2  1 Y 1 C LYS 146 ? CD  ? C LYS 8  CD  
3  1 Y 1 C LYS 146 ? CE  ? C LYS 8  CE  
4  1 Y 1 C LYS 146 ? NZ  ? C LYS 8  NZ  
5  1 Y 1 C GLU 150 ? CB  ? C GLU 12 CB  
6  1 Y 1 C GLU 150 ? CG  ? C GLU 12 CG  
7  1 Y 1 C GLU 150 ? CD  ? C GLU 12 CD  
8  1 Y 1 C GLU 150 ? OE1 ? C GLU 12 OE1 
9  1 Y 1 C GLU 150 ? OE2 ? C GLU 12 OE2 
10 1 Y 1 C ARG 154 ? CG  ? C ARG 16 CG  
11 1 Y 1 C ARG 154 ? CD  ? C ARG 16 CD  
12 1 Y 1 C ARG 154 ? NE  ? C ARG 16 NE  
13 1 Y 1 C ARG 154 ? CZ  ? C ARG 16 CZ  
14 1 Y 1 C ARG 154 ? NH1 ? C ARG 16 NH1 
15 1 Y 1 C ARG 154 ? NH2 ? C ARG 16 NH2 
16 1 Y 1 C LYS 158 ? CD  ? C LYS 20 CD  
17 1 Y 1 C LYS 158 ? CE  ? C LYS 20 CE  
18 1 Y 1 C LYS 158 ? NZ  ? C LYS 20 NZ  
19 1 Y 1 C GLN 164 ? CB  ? C GLN 26 CB  
20 1 Y 1 C GLN 164 ? CD  ? C GLN 26 CD  
21 1 Y 1 C GLN 164 ? OE1 ? C GLN 26 OE1 
22 1 Y 1 C GLN 164 ? NE2 ? C GLN 26 NE2 
# 
loop_
_pdbx_unobs_or_zero_occ_residues.id 
_pdbx_unobs_or_zero_occ_residues.PDB_model_num 
_pdbx_unobs_or_zero_occ_residues.polymer_flag 
_pdbx_unobs_or_zero_occ_residues.occupancy_flag 
_pdbx_unobs_or_zero_occ_residues.auth_asym_id 
_pdbx_unobs_or_zero_occ_residues.auth_comp_id 
_pdbx_unobs_or_zero_occ_residues.auth_seq_id 
_pdbx_unobs_or_zero_occ_residues.PDB_ins_code 
_pdbx_unobs_or_zero_occ_residues.label_asym_id 
_pdbx_unobs_or_zero_occ_residues.label_comp_id 
_pdbx_unobs_or_zero_occ_residues.label_seq_id 
1 1 Y 1 C GLY 139 ? C GLY 1  
2 1 Y 1 C LYS 186 ? C LYS 48 
3 1 Y 1 C LYS 187 ? C LYS 49 
4 1 Y 1 C ARG 188 ? C ARG 50 
5 1 Y 1 C MET 189 ? C MET 51 
6 1 Y 1 C ASN 190 ? C ASN 52 
# 
loop_
_chem_comp_atom.comp_id 
_chem_comp_atom.atom_id 
_chem_comp_atom.type_symbol 
_chem_comp_atom.pdbx_aromatic_flag 
_chem_comp_atom.pdbx_stereo_config 
_chem_comp_atom.pdbx_ordinal 
ALA N      N N N 1   
ALA CA     C N S 2   
ALA C      C N N 3   
ALA O      O N N 4   
ALA CB     C N N 5   
ALA OXT    O N N 6   
ALA H      H N N 7   
ALA H2     H N N 8   
ALA HA     H N N 9   
ALA HB1    H N N 10  
ALA HB2    H N N 11  
ALA HB3    H N N 12  
ALA HXT    H N N 13  
ARG N      N N N 14  
ARG CA     C N S 15  
ARG C      C N N 16  
ARG O      O N N 17  
ARG CB     C N N 18  
ARG CG     C N N 19  
ARG CD     C N N 20  
ARG NE     N N N 21  
ARG CZ     C N N 22  
ARG NH1    N N N 23  
ARG NH2    N N N 24  
ARG OXT    O N N 25  
ARG H      H N N 26  
ARG H2     H N N 27  
ARG HA     H N N 28  
ARG HB2    H N N 29  
ARG HB3    H N N 30  
ARG HG2    H N N 31  
ARG HG3    H N N 32  
ARG HD2    H N N 33  
ARG HD3    H N N 34  
ARG HE     H N N 35  
ARG HH11   H N N 36  
ARG HH12   H N N 37  
ARG HH21   H N N 38  
ARG HH22   H N N 39  
ARG HXT    H N N 40  
ASN N      N N N 41  
ASN CA     C N S 42  
ASN C      C N N 43  
ASN O      O N N 44  
ASN CB     C N N 45  
ASN CG     C N N 46  
ASN OD1    O N N 47  
ASN ND2    N N N 48  
ASN OXT    O N N 49  
ASN H      H N N 50  
ASN H2     H N N 51  
ASN HA     H N N 52  
ASN HB2    H N N 53  
ASN HB3    H N N 54  
ASN HD21   H N N 55  
ASN HD22   H N N 56  
ASN HXT    H N N 57  
DA  OP3    O N N 58  
DA  P      P N N 59  
DA  OP1    O N N 60  
DA  OP2    O N N 61  
DA  "O5'"  O N N 62  
DA  "C5'"  C N N 63  
DA  "C4'"  C N R 64  
DA  "O4'"  O N N 65  
DA  "C3'"  C N S 66  
DA  "O3'"  O N N 67  
DA  "C2'"  C N N 68  
DA  "C1'"  C N R 69  
DA  N9     N Y N 70  
DA  C8     C Y N 71  
DA  N7     N Y N 72  
DA  C5     C Y N 73  
DA  C6     C Y N 74  
DA  N6     N N N 75  
DA  N1     N Y N 76  
DA  C2     C Y N 77  
DA  N3     N Y N 78  
DA  C4     C Y N 79  
DA  HOP3   H N N 80  
DA  HOP2   H N N 81  
DA  "H5'"  H N N 82  
DA  "H5''" H N N 83  
DA  "H4'"  H N N 84  
DA  "H3'"  H N N 85  
DA  "HO3'" H N N 86  
DA  "H2'"  H N N 87  
DA  "H2''" H N N 88  
DA  "H1'"  H N N 89  
DA  H8     H N N 90  
DA  H61    H N N 91  
DA  H62    H N N 92  
DA  H2     H N N 93  
DC  OP3    O N N 94  
DC  P      P N N 95  
DC  OP1    O N N 96  
DC  OP2    O N N 97  
DC  "O5'"  O N N 98  
DC  "C5'"  C N N 99  
DC  "C4'"  C N R 100 
DC  "O4'"  O N N 101 
DC  "C3'"  C N S 102 
DC  "O3'"  O N N 103 
DC  "C2'"  C N N 104 
DC  "C1'"  C N R 105 
DC  N1     N N N 106 
DC  C2     C N N 107 
DC  O2     O N N 108 
DC  N3     N N N 109 
DC  C4     C N N 110 
DC  N4     N N N 111 
DC  C5     C N N 112 
DC  C6     C N N 113 
DC  HOP3   H N N 114 
DC  HOP2   H N N 115 
DC  "H5'"  H N N 116 
DC  "H5''" H N N 117 
DC  "H4'"  H N N 118 
DC  "H3'"  H N N 119 
DC  "HO3'" H N N 120 
DC  "H2'"  H N N 121 
DC  "H2''" H N N 122 
DC  "H1'"  H N N 123 
DC  H41    H N N 124 
DC  H42    H N N 125 
DC  H5     H N N 126 
DC  H6     H N N 127 
DG  OP3    O N N 128 
DG  P      P N N 129 
DG  OP1    O N N 130 
DG  OP2    O N N 131 
DG  "O5'"  O N N 132 
DG  "C5'"  C N N 133 
DG  "C4'"  C N R 134 
DG  "O4'"  O N N 135 
DG  "C3'"  C N S 136 
DG  "O3'"  O N N 137 
DG  "C2'"  C N N 138 
DG  "C1'"  C N R 139 
DG  N9     N Y N 140 
DG  C8     C Y N 141 
DG  N7     N Y N 142 
DG  C5     C Y N 143 
DG  C6     C N N 144 
DG  O6     O N N 145 
DG  N1     N N N 146 
DG  C2     C N N 147 
DG  N2     N N N 148 
DG  N3     N N N 149 
DG  C4     C Y N 150 
DG  HOP3   H N N 151 
DG  HOP2   H N N 152 
DG  "H5'"  H N N 153 
DG  "H5''" H N N 154 
DG  "H4'"  H N N 155 
DG  "H3'"  H N N 156 
DG  "HO3'" H N N 157 
DG  "H2'"  H N N 158 
DG  "H2''" H N N 159 
DG  "H1'"  H N N 160 
DG  H8     H N N 161 
DG  H1     H N N 162 
DG  H21    H N N 163 
DG  H22    H N N 164 
DT  OP3    O N N 165 
DT  P      P N N 166 
DT  OP1    O N N 167 
DT  OP2    O N N 168 
DT  "O5'"  O N N 169 
DT  "C5'"  C N N 170 
DT  "C4'"  C N R 171 
DT  "O4'"  O N N 172 
DT  "C3'"  C N S 173 
DT  "O3'"  O N N 174 
DT  "C2'"  C N N 175 
DT  "C1'"  C N R 176 
DT  N1     N N N 177 
DT  C2     C N N 178 
DT  O2     O N N 179 
DT  N3     N N N 180 
DT  C4     C N N 181 
DT  O4     O N N 182 
DT  C5     C N N 183 
DT  C7     C N N 184 
DT  C6     C N N 185 
DT  HOP3   H N N 186 
DT  HOP2   H N N 187 
DT  "H5'"  H N N 188 
DT  "H5''" H N N 189 
DT  "H4'"  H N N 190 
DT  "H3'"  H N N 191 
DT  "HO3'" H N N 192 
DT  "H2'"  H N N 193 
DT  "H2''" H N N 194 
DT  "H1'"  H N N 195 
DT  H3     H N N 196 
DT  H71    H N N 197 
DT  H72    H N N 198 
DT  H73    H N N 199 
DT  H6     H N N 200 
GLN N      N N N 201 
GLN CA     C N S 202 
GLN C      C N N 203 
GLN O      O N N 204 
GLN CB     C N N 205 
GLN CG     C N N 206 
GLN CD     C N N 207 
GLN OE1    O N N 208 
GLN NE2    N N N 209 
GLN OXT    O N N 210 
GLN H      H N N 211 
GLN H2     H N N 212 
GLN HA     H N N 213 
GLN HB2    H N N 214 
GLN HB3    H N N 215 
GLN HG2    H N N 216 
GLN HG3    H N N 217 
GLN HE21   H N N 218 
GLN HE22   H N N 219 
GLN HXT    H N N 220 
GLU N      N N N 221 
GLU CA     C N S 222 
GLU C      C N N 223 
GLU O      O N N 224 
GLU CB     C N N 225 
GLU CG     C N N 226 
GLU CD     C N N 227 
GLU OE1    O N N 228 
GLU OE2    O N N 229 
GLU OXT    O N N 230 
GLU H      H N N 231 
GLU H2     H N N 232 
GLU HA     H N N 233 
GLU HB2    H N N 234 
GLU HB3    H N N 235 
GLU HG2    H N N 236 
GLU HG3    H N N 237 
GLU HE2    H N N 238 
GLU HXT    H N N 239 
GLY N      N N N 240 
GLY CA     C N N 241 
GLY C      C N N 242 
GLY O      O N N 243 
GLY OXT    O N N 244 
GLY H      H N N 245 
GLY H2     H N N 246 
GLY HA2    H N N 247 
GLY HA3    H N N 248 
GLY HXT    H N N 249 
HIS N      N N N 250 
HIS CA     C N S 251 
HIS C      C N N 252 
HIS O      O N N 253 
HIS CB     C N N 254 
HIS CG     C Y N 255 
HIS ND1    N Y N 256 
HIS CD2    C Y N 257 
HIS CE1    C Y N 258 
HIS NE2    N Y N 259 
HIS OXT    O N N 260 
HIS H      H N N 261 
HIS H2     H N N 262 
HIS HA     H N N 263 
HIS HB2    H N N 264 
HIS HB3    H N N 265 
HIS HD1    H N N 266 
HIS HD2    H N N 267 
HIS HE1    H N N 268 
HIS HE2    H N N 269 
HIS HXT    H N N 270 
ILE N      N N N 271 
ILE CA     C N S 272 
ILE C      C N N 273 
ILE O      O N N 274 
ILE CB     C N S 275 
ILE CG1    C N N 276 
ILE CG2    C N N 277 
ILE CD1    C N N 278 
ILE OXT    O N N 279 
ILE H      H N N 280 
ILE H2     H N N 281 
ILE HA     H N N 282 
ILE HB     H N N 283 
ILE HG12   H N N 284 
ILE HG13   H N N 285 
ILE HG21   H N N 286 
ILE HG22   H N N 287 
ILE HG23   H N N 288 
ILE HD11   H N N 289 
ILE HD12   H N N 290 
ILE HD13   H N N 291 
ILE HXT    H N N 292 
LEU N      N N N 293 
LEU CA     C N S 294 
LEU C      C N N 295 
LEU O      O N N 296 
LEU CB     C N N 297 
LEU CG     C N N 298 
LEU CD1    C N N 299 
LEU CD2    C N N 300 
LEU OXT    O N N 301 
LEU H      H N N 302 
LEU H2     H N N 303 
LEU HA     H N N 304 
LEU HB2    H N N 305 
LEU HB3    H N N 306 
LEU HG     H N N 307 
LEU HD11   H N N 308 
LEU HD12   H N N 309 
LEU HD13   H N N 310 
LEU HD21   H N N 311 
LEU HD22   H N N 312 
LEU HD23   H N N 313 
LEU HXT    H N N 314 
LYS N      N N N 315 
LYS CA     C N S 316 
LYS C      C N N 317 
LYS O      O N N 318 
LYS CB     C N N 319 
LYS CG     C N N 320 
LYS CD     C N N 321 
LYS CE     C N N 322 
LYS NZ     N N N 323 
LYS OXT    O N N 324 
LYS H      H N N 325 
LYS H2     H N N 326 
LYS HA     H N N 327 
LYS HB2    H N N 328 
LYS HB3    H N N 329 
LYS HG2    H N N 330 
LYS HG3    H N N 331 
LYS HD2    H N N 332 
LYS HD3    H N N 333 
LYS HE2    H N N 334 
LYS HE3    H N N 335 
LYS HZ1    H N N 336 
LYS HZ2    H N N 337 
LYS HZ3    H N N 338 
LYS HXT    H N N 339 
MET N      N N N 340 
MET CA     C N S 341 
MET C      C N N 342 
MET O      O N N 343 
MET CB     C N N 344 
MET CG     C N N 345 
MET SD     S N N 346 
MET CE     C N N 347 
MET OXT    O N N 348 
MET H      H N N 349 
MET H2     H N N 350 
MET HA     H N N 351 
MET HB2    H N N 352 
MET HB3    H N N 353 
MET HG2    H N N 354 
MET HG3    H N N 355 
MET HE1    H N N 356 
MET HE2    H N N 357 
MET HE3    H N N 358 
MET HXT    H N N 359 
PHE N      N N N 360 
PHE CA     C N S 361 
PHE C      C N N 362 
PHE O      O N N 363 
PHE CB     C N N 364 
PHE CG     C Y N 365 
PHE CD1    C Y N 366 
PHE CD2    C Y N 367 
PHE CE1    C Y N 368 
PHE CE2    C Y N 369 
PHE CZ     C Y N 370 
PHE OXT    O N N 371 
PHE H      H N N 372 
PHE H2     H N N 373 
PHE HA     H N N 374 
PHE HB2    H N N 375 
PHE HB3    H N N 376 
PHE HD1    H N N 377 
PHE HD2    H N N 378 
PHE HE1    H N N 379 
PHE HE2    H N N 380 
PHE HZ     H N N 381 
PHE HXT    H N N 382 
PRO N      N N N 383 
PRO CA     C N S 384 
PRO C      C N N 385 
PRO O      O N N 386 
PRO CB     C N N 387 
PRO CG     C N N 388 
PRO CD     C N N 389 
PRO OXT    O N N 390 
PRO H      H N N 391 
PRO HA     H N N 392 
PRO HB2    H N N 393 
PRO HB3    H N N 394 
PRO HG2    H N N 395 
PRO HG3    H N N 396 
PRO HD2    H N N 397 
PRO HD3    H N N 398 
PRO HXT    H N N 399 
SER N      N N N 400 
SER CA     C N S 401 
SER C      C N N 402 
SER O      O N N 403 
SER CB     C N N 404 
SER OG     O N N 405 
SER OXT    O N N 406 
SER H      H N N 407 
SER H2     H N N 408 
SER HA     H N N 409 
SER HB2    H N N 410 
SER HB3    H N N 411 
SER HG     H N N 412 
SER HXT    H N N 413 
THR N      N N N 414 
THR CA     C N S 415 
THR C      C N N 416 
THR O      O N N 417 
THR CB     C N R 418 
THR OG1    O N N 419 
THR CG2    C N N 420 
THR OXT    O N N 421 
THR H      H N N 422 
THR H2     H N N 423 
THR HA     H N N 424 
THR HB     H N N 425 
THR HG1    H N N 426 
THR HG21   H N N 427 
THR HG22   H N N 428 
THR HG23   H N N 429 
THR HXT    H N N 430 
TYR N      N N N 431 
TYR CA     C N S 432 
TYR C      C N N 433 
TYR O      O N N 434 
TYR CB     C N N 435 
TYR CG     C Y N 436 
TYR CD1    C Y N 437 
TYR CD2    C Y N 438 
TYR CE1    C Y N 439 
TYR CE2    C Y N 440 
TYR CZ     C Y N 441 
TYR OH     O N N 442 
TYR OXT    O N N 443 
TYR H      H N N 444 
TYR H2     H N N 445 
TYR HA     H N N 446 
TYR HB2    H N N 447 
TYR HB3    H N N 448 
TYR HD1    H N N 449 
TYR HD2    H N N 450 
TYR HE1    H N N 451 
TYR HE2    H N N 452 
TYR HH     H N N 453 
TYR HXT    H N N 454 
VAL N      N N N 455 
VAL CA     C N S 456 
VAL C      C N N 457 
VAL O      O N N 458 
VAL CB     C N N 459 
VAL CG1    C N N 460 
VAL CG2    C N N 461 
VAL OXT    O N N 462 
VAL H      H N N 463 
VAL H2     H N N 464 
VAL HA     H N N 465 
VAL HB     H N N 466 
VAL HG11   H N N 467 
VAL HG12   H N N 468 
VAL HG13   H N N 469 
VAL HG21   H N N 470 
VAL HG22   H N N 471 
VAL HG23   H N N 472 
VAL HXT    H N N 473 
# 
loop_
_chem_comp_bond.comp_id 
_chem_comp_bond.atom_id_1 
_chem_comp_bond.atom_id_2 
_chem_comp_bond.value_order 
_chem_comp_bond.pdbx_aromatic_flag 
_chem_comp_bond.pdbx_stereo_config 
_chem_comp_bond.pdbx_ordinal 
ALA N     CA     sing N N 1   
ALA N     H      sing N N 2   
ALA N     H2     sing N N 3   
ALA CA    C      sing N N 4   
ALA CA    CB     sing N N 5   
ALA CA    HA     sing N N 6   
ALA C     O      doub N N 7   
ALA C     OXT    sing N N 8   
ALA CB    HB1    sing N N 9   
ALA CB    HB2    sing N N 10  
ALA CB    HB3    sing N N 11  
ALA OXT   HXT    sing N N 12  
ARG N     CA     sing N N 13  
ARG N     H      sing N N 14  
ARG N     H2     sing N N 15  
ARG CA    C      sing N N 16  
ARG CA    CB     sing N N 17  
ARG CA    HA     sing N N 18  
ARG C     O      doub N N 19  
ARG C     OXT    sing N N 20  
ARG CB    CG     sing N N 21  
ARG CB    HB2    sing N N 22  
ARG CB    HB3    sing N N 23  
ARG CG    CD     sing N N 24  
ARG CG    HG2    sing N N 25  
ARG CG    HG3    sing N N 26  
ARG CD    NE     sing N N 27  
ARG CD    HD2    sing N N 28  
ARG CD    HD3    sing N N 29  
ARG NE    CZ     sing N N 30  
ARG NE    HE     sing N N 31  
ARG CZ    NH1    sing N N 32  
ARG CZ    NH2    doub N N 33  
ARG NH1   HH11   sing N N 34  
ARG NH1   HH12   sing N N 35  
ARG NH2   HH21   sing N N 36  
ARG NH2   HH22   sing N N 37  
ARG OXT   HXT    sing N N 38  
ASN N     CA     sing N N 39  
ASN N     H      sing N N 40  
ASN N     H2     sing N N 41  
ASN CA    C      sing N N 42  
ASN CA    CB     sing N N 43  
ASN CA    HA     sing N N 44  
ASN C     O      doub N N 45  
ASN C     OXT    sing N N 46  
ASN CB    CG     sing N N 47  
ASN CB    HB2    sing N N 48  
ASN CB    HB3    sing N N 49  
ASN CG    OD1    doub N N 50  
ASN CG    ND2    sing N N 51  
ASN ND2   HD21   sing N N 52  
ASN ND2   HD22   sing N N 53  
ASN OXT   HXT    sing N N 54  
DA  OP3   P      sing N N 55  
DA  OP3   HOP3   sing N N 56  
DA  P     OP1    doub N N 57  
DA  P     OP2    sing N N 58  
DA  P     "O5'"  sing N N 59  
DA  OP2   HOP2   sing N N 60  
DA  "O5'" "C5'"  sing N N 61  
DA  "C5'" "C4'"  sing N N 62  
DA  "C5'" "H5'"  sing N N 63  
DA  "C5'" "H5''" sing N N 64  
DA  "C4'" "O4'"  sing N N 65  
DA  "C4'" "C3'"  sing N N 66  
DA  "C4'" "H4'"  sing N N 67  
DA  "O4'" "C1'"  sing N N 68  
DA  "C3'" "O3'"  sing N N 69  
DA  "C3'" "C2'"  sing N N 70  
DA  "C3'" "H3'"  sing N N 71  
DA  "O3'" "HO3'" sing N N 72  
DA  "C2'" "C1'"  sing N N 73  
DA  "C2'" "H2'"  sing N N 74  
DA  "C2'" "H2''" sing N N 75  
DA  "C1'" N9     sing N N 76  
DA  "C1'" "H1'"  sing N N 77  
DA  N9    C8     sing Y N 78  
DA  N9    C4     sing Y N 79  
DA  C8    N7     doub Y N 80  
DA  C8    H8     sing N N 81  
DA  N7    C5     sing Y N 82  
DA  C5    C6     sing Y N 83  
DA  C5    C4     doub Y N 84  
DA  C6    N6     sing N N 85  
DA  C6    N1     doub Y N 86  
DA  N6    H61    sing N N 87  
DA  N6    H62    sing N N 88  
DA  N1    C2     sing Y N 89  
DA  C2    N3     doub Y N 90  
DA  C2    H2     sing N N 91  
DA  N3    C4     sing Y N 92  
DC  OP3   P      sing N N 93  
DC  OP3   HOP3   sing N N 94  
DC  P     OP1    doub N N 95  
DC  P     OP2    sing N N 96  
DC  P     "O5'"  sing N N 97  
DC  OP2   HOP2   sing N N 98  
DC  "O5'" "C5'"  sing N N 99  
DC  "C5'" "C4'"  sing N N 100 
DC  "C5'" "H5'"  sing N N 101 
DC  "C5'" "H5''" sing N N 102 
DC  "C4'" "O4'"  sing N N 103 
DC  "C4'" "C3'"  sing N N 104 
DC  "C4'" "H4'"  sing N N 105 
DC  "O4'" "C1'"  sing N N 106 
DC  "C3'" "O3'"  sing N N 107 
DC  "C3'" "C2'"  sing N N 108 
DC  "C3'" "H3'"  sing N N 109 
DC  "O3'" "HO3'" sing N N 110 
DC  "C2'" "C1'"  sing N N 111 
DC  "C2'" "H2'"  sing N N 112 
DC  "C2'" "H2''" sing N N 113 
DC  "C1'" N1     sing N N 114 
DC  "C1'" "H1'"  sing N N 115 
DC  N1    C2     sing N N 116 
DC  N1    C6     sing N N 117 
DC  C2    O2     doub N N 118 
DC  C2    N3     sing N N 119 
DC  N3    C4     doub N N 120 
DC  C4    N4     sing N N 121 
DC  C4    C5     sing N N 122 
DC  N4    H41    sing N N 123 
DC  N4    H42    sing N N 124 
DC  C5    C6     doub N N 125 
DC  C5    H5     sing N N 126 
DC  C6    H6     sing N N 127 
DG  OP3   P      sing N N 128 
DG  OP3   HOP3   sing N N 129 
DG  P     OP1    doub N N 130 
DG  P     OP2    sing N N 131 
DG  P     "O5'"  sing N N 132 
DG  OP2   HOP2   sing N N 133 
DG  "O5'" "C5'"  sing N N 134 
DG  "C5'" "C4'"  sing N N 135 
DG  "C5'" "H5'"  sing N N 136 
DG  "C5'" "H5''" sing N N 137 
DG  "C4'" "O4'"  sing N N 138 
DG  "C4'" "C3'"  sing N N 139 
DG  "C4'" "H4'"  sing N N 140 
DG  "O4'" "C1'"  sing N N 141 
DG  "C3'" "O3'"  sing N N 142 
DG  "C3'" "C2'"  sing N N 143 
DG  "C3'" "H3'"  sing N N 144 
DG  "O3'" "HO3'" sing N N 145 
DG  "C2'" "C1'"  sing N N 146 
DG  "C2'" "H2'"  sing N N 147 
DG  "C2'" "H2''" sing N N 148 
DG  "C1'" N9     sing N N 149 
DG  "C1'" "H1'"  sing N N 150 
DG  N9    C8     sing Y N 151 
DG  N9    C4     sing Y N 152 
DG  C8    N7     doub Y N 153 
DG  C8    H8     sing N N 154 
DG  N7    C5     sing Y N 155 
DG  C5    C6     sing N N 156 
DG  C5    C4     doub Y N 157 
DG  C6    O6     doub N N 158 
DG  C6    N1     sing N N 159 
DG  N1    C2     sing N N 160 
DG  N1    H1     sing N N 161 
DG  C2    N2     sing N N 162 
DG  C2    N3     doub N N 163 
DG  N2    H21    sing N N 164 
DG  N2    H22    sing N N 165 
DG  N3    C4     sing N N 166 
DT  OP3   P      sing N N 167 
DT  OP3   HOP3   sing N N 168 
DT  P     OP1    doub N N 169 
DT  P     OP2    sing N N 170 
DT  P     "O5'"  sing N N 171 
DT  OP2   HOP2   sing N N 172 
DT  "O5'" "C5'"  sing N N 173 
DT  "C5'" "C4'"  sing N N 174 
DT  "C5'" "H5'"  sing N N 175 
DT  "C5'" "H5''" sing N N 176 
DT  "C4'" "O4'"  sing N N 177 
DT  "C4'" "C3'"  sing N N 178 
DT  "C4'" "H4'"  sing N N 179 
DT  "O4'" "C1'"  sing N N 180 
DT  "C3'" "O3'"  sing N N 181 
DT  "C3'" "C2'"  sing N N 182 
DT  "C3'" "H3'"  sing N N 183 
DT  "O3'" "HO3'" sing N N 184 
DT  "C2'" "C1'"  sing N N 185 
DT  "C2'" "H2'"  sing N N 186 
DT  "C2'" "H2''" sing N N 187 
DT  "C1'" N1     sing N N 188 
DT  "C1'" "H1'"  sing N N 189 
DT  N1    C2     sing N N 190 
DT  N1    C6     sing N N 191 
DT  C2    O2     doub N N 192 
DT  C2    N3     sing N N 193 
DT  N3    C4     sing N N 194 
DT  N3    H3     sing N N 195 
DT  C4    O4     doub N N 196 
DT  C4    C5     sing N N 197 
DT  C5    C7     sing N N 198 
DT  C5    C6     doub N N 199 
DT  C7    H71    sing N N 200 
DT  C7    H72    sing N N 201 
DT  C7    H73    sing N N 202 
DT  C6    H6     sing N N 203 
GLN N     CA     sing N N 204 
GLN N     H      sing N N 205 
GLN N     H2     sing N N 206 
GLN CA    C      sing N N 207 
GLN CA    CB     sing N N 208 
GLN CA    HA     sing N N 209 
GLN C     O      doub N N 210 
GLN C     OXT    sing N N 211 
GLN CB    CG     sing N N 212 
GLN CB    HB2    sing N N 213 
GLN CB    HB3    sing N N 214 
GLN CG    CD     sing N N 215 
GLN CG    HG2    sing N N 216 
GLN CG    HG3    sing N N 217 
GLN CD    OE1    doub N N 218 
GLN CD    NE2    sing N N 219 
GLN NE2   HE21   sing N N 220 
GLN NE2   HE22   sing N N 221 
GLN OXT   HXT    sing N N 222 
GLU N     CA     sing N N 223 
GLU N     H      sing N N 224 
GLU N     H2     sing N N 225 
GLU CA    C      sing N N 226 
GLU CA    CB     sing N N 227 
GLU CA    HA     sing N N 228 
GLU C     O      doub N N 229 
GLU C     OXT    sing N N 230 
GLU CB    CG     sing N N 231 
GLU CB    HB2    sing N N 232 
GLU CB    HB3    sing N N 233 
GLU CG    CD     sing N N 234 
GLU CG    HG2    sing N N 235 
GLU CG    HG3    sing N N 236 
GLU CD    OE1    doub N N 237 
GLU CD    OE2    sing N N 238 
GLU OE2   HE2    sing N N 239 
GLU OXT   HXT    sing N N 240 
GLY N     CA     sing N N 241 
GLY N     H      sing N N 242 
GLY N     H2     sing N N 243 
GLY CA    C      sing N N 244 
GLY CA    HA2    sing N N 245 
GLY CA    HA3    sing N N 246 
GLY C     O      doub N N 247 
GLY C     OXT    sing N N 248 
GLY OXT   HXT    sing N N 249 
HIS N     CA     sing N N 250 
HIS N     H      sing N N 251 
HIS N     H2     sing N N 252 
HIS CA    C      sing N N 253 
HIS CA    CB     sing N N 254 
HIS CA    HA     sing N N 255 
HIS C     O      doub N N 256 
HIS C     OXT    sing N N 257 
HIS CB    CG     sing N N 258 
HIS CB    HB2    sing N N 259 
HIS CB    HB3    sing N N 260 
HIS CG    ND1    sing Y N 261 
HIS CG    CD2    doub Y N 262 
HIS ND1   CE1    doub Y N 263 
HIS ND1   HD1    sing N N 264 
HIS CD2   NE2    sing Y N 265 
HIS CD2   HD2    sing N N 266 
HIS CE1   NE2    sing Y N 267 
HIS CE1   HE1    sing N N 268 
HIS NE2   HE2    sing N N 269 
HIS OXT   HXT    sing N N 270 
ILE N     CA     sing N N 271 
ILE N     H      sing N N 272 
ILE N     H2     sing N N 273 
ILE CA    C      sing N N 274 
ILE CA    CB     sing N N 275 
ILE CA    HA     sing N N 276 
ILE C     O      doub N N 277 
ILE C     OXT    sing N N 278 
ILE CB    CG1    sing N N 279 
ILE CB    CG2    sing N N 280 
ILE CB    HB     sing N N 281 
ILE CG1   CD1    sing N N 282 
ILE CG1   HG12   sing N N 283 
ILE CG1   HG13   sing N N 284 
ILE CG2   HG21   sing N N 285 
ILE CG2   HG22   sing N N 286 
ILE CG2   HG23   sing N N 287 
ILE CD1   HD11   sing N N 288 
ILE CD1   HD12   sing N N 289 
ILE CD1   HD13   sing N N 290 
ILE OXT   HXT    sing N N 291 
LEU N     CA     sing N N 292 
LEU N     H      sing N N 293 
LEU N     H2     sing N N 294 
LEU CA    C      sing N N 295 
LEU CA    CB     sing N N 296 
LEU CA    HA     sing N N 297 
LEU C     O      doub N N 298 
LEU C     OXT    sing N N 299 
LEU CB    CG     sing N N 300 
LEU CB    HB2    sing N N 301 
LEU CB    HB3    sing N N 302 
LEU CG    CD1    sing N N 303 
LEU CG    CD2    sing N N 304 
LEU CG    HG     sing N N 305 
LEU CD1   HD11   sing N N 306 
LEU CD1   HD12   sing N N 307 
LEU CD1   HD13   sing N N 308 
LEU CD2   HD21   sing N N 309 
LEU CD2   HD22   sing N N 310 
LEU CD2   HD23   sing N N 311 
LEU OXT   HXT    sing N N 312 
LYS N     CA     sing N N 313 
LYS N     H      sing N N 314 
LYS N     H2     sing N N 315 
LYS CA    C      sing N N 316 
LYS CA    CB     sing N N 317 
LYS CA    HA     sing N N 318 
LYS C     O      doub N N 319 
LYS C     OXT    sing N N 320 
LYS CB    CG     sing N N 321 
LYS CB    HB2    sing N N 322 
LYS CB    HB3    sing N N 323 
LYS CG    CD     sing N N 324 
LYS CG    HG2    sing N N 325 
LYS CG    HG3    sing N N 326 
LYS CD    CE     sing N N 327 
LYS CD    HD2    sing N N 328 
LYS CD    HD3    sing N N 329 
LYS CE    NZ     sing N N 330 
LYS CE    HE2    sing N N 331 
LYS CE    HE3    sing N N 332 
LYS NZ    HZ1    sing N N 333 
LYS NZ    HZ2    sing N N 334 
LYS NZ    HZ3    sing N N 335 
LYS OXT   HXT    sing N N 336 
MET N     CA     sing N N 337 
MET N     H      sing N N 338 
MET N     H2     sing N N 339 
MET CA    C      sing N N 340 
MET CA    CB     sing N N 341 
MET CA    HA     sing N N 342 
MET C     O      doub N N 343 
MET C     OXT    sing N N 344 
MET CB    CG     sing N N 345 
MET CB    HB2    sing N N 346 
MET CB    HB3    sing N N 347 
MET CG    SD     sing N N 348 
MET CG    HG2    sing N N 349 
MET CG    HG3    sing N N 350 
MET SD    CE     sing N N 351 
MET CE    HE1    sing N N 352 
MET CE    HE2    sing N N 353 
MET CE    HE3    sing N N 354 
MET OXT   HXT    sing N N 355 
PHE N     CA     sing N N 356 
PHE N     H      sing N N 357 
PHE N     H2     sing N N 358 
PHE CA    C      sing N N 359 
PHE CA    CB     sing N N 360 
PHE CA    HA     sing N N 361 
PHE C     O      doub N N 362 
PHE C     OXT    sing N N 363 
PHE CB    CG     sing N N 364 
PHE CB    HB2    sing N N 365 
PHE CB    HB3    sing N N 366 
PHE CG    CD1    doub Y N 367 
PHE CG    CD2    sing Y N 368 
PHE CD1   CE1    sing Y N 369 
PHE CD1   HD1    sing N N 370 
PHE CD2   CE2    doub Y N 371 
PHE CD2   HD2    sing N N 372 
PHE CE1   CZ     doub Y N 373 
PHE CE1   HE1    sing N N 374 
PHE CE2   CZ     sing Y N 375 
PHE CE2   HE2    sing N N 376 
PHE CZ    HZ     sing N N 377 
PHE OXT   HXT    sing N N 378 
PRO N     CA     sing N N 379 
PRO N     CD     sing N N 380 
PRO N     H      sing N N 381 
PRO CA    C      sing N N 382 
PRO CA    CB     sing N N 383 
PRO CA    HA     sing N N 384 
PRO C     O      doub N N 385 
PRO C     OXT    sing N N 386 
PRO CB    CG     sing N N 387 
PRO CB    HB2    sing N N 388 
PRO CB    HB3    sing N N 389 
PRO CG    CD     sing N N 390 
PRO CG    HG2    sing N N 391 
PRO CG    HG3    sing N N 392 
PRO CD    HD2    sing N N 393 
PRO CD    HD3    sing N N 394 
PRO OXT   HXT    sing N N 395 
SER N     CA     sing N N 396 
SER N     H      sing N N 397 
SER N     H2     sing N N 398 
SER CA    C      sing N N 399 
SER CA    CB     sing N N 400 
SER CA    HA     sing N N 401 
SER C     O      doub N N 402 
SER C     OXT    sing N N 403 
SER CB    OG     sing N N 404 
SER CB    HB2    sing N N 405 
SER CB    HB3    sing N N 406 
SER OG    HG     sing N N 407 
SER OXT   HXT    sing N N 408 
THR N     CA     sing N N 409 
THR N     H      sing N N 410 
THR N     H2     sing N N 411 
THR CA    C      sing N N 412 
THR CA    CB     sing N N 413 
THR CA    HA     sing N N 414 
THR C     O      doub N N 415 
THR C     OXT    sing N N 416 
THR CB    OG1    sing N N 417 
THR CB    CG2    sing N N 418 
THR CB    HB     sing N N 419 
THR OG1   HG1    sing N N 420 
THR CG2   HG21   sing N N 421 
THR CG2   HG22   sing N N 422 
THR CG2   HG23   sing N N 423 
THR OXT   HXT    sing N N 424 
TYR N     CA     sing N N 425 
TYR N     H      sing N N 426 
TYR N     H2     sing N N 427 
TYR CA    C      sing N N 428 
TYR CA    CB     sing N N 429 
TYR CA    HA     sing N N 430 
TYR C     O      doub N N 431 
TYR C     OXT    sing N N 432 
TYR CB    CG     sing N N 433 
TYR CB    HB2    sing N N 434 
TYR CB    HB3    sing N N 435 
TYR CG    CD1    doub Y N 436 
TYR CG    CD2    sing Y N 437 
TYR CD1   CE1    sing Y N 438 
TYR CD1   HD1    sing N N 439 
TYR CD2   CE2    doub Y N 440 
TYR CD2   HD2    sing N N 441 
TYR CE1   CZ     doub Y N 442 
TYR CE1   HE1    sing N N 443 
TYR CE2   CZ     sing Y N 444 
TYR CE2   HE2    sing N N 445 
TYR CZ    OH     sing N N 446 
TYR OH    HH     sing N N 447 
TYR OXT   HXT    sing N N 448 
VAL N     CA     sing N N 449 
VAL N     H      sing N N 450 
VAL N     H2     sing N N 451 
VAL CA    C      sing N N 452 
VAL CA    CB     sing N N 453 
VAL CA    HA     sing N N 454 
VAL C     O      doub N N 455 
VAL C     OXT    sing N N 456 
VAL CB    CG1    sing N N 457 
VAL CB    CG2    sing N N 458 
VAL CB    HB     sing N N 459 
VAL CG1   HG11   sing N N 460 
VAL CG1   HG12   sing N N 461 
VAL CG1   HG13   sing N N 462 
VAL CG2   HG21   sing N N 463 
VAL CG2   HG22   sing N N 464 
VAL CG2   HG23   sing N N 465 
VAL OXT   HXT    sing N N 466 
# 
_ndb_struct_conf_na.entry_id   1JKQ 
_ndb_struct_conf_na.feature    'b-form double helix' 
# 
loop_
_ndb_struct_na_base_pair.model_number 
_ndb_struct_na_base_pair.i_label_asym_id 
_ndb_struct_na_base_pair.i_label_comp_id 
_ndb_struct_na_base_pair.i_label_seq_id 
_ndb_struct_na_base_pair.i_symmetry 
_ndb_struct_na_base_pair.j_label_asym_id 
_ndb_struct_na_base_pair.j_label_comp_id 
_ndb_struct_na_base_pair.j_label_seq_id 
_ndb_struct_na_base_pair.j_symmetry 
_ndb_struct_na_base_pair.shear 
_ndb_struct_na_base_pair.stretch 
_ndb_struct_na_base_pair.stagger 
_ndb_struct_na_base_pair.buckle 
_ndb_struct_na_base_pair.propeller 
_ndb_struct_na_base_pair.opening 
_ndb_struct_na_base_pair.pair_number 
_ndb_struct_na_base_pair.pair_name 
_ndb_struct_na_base_pair.i_auth_asym_id 
_ndb_struct_na_base_pair.i_auth_seq_id 
_ndb_struct_na_base_pair.i_PDB_ins_code 
_ndb_struct_na_base_pair.j_auth_asym_id 
_ndb_struct_na_base_pair.j_auth_seq_id 
_ndb_struct_na_base_pair.j_PDB_ins_code 
_ndb_struct_na_base_pair.hbond_type_28 
_ndb_struct_na_base_pair.hbond_type_12 
1 A DG 2  1_555 B DC 14 1_555 0.197  -0.183 -0.685 -16.587 10.262  -5.900  1  A_DG3:DC29_B  A 3  ? B 29 ? 19 1 
1 A DT 3  1_555 B DA 13 1_555 -0.225 -0.271 -0.136 3.843   -9.287  1.897   2  A_DT4:DA28_B  A 4  ? B 28 ? 20 1 
1 A DT 4  1_555 B DA 12 1_555 -1.285 -0.008 -0.100 -2.395  -15.104 -0.292  3  A_DT5:DA27_B  A 5  ? B 27 ? 20 1 
1 A DT 5  1_555 B DA 11 1_555 0.204  -0.257 -0.119 -2.456  -20.791 -3.330  4  A_DT6:DA26_B  A 6  ? B 26 ? 20 1 
1 A DT 6  1_555 B DA 10 1_555 -1.658 -0.248 -0.415 -2.549  0.872   -6.358  5  A_DT7:DA25_B  A 7  ? B 25 ? 20 1 
1 A DT 7  1_555 B DA 9  1_555 -1.209 0.155  -0.128 -5.122  -8.877  4.583   6  A_DT8:DA24_B  A 8  ? B 24 ? 20 1 
1 A DT 8  1_555 B DA 8  1_555 -0.690 -0.062 -0.151 -1.754  -6.321  -0.677  7  A_DT9:DA23_B  A 9  ? B 23 ? 20 1 
1 A DA 9  1_555 B DT 7  1_555 -1.016 -0.695 0.122  -1.143  -9.786  -2.185  8  A_DA10:DT22_B A 10 ? B 22 ? 20 1 
1 A DT 10 1_555 B DA 6  1_555 -0.988 -0.424 0.007  -0.966  -2.438  -11.561 9  A_DT11:DA21_B A 11 ? B 21 ? 20 1 
1 A DA 11 1_555 B DT 5  1_555 0.394  -0.296 -0.157 -5.155  -10.106 -3.085  10 A_DA12:DT20_B A 12 ? B 20 ? 20 1 
1 A DA 12 1_555 B DT 4  1_555 0.442  -0.335 0.438  10.089  -2.744  1.768   11 A_DA13:DT19_B A 13 ? B 19 ? 20 1 
1 A DG 13 1_555 B DC 3  1_555 0.231  -0.334 0.271  5.082   -3.653  -3.069  12 A_DG14:DC18_B A 14 ? B 18 ? 19 1 
# 
loop_
_ndb_struct_na_base_pair_step.model_number 
_ndb_struct_na_base_pair_step.i_label_asym_id_1 
_ndb_struct_na_base_pair_step.i_label_comp_id_1 
_ndb_struct_na_base_pair_step.i_label_seq_id_1 
_ndb_struct_na_base_pair_step.i_symmetry_1 
_ndb_struct_na_base_pair_step.j_label_asym_id_1 
_ndb_struct_na_base_pair_step.j_label_comp_id_1 
_ndb_struct_na_base_pair_step.j_label_seq_id_1 
_ndb_struct_na_base_pair_step.j_symmetry_1 
_ndb_struct_na_base_pair_step.i_label_asym_id_2 
_ndb_struct_na_base_pair_step.i_label_comp_id_2 
_ndb_struct_na_base_pair_step.i_label_seq_id_2 
_ndb_struct_na_base_pair_step.i_symmetry_2 
_ndb_struct_na_base_pair_step.j_label_asym_id_2 
_ndb_struct_na_base_pair_step.j_label_comp_id_2 
_ndb_struct_na_base_pair_step.j_label_seq_id_2 
_ndb_struct_na_base_pair_step.j_symmetry_2 
_ndb_struct_na_base_pair_step.shift 
_ndb_struct_na_base_pair_step.slide 
_ndb_struct_na_base_pair_step.rise 
_ndb_struct_na_base_pair_step.tilt 
_ndb_struct_na_base_pair_step.roll 
_ndb_struct_na_base_pair_step.twist 
_ndb_struct_na_base_pair_step.x_displacement 
_ndb_struct_na_base_pair_step.y_displacement 
_ndb_struct_na_base_pair_step.helical_rise 
_ndb_struct_na_base_pair_step.inclination 
_ndb_struct_na_base_pair_step.tip 
_ndb_struct_na_base_pair_step.helical_twist 
_ndb_struct_na_base_pair_step.step_number 
_ndb_struct_na_base_pair_step.step_name 
_ndb_struct_na_base_pair_step.i_auth_asym_id_1 
_ndb_struct_na_base_pair_step.i_auth_seq_id_1 
_ndb_struct_na_base_pair_step.i_PDB_ins_code_1 
_ndb_struct_na_base_pair_step.j_auth_asym_id_1 
_ndb_struct_na_base_pair_step.j_auth_seq_id_1 
_ndb_struct_na_base_pair_step.j_PDB_ins_code_1 
_ndb_struct_na_base_pair_step.i_auth_asym_id_2 
_ndb_struct_na_base_pair_step.i_auth_seq_id_2 
_ndb_struct_na_base_pair_step.i_PDB_ins_code_2 
_ndb_struct_na_base_pair_step.j_auth_asym_id_2 
_ndb_struct_na_base_pair_step.j_auth_seq_id_2 
_ndb_struct_na_base_pair_step.j_PDB_ins_code_2 
1 A DG 2  1_555 B DC 14 1_555 A DT 3  1_555 B DA 13 1_555 -0.456 0.034  2.966 -5.057 4.929  26.107 -1.082 -0.209 2.957 10.666 
10.942 27.029 1  AA_DG3DT4:DA28DC29_BB   A 3  ? B 29 ? A 4  ? B 28 ? 
1 A DT 3  1_555 B DA 13 1_555 A DT 4  1_555 B DA 12 1_555 0.139  -0.670 3.140 2.506  4.216  27.706 -2.314 0.271  3.008 8.718  
-5.181 28.128 2  AA_DT4DT5:DA27DA28_BB   A 4  ? B 28 ? A 5  ? B 27 ? 
1 A DT 4  1_555 B DA 12 1_555 A DT 5  1_555 B DA 11 1_555 -0.007 0.527  3.289 3.944  3.300  45.848 0.387  0.350  3.306 4.221  
-5.044 46.120 3  AA_DT5DT6:DA26DA27_BB   A 5  ? B 27 ? A 6  ? B 26 ? 
1 A DT 5  1_555 B DA 11 1_555 A DT 6  1_555 B DA 10 1_555 0.648  -0.087 3.199 3.804  -1.141 27.073 0.096  -0.433 3.259 -2.420 
-8.071 27.358 4  AA_DT6DT7:DA25DA26_BB   A 6  ? B 26 ? A 7  ? B 25 ? 
1 A DT 6  1_555 B DA 10 1_555 A DT 7  1_555 B DA 9  1_555 0.111  -0.469 3.450 0.081  0.604  35.159 -0.871 -0.171 3.442 1.000  
-0.134 35.164 5  AA_DT7DT8:DA24DA25_BB   A 7  ? B 25 ? A 8  ? B 24 ? 
1 A DT 7  1_555 B DA 9  1_555 A DT 8  1_555 B DA 8  1_555 0.498  0.355  3.191 1.202  3.632  36.958 0.081  -0.624 3.224 5.711  
-1.890 37.149 6  AA_DT8DT9:DA23DA24_BB   A 8  ? B 24 ? A 9  ? B 23 ? 
1 A DT 8  1_555 B DA 8  1_555 A DA 9  1_555 B DT 7  1_555 -0.253 1.226  3.177 -2.862 1.454  37.036 1.733  0.022  3.231 2.284  
4.495  37.170 7  AA_DT9DA10:DT22DA23_BB  A 9  ? B 23 ? A 10 ? B 22 ? 
1 A DA 9  1_555 B DT 7  1_555 A DT 10 1_555 B DA 6  1_555 -0.185 -0.484 3.340 -0.895 0.636  32.439 -0.980 0.171  3.334 1.137  
1.601  32.458 8  AA_DA10DT11:DA21DT22_BB A 10 ? B 22 ? A 11 ? B 21 ? 
1 A DT 10 1_555 B DA 6  1_555 A DA 11 1_555 B DT 5  1_555 0.409  0.963  3.630 -1.040 3.452  44.399 0.915  -0.646 3.681 4.559  
1.373  44.537 9  AA_DT11DA12:DT20DA21_BB A 11 ? B 21 ? A 12 ? B 20 ? 
1 A DA 11 1_555 B DT 5  1_555 A DA 12 1_555 B DT 4  1_555 0.156  -0.187 2.771 -3.833 -1.182 31.139 -0.157 -0.896 2.738 -2.191 
7.103  31.390 10 AA_DA12DA13:DT19DT20_BB A 12 ? B 20 ? A 13 ? B 19 ? 
1 A DA 12 1_555 B DT 4  1_555 A DG 13 1_555 B DC 3  1_555 -0.251 -0.716 3.432 -0.399 2.886  37.070 -1.523 0.338  3.371 4.530  
0.627  37.180 11 AA_DA13DG14:DC18DT19_BB A 13 ? B 19 ? A 14 ? B 18 ? 
# 
_pdbx_initial_refinement_model.id               1 
_pdbx_initial_refinement_model.entity_id_list   ? 
_pdbx_initial_refinement_model.type             'experimental model' 
_pdbx_initial_refinement_model.source_name      PDB 
_pdbx_initial_refinement_model.accession_code   1IJW 
_pdbx_initial_refinement_model.details          ? 
# 
